data_6FBK
# 
_entry.id   6FBK 
# 
_audit_conform.dict_name       mmcif_pdbx.dic 
_audit_conform.dict_version    5.383 
_audit_conform.dict_location   http://mmcif.pdb.org/dictionaries/ascii/mmcif_pdbx.dic 
# 
loop_
_database_2.database_id 
_database_2.database_code 
_database_2.pdbx_database_accession 
_database_2.pdbx_DOI 
PDB   6FBK         pdb_00006fbk 10.2210/pdb6fbk/pdb 
WWPDB D_1200008045 ?            ?                   
# 
loop_
_pdbx_audit_revision_history.ordinal 
_pdbx_audit_revision_history.data_content_type 
_pdbx_audit_revision_history.major_revision 
_pdbx_audit_revision_history.minor_revision 
_pdbx_audit_revision_history.revision_date 
1 'Structure model' 1 0 2018-01-24 
2 'Structure model' 1 1 2024-01-17 
# 
_pdbx_audit_revision_details.ordinal             1 
_pdbx_audit_revision_details.revision_ordinal    1 
_pdbx_audit_revision_details.data_content_type   'Structure model' 
_pdbx_audit_revision_details.provider            repository 
_pdbx_audit_revision_details.type                'Initial release' 
_pdbx_audit_revision_details.description         ? 
_pdbx_audit_revision_details.details             ? 
# 
loop_
_pdbx_audit_revision_group.ordinal 
_pdbx_audit_revision_group.revision_ordinal 
_pdbx_audit_revision_group.data_content_type 
_pdbx_audit_revision_group.group 
1 2 'Structure model' 'Data collection'        
2 2 'Structure model' 'Database references'    
3 2 'Structure model' 'Refinement description' 
# 
loop_
_pdbx_audit_revision_category.ordinal 
_pdbx_audit_revision_category.revision_ordinal 
_pdbx_audit_revision_category.data_content_type 
_pdbx_audit_revision_category.category 
1 2 'Structure model' chem_comp_atom                
2 2 'Structure model' chem_comp_bond                
3 2 'Structure model' database_2                    
4 2 'Structure model' pdbx_initial_refinement_model 
# 
loop_
_pdbx_audit_revision_item.ordinal 
_pdbx_audit_revision_item.revision_ordinal 
_pdbx_audit_revision_item.data_content_type 
_pdbx_audit_revision_item.item 
1 2 'Structure model' '_database_2.pdbx_DOI'                
2 2 'Structure model' '_database_2.pdbx_database_accession' 
# 
_pdbx_database_status.status_code                     REL 
_pdbx_database_status.status_code_sf                  REL 
_pdbx_database_status.status_code_mr                  ? 
_pdbx_database_status.entry_id                        6FBK 
_pdbx_database_status.recvd_initial_deposition_date   2017-12-19 
_pdbx_database_status.SG_entry                        N 
_pdbx_database_status.deposit_site                    PDBE 
_pdbx_database_status.process_site                    PDBE 
_pdbx_database_status.status_code_cs                  ? 
_pdbx_database_status.methods_development_category    ? 
_pdbx_database_status.pdb_format_compatible           Y 
_pdbx_database_status.status_code_nmr_data            ? 
# 
loop_
_audit_author.name 
_audit_author.pdbx_ordinal 
_audit_author.identifier_ORCID 
'Pinkas, D.M.'        1 ? 
'Bufton, J.C.'        2 ? 
'Burgess-Brown, N.A.' 3 ? 
'Arrowsmith, C.H.'    4 ? 
'Edwards, A.M.'       5 ? 
'Bountra, C.'         6 ? 
'Bullock, A.N.'       7 ? 
# 
_citation.abstract                  ? 
_citation.abstract_id_CAS           ? 
_citation.book_id_ISBN              ? 
_citation.book_publisher            ? 
_citation.book_publisher_city       ? 
_citation.book_title                ? 
_citation.coordinate_linkage        ? 
_citation.country                   ? 
_citation.database_id_Medline       ? 
_citation.details                   ? 
_citation.id                        primary 
_citation.journal_abbrev            'To Be Published' 
_citation.journal_id_ASTM           ? 
_citation.journal_id_CSD            0353 
_citation.journal_id_ISSN           ? 
_citation.journal_full              ? 
_citation.journal_issue             ? 
_citation.journal_volume            ? 
_citation.language                  ? 
_citation.page_first                ? 
_citation.page_last                 ? 
_citation.title                     'Crystal structure of the human WNK2 CCT-like 1 domain in complex with a WNK1 RFXV peptide' 
_citation.year                      ? 
_citation.database_id_CSD           ? 
_citation.pdbx_database_id_DOI      ? 
_citation.pdbx_database_id_PubMed   ? 
_citation.unpublished_flag          ? 
# 
loop_
_citation_author.citation_id 
_citation_author.name 
_citation_author.ordinal 
_citation_author.identifier_ORCID 
primary 'Pinkas, D.M.'        1 ? 
primary 'Bufton, J.C.'        2 ? 
primary 'Burgess-Brown, N.A.' 3 ? 
primary 'Arrowsmith, C.H.'    4 ? 
primary 'Edwards, A.M.'       5 ? 
primary 'Bountra, C.'         6 ? 
primary 'Bullock, A.'         7 ? 
# 
loop_
_entity.id 
_entity.type 
_entity.src_method 
_entity.pdbx_description 
_entity.formula_weight 
_entity.pdbx_number_of_molecules 
_entity.pdbx_ec 
_entity.pdbx_mutation 
_entity.pdbx_fragment 
_entity.details 
1 polymer man 'Serine/threonine-protein kinase WNK2' 11340.844 1  2.7.11.1 ? ? ? 
2 polymer syn 'Serine/threonine-protein kinase WNK1' 2610.046  1  2.7.11.1 ? ? ? 
3 water   nat water                                  18.015    14 ?        ? ? ? 
# 
loop_
_entity_name_com.entity_id 
_entity_name_com.name 
1 
'Antigen NY-CO-43,Protein kinase lysine-deficient 2,Protein kinase with no lysine 2,Serologically defined colon cancer antigen 43' 
2 
'Erythrocyte 65 kDa protein,p65,Kinase deficient protein,Protein kinase lysine-deficient 1,Protein kinase with no lysine 1,hWNK1'  
# 
loop_
_entity_poly.entity_id 
_entity_poly.type 
_entity_poly.nstd_linkage 
_entity_poly.nstd_monomer 
_entity_poly.pdbx_seq_one_letter_code 
_entity_poly.pdbx_seq_one_letter_code_can 
_entity_poly.pdbx_strand_id 
_entity_poly.pdbx_target_identifier 
1 'polypeptide(L)' no no 
;SMAEDTGVRVELAEEDHGRKSTIALRLWVEDPKKLKGKPKDNGAIEFTFDLEKETPDEVAQEMIESGFFHESDVKIVAKS
IRDRVALIQWRRERIWPA
;
;SMAEDTGVRVELAEEDHGRKSTIALRLWVEDPKKLKGKPKDNGAIEFTFDLEKETPDEVAQEMIESGFFHESDVKIVAKS
IRDRVALIQWRRERIWPA
;
A ? 
2 'polypeptide(L)' no no LTQVVHSAGRRFIVSPVPESRLR                                                                               
LTQVVHSAGRRFIVSPVPESRLR                                                                               P ? 
# 
_pdbx_entity_nonpoly.entity_id   3 
_pdbx_entity_nonpoly.name        water 
_pdbx_entity_nonpoly.comp_id     HOH 
# 
loop_
_entity_poly_seq.entity_id 
_entity_poly_seq.num 
_entity_poly_seq.mon_id 
_entity_poly_seq.hetero 
1 1  SER n 
1 2  MET n 
1 3  ALA n 
1 4  GLU n 
1 5  ASP n 
1 6  THR n 
1 7  GLY n 
1 8  VAL n 
1 9  ARG n 
1 10 VAL n 
1 11 GLU n 
1 12 LEU n 
1 13 ALA n 
1 14 GLU n 
1 15 GLU n 
1 16 ASP n 
1 17 HIS n 
1 18 GLY n 
1 19 ARG n 
1 20 LYS n 
1 21 SER n 
1 22 THR n 
1 23 ILE n 
1 24 ALA n 
1 25 LEU n 
1 26 ARG n 
1 27 LEU n 
1 28 TRP n 
1 29 VAL n 
1 30 GLU n 
1 31 ASP n 
1 32 PRO n 
1 33 LYS n 
1 34 LYS n 
1 35 LEU n 
1 36 LYS n 
1 37 GLY n 
1 38 LYS n 
1 39 PRO n 
1 40 LYS n 
1 41 ASP n 
1 42 ASN n 
1 43 GLY n 
1 44 ALA n 
1 45 ILE n 
1 46 GLU n 
1 47 PHE n 
1 48 THR n 
1 49 PHE n 
1 50 ASP n 
1 51 LEU n 
1 52 GLU n 
1 53 LYS n 
1 54 GLU n 
1 55 THR n 
1 56 PRO n 
1 57 ASP n 
1 58 GLU n 
1 59 VAL n 
1 60 ALA n 
1 61 GLN n 
1 62 GLU n 
1 63 MET n 
1 64 ILE n 
1 65 GLU n 
1 66 SER n 
1 67 GLY n 
1 68 PHE n 
1 69 PHE n 
1 70 HIS n 
1 71 GLU n 
1 72 SER n 
1 73 ASP n 
1 74 VAL n 
1 75 LYS n 
1 76 ILE n 
1 77 VAL n 
1 78 ALA n 
1 79 LYS n 
1 80 SER n 
1 81 ILE n 
1 82 ARG n 
1 83 ASP n 
1 84 ARG n 
1 85 VAL n 
1 86 ALA n 
1 87 LEU n 
1 88 ILE n 
1 89 GLN n 
1 90 TRP n 
1 91 ARG n 
1 92 ARG n 
1 93 GLU n 
1 94 ARG n 
1 95 ILE n 
1 96 TRP n 
1 97 PRO n 
1 98 ALA n 
2 1  LEU n 
2 2  THR n 
2 3  GLN n 
2 4  VAL n 
2 5  VAL n 
2 6  HIS n 
2 7  SER n 
2 8  ALA n 
2 9  GLY n 
2 10 ARG n 
2 11 ARG n 
2 12 PHE n 
2 13 ILE n 
2 14 VAL n 
2 15 SER n 
2 16 PRO n 
2 17 VAL n 
2 18 PRO n 
2 19 GLU n 
2 20 SER n 
2 21 ARG n 
2 22 LEU n 
2 23 ARG n 
# 
_entity_src_gen.entity_id                          1 
_entity_src_gen.pdbx_src_id                        1 
_entity_src_gen.pdbx_alt_source_flag               sample 
_entity_src_gen.pdbx_seq_type                      'Biological sequence' 
_entity_src_gen.pdbx_beg_seq_num                   1 
_entity_src_gen.pdbx_end_seq_num                   98 
_entity_src_gen.gene_src_common_name               Human 
_entity_src_gen.gene_src_genus                     ? 
_entity_src_gen.pdbx_gene_src_gene                 'WNK2, KIAA1760, PRKWNK2, SDCCAG43, P/OKcl.13' 
_entity_src_gen.gene_src_species                   ? 
_entity_src_gen.gene_src_strain                    ? 
_entity_src_gen.gene_src_tissue                    ? 
_entity_src_gen.gene_src_tissue_fraction           ? 
_entity_src_gen.gene_src_details                   ? 
_entity_src_gen.pdbx_gene_src_fragment             ? 
_entity_src_gen.pdbx_gene_src_scientific_name      'Homo sapiens' 
_entity_src_gen.pdbx_gene_src_ncbi_taxonomy_id     9606 
_entity_src_gen.pdbx_gene_src_variant              ? 
_entity_src_gen.pdbx_gene_src_cell_line            ? 
_entity_src_gen.pdbx_gene_src_atcc                 ? 
_entity_src_gen.pdbx_gene_src_organ                ? 
_entity_src_gen.pdbx_gene_src_organelle            ? 
_entity_src_gen.pdbx_gene_src_cell                 ? 
_entity_src_gen.pdbx_gene_src_cellular_location    ? 
_entity_src_gen.host_org_common_name               ? 
_entity_src_gen.pdbx_host_org_scientific_name      'Escherichia coli BL21(DE3)' 
_entity_src_gen.pdbx_host_org_ncbi_taxonomy_id     469008 
_entity_src_gen.host_org_genus                     ? 
_entity_src_gen.pdbx_host_org_gene                 ? 
_entity_src_gen.pdbx_host_org_organ                ? 
_entity_src_gen.host_org_species                   ? 
_entity_src_gen.pdbx_host_org_tissue               ? 
_entity_src_gen.pdbx_host_org_tissue_fraction      ? 
_entity_src_gen.pdbx_host_org_strain               ? 
_entity_src_gen.pdbx_host_org_variant              Rosetta 
_entity_src_gen.pdbx_host_org_cell_line            ? 
_entity_src_gen.pdbx_host_org_atcc                 ? 
_entity_src_gen.pdbx_host_org_culture_collection   ? 
_entity_src_gen.pdbx_host_org_cell                 ? 
_entity_src_gen.pdbx_host_org_organelle            ? 
_entity_src_gen.pdbx_host_org_cellular_location    ? 
_entity_src_gen.pdbx_host_org_vector_type          ? 
_entity_src_gen.pdbx_host_org_vector               ? 
_entity_src_gen.host_org_details                   ? 
_entity_src_gen.expression_system_id               ? 
_entity_src_gen.plasmid_name                       ? 
_entity_src_gen.plasmid_details                    ? 
_entity_src_gen.pdbx_description                   ? 
# 
_pdbx_entity_src_syn.entity_id              2 
_pdbx_entity_src_syn.pdbx_src_id            1 
_pdbx_entity_src_syn.pdbx_alt_source_flag   sample 
_pdbx_entity_src_syn.pdbx_beg_seq_num       1 
_pdbx_entity_src_syn.pdbx_end_seq_num       23 
_pdbx_entity_src_syn.organism_scientific    'Homo sapiens' 
_pdbx_entity_src_syn.organism_common_name   Human 
_pdbx_entity_src_syn.ncbi_taxonomy_id       9606 
_pdbx_entity_src_syn.details                ? 
# 
loop_
_chem_comp.id 
_chem_comp.type 
_chem_comp.mon_nstd_flag 
_chem_comp.name 
_chem_comp.pdbx_synonyms 
_chem_comp.formula 
_chem_comp.formula_weight 
ALA 'L-peptide linking' y ALANINE         ? 'C3 H7 N O2'     89.093  
ARG 'L-peptide linking' y ARGININE        ? 'C6 H15 N4 O2 1' 175.209 
ASN 'L-peptide linking' y ASPARAGINE      ? 'C4 H8 N2 O3'    132.118 
ASP 'L-peptide linking' y 'ASPARTIC ACID' ? 'C4 H7 N O4'     133.103 
GLN 'L-peptide linking' y GLUTAMINE       ? 'C5 H10 N2 O3'   146.144 
GLU 'L-peptide linking' y 'GLUTAMIC ACID' ? 'C5 H9 N O4'     147.129 
GLY 'peptide linking'   y GLYCINE         ? 'C2 H5 N O2'     75.067  
HIS 'L-peptide linking' y HISTIDINE       ? 'C6 H10 N3 O2 1' 156.162 
HOH non-polymer         . WATER           ? 'H2 O'           18.015  
ILE 'L-peptide linking' y ISOLEUCINE      ? 'C6 H13 N O2'    131.173 
LEU 'L-peptide linking' y LEUCINE         ? 'C6 H13 N O2'    131.173 
LYS 'L-peptide linking' y LYSINE          ? 'C6 H15 N2 O2 1' 147.195 
MET 'L-peptide linking' y METHIONINE      ? 'C5 H11 N O2 S'  149.211 
PHE 'L-peptide linking' y PHENYLALANINE   ? 'C9 H11 N O2'    165.189 
PRO 'L-peptide linking' y PROLINE         ? 'C5 H9 N O2'     115.130 
SER 'L-peptide linking' y SERINE          ? 'C3 H7 N O3'     105.093 
THR 'L-peptide linking' y THREONINE       ? 'C4 H9 N O3'     119.119 
TRP 'L-peptide linking' y TRYPTOPHAN      ? 'C11 H12 N2 O2'  204.225 
VAL 'L-peptide linking' y VALINE          ? 'C5 H11 N O2'    117.146 
# 
loop_
_pdbx_poly_seq_scheme.asym_id 
_pdbx_poly_seq_scheme.entity_id 
_pdbx_poly_seq_scheme.seq_id 
_pdbx_poly_seq_scheme.mon_id 
_pdbx_poly_seq_scheme.ndb_seq_num 
_pdbx_poly_seq_scheme.pdb_seq_num 
_pdbx_poly_seq_scheme.auth_seq_num 
_pdbx_poly_seq_scheme.pdb_mon_id 
_pdbx_poly_seq_scheme.auth_mon_id 
_pdbx_poly_seq_scheme.pdb_strand_id 
_pdbx_poly_seq_scheme.pdb_ins_code 
_pdbx_poly_seq_scheme.hetero 
A 1 1  SER 1  452  ?    ?   ?   A . n 
A 1 2  MET 2  453  ?    ?   ?   A . n 
A 1 3  ALA 3  454  ?    ?   ?   A . n 
A 1 4  GLU 4  455  455  GLU GLU A . n 
A 1 5  ASP 5  456  456  ASP ASP A . n 
A 1 6  THR 6  457  457  THR THR A . n 
A 1 7  GLY 7  458  458  GLY GLY A . n 
A 1 8  VAL 8  459  459  VAL VAL A . n 
A 1 9  ARG 9  460  460  ARG ARG A . n 
A 1 10 VAL 10 461  461  VAL VAL A . n 
A 1 11 GLU 11 462  462  GLU GLU A . n 
A 1 12 LEU 12 463  463  LEU LEU A . n 
A 1 13 ALA 13 464  464  ALA ALA A . n 
A 1 14 GLU 14 465  465  GLU GLU A . n 
A 1 15 GLU 15 466  466  GLU GLU A . n 
A 1 16 ASP 16 467  467  ASP ASP A . n 
A 1 17 HIS 17 468  468  HIS HIS A . n 
A 1 18 GLY 18 469  469  GLY GLY A . n 
A 1 19 ARG 19 470  470  ARG ARG A . n 
A 1 20 LYS 20 471  471  LYS LYS A . n 
A 1 21 SER 21 472  472  SER SER A . n 
A 1 22 THR 22 473  473  THR THR A . n 
A 1 23 ILE 23 474  474  ILE ILE A . n 
A 1 24 ALA 24 475  475  ALA ALA A . n 
A 1 25 LEU 25 476  476  LEU LEU A . n 
A 1 26 ARG 26 477  477  ARG ARG A . n 
A 1 27 LEU 27 478  478  LEU LEU A . n 
A 1 28 TRP 28 479  479  TRP TRP A . n 
A 1 29 VAL 29 480  480  VAL VAL A . n 
A 1 30 GLU 30 481  481  GLU GLU A . n 
A 1 31 ASP 31 482  482  ASP ASP A . n 
A 1 32 PRO 32 483  483  PRO PRO A . n 
A 1 33 LYS 33 484  484  LYS LYS A . n 
A 1 34 LYS 34 485  ?    ?   ?   A . n 
A 1 35 LEU 35 486  ?    ?   ?   A . n 
A 1 36 LYS 36 487  ?    ?   ?   A . n 
A 1 37 GLY 37 488  ?    ?   ?   A . n 
A 1 38 LYS 38 489  ?    ?   ?   A . n 
A 1 39 PRO 39 490  ?    ?   ?   A . n 
A 1 40 LYS 40 491  ?    ?   ?   A . n 
A 1 41 ASP 41 492  492  ASP ASP A . n 
A 1 42 ASN 42 493  493  ASN ASN A . n 
A 1 43 GLY 43 494  494  GLY GLY A . n 
A 1 44 ALA 44 495  495  ALA ALA A . n 
A 1 45 ILE 45 496  496  ILE ILE A . n 
A 1 46 GLU 46 497  497  GLU GLU A . n 
A 1 47 PHE 47 498  498  PHE PHE A . n 
A 1 48 THR 48 499  499  THR THR A . n 
A 1 49 PHE 49 500  500  PHE PHE A . n 
A 1 50 ASP 50 501  501  ASP ASP A . n 
A 1 51 LEU 51 502  502  LEU LEU A . n 
A 1 52 GLU 52 503  503  GLU GLU A . n 
A 1 53 LYS 53 504  504  LYS LYS A . n 
A 1 54 GLU 54 505  505  GLU GLU A . n 
A 1 55 THR 55 506  506  THR THR A . n 
A 1 56 PRO 56 507  507  PRO PRO A . n 
A 1 57 ASP 57 508  508  ASP ASP A . n 
A 1 58 GLU 58 509  509  GLU GLU A . n 
A 1 59 VAL 59 510  510  VAL VAL A . n 
A 1 60 ALA 60 511  511  ALA ALA A . n 
A 1 61 GLN 61 512  512  GLN GLN A . n 
A 1 62 GLU 62 513  513  GLU GLU A . n 
A 1 63 MET 63 514  514  MET MET A . n 
A 1 64 ILE 64 515  515  ILE ILE A . n 
A 1 65 GLU 65 516  516  GLU GLU A . n 
A 1 66 SER 66 517  517  SER SER A . n 
A 1 67 GLY 67 518  518  GLY GLY A . n 
A 1 68 PHE 68 519  519  PHE PHE A . n 
A 1 69 PHE 69 520  520  PHE PHE A . n 
A 1 70 HIS 70 521  521  HIS HIS A . n 
A 1 71 GLU 71 522  522  GLU GLU A . n 
A 1 72 SER 72 523  523  SER SER A . n 
A 1 73 ASP 73 524  524  ASP ASP A . n 
A 1 74 VAL 74 525  525  VAL VAL A . n 
A 1 75 LYS 75 526  526  LYS LYS A . n 
A 1 76 ILE 76 527  527  ILE ILE A . n 
A 1 77 VAL 77 528  528  VAL VAL A . n 
A 1 78 ALA 78 529  529  ALA ALA A . n 
A 1 79 LYS 79 530  530  LYS LYS A . n 
A 1 80 SER 80 531  531  SER SER A . n 
A 1 81 ILE 81 532  532  ILE ILE A . n 
A 1 82 ARG 82 533  533  ARG ARG A . n 
A 1 83 ASP 83 534  534  ASP ASP A . n 
A 1 84 ARG 84 535  535  ARG ARG A . n 
A 1 85 VAL 85 536  536  VAL VAL A . n 
A 1 86 ALA 86 537  537  ALA ALA A . n 
A 1 87 LEU 87 538  538  LEU LEU A . n 
A 1 88 ILE 88 539  539  ILE ILE A . n 
A 1 89 GLN 89 540  540  GLN GLN A . n 
A 1 90 TRP 90 541  541  TRP TRP A . n 
A 1 91 ARG 91 542  542  ARG ARG A . n 
A 1 92 ARG 92 543  543  ARG ARG A . n 
A 1 93 GLU 93 544  544  GLU GLU A . n 
A 1 94 ARG 94 545  ?    ?   ?   A . n 
A 1 95 ILE 95 546  ?    ?   ?   A . n 
A 1 96 TRP 96 547  ?    ?   ?   A . n 
A 1 97 PRO 97 548  ?    ?   ?   A . n 
A 1 98 ALA 98 549  ?    ?   ?   A . n 
B 2 1  LEU 1  1247 1247 LEU LEU P . n 
B 2 2  THR 2  1248 1248 THR THR P . n 
B 2 3  GLN 3  1249 1249 GLN GLN P . n 
B 2 4  VAL 4  1250 1250 VAL VAL P . n 
B 2 5  VAL 5  1251 1251 VAL VAL P . n 
B 2 6  HIS 6  1252 1252 HIS HIS P . n 
B 2 7  SER 7  1253 1253 SER SER P . n 
B 2 8  ALA 8  1254 1254 ALA ALA P . n 
B 2 9  GLY 9  1255 1255 GLY GLY P . n 
B 2 10 ARG 10 1256 1256 ARG ARG P . n 
B 2 11 ARG 11 1257 1257 ARG ARG P . n 
B 2 12 PHE 12 1258 1258 PHE PHE P . n 
B 2 13 ILE 13 1259 1259 ILE ILE P . n 
B 2 14 VAL 14 1260 1260 VAL VAL P . n 
B 2 15 SER 15 1261 1261 SER SER P . n 
B 2 16 PRO 16 1262 1262 PRO PRO P . n 
B 2 17 VAL 17 1263 1263 VAL VAL P . n 
B 2 18 PRO 18 1264 ?    ?   ?   P . n 
B 2 19 GLU 19 1265 ?    ?   ?   P . n 
B 2 20 SER 20 1266 ?    ?   ?   P . n 
B 2 21 ARG 21 1267 ?    ?   ?   P . n 
B 2 22 LEU 22 1268 ?    ?   ?   P . n 
B 2 23 ARG 23 1269 ?    ?   ?   P . n 
# 
loop_
_pdbx_nonpoly_scheme.asym_id 
_pdbx_nonpoly_scheme.entity_id 
_pdbx_nonpoly_scheme.mon_id 
_pdbx_nonpoly_scheme.ndb_seq_num 
_pdbx_nonpoly_scheme.pdb_seq_num 
_pdbx_nonpoly_scheme.auth_seq_num 
_pdbx_nonpoly_scheme.pdb_mon_id 
_pdbx_nonpoly_scheme.auth_mon_id 
_pdbx_nonpoly_scheme.pdb_strand_id 
_pdbx_nonpoly_scheme.pdb_ins_code 
C 3 HOH 1  601  6  HOH HOH A . 
C 3 HOH 2  602  5  HOH HOH A . 
C 3 HOH 3  603  12 HOH HOH A . 
C 3 HOH 4  604  1  HOH HOH A . 
C 3 HOH 5  605  7  HOH HOH A . 
C 3 HOH 6  606  14 HOH HOH A . 
C 3 HOH 7  607  8  HOH HOH A . 
C 3 HOH 8  608  13 HOH HOH A . 
C 3 HOH 9  609  4  HOH HOH A . 
C 3 HOH 10 610  9  HOH HOH A . 
D 3 HOH 1  1301 11 HOH HOH P . 
D 3 HOH 2  1302 2  HOH HOH P . 
D 3 HOH 3  1303 3  HOH HOH P . 
D 3 HOH 4  1304 10 HOH HOH P . 
# 
loop_
_pdbx_unobs_or_zero_occ_atoms.id 
_pdbx_unobs_or_zero_occ_atoms.PDB_model_num 
_pdbx_unobs_or_zero_occ_atoms.polymer_flag 
_pdbx_unobs_or_zero_occ_atoms.occupancy_flag 
_pdbx_unobs_or_zero_occ_atoms.auth_asym_id 
_pdbx_unobs_or_zero_occ_atoms.auth_comp_id 
_pdbx_unobs_or_zero_occ_atoms.auth_seq_id 
_pdbx_unobs_or_zero_occ_atoms.PDB_ins_code 
_pdbx_unobs_or_zero_occ_atoms.auth_atom_id 
_pdbx_unobs_or_zero_occ_atoms.label_alt_id 
_pdbx_unobs_or_zero_occ_atoms.label_asym_id 
_pdbx_unobs_or_zero_occ_atoms.label_comp_id 
_pdbx_unobs_or_zero_occ_atoms.label_seq_id 
_pdbx_unobs_or_zero_occ_atoms.label_atom_id 
1  1 Y 1 A GLU 455 ? CG  ? A GLU 4  CG  
2  1 Y 1 A GLU 455 ? CD  ? A GLU 4  CD  
3  1 Y 1 A GLU 455 ? OE1 ? A GLU 4  OE1 
4  1 Y 1 A GLU 455 ? OE2 ? A GLU 4  OE2 
5  1 Y 1 A GLU 466 ? CG  ? A GLU 15 CG  
6  1 Y 1 A GLU 466 ? CD  ? A GLU 15 CD  
7  1 Y 1 A GLU 466 ? OE1 ? A GLU 15 OE1 
8  1 Y 1 A GLU 466 ? OE2 ? A GLU 15 OE2 
9  1 Y 1 A ASP 467 ? CG  ? A ASP 16 CG  
10 1 Y 1 A ASP 467 ? OD1 ? A ASP 16 OD1 
11 1 Y 1 A ASP 467 ? OD2 ? A ASP 16 OD2 
12 1 Y 1 A HIS 468 ? CG  ? A HIS 17 CG  
13 1 Y 1 A HIS 468 ? ND1 ? A HIS 17 ND1 
14 1 Y 1 A HIS 468 ? CD2 ? A HIS 17 CD2 
15 1 Y 1 A HIS 468 ? CE1 ? A HIS 17 CE1 
16 1 Y 1 A HIS 468 ? NE2 ? A HIS 17 NE2 
17 1 Y 1 A ARG 470 ? CG  ? A ARG 19 CG  
18 1 Y 1 A ARG 470 ? CD  ? A ARG 19 CD  
19 1 Y 1 A ARG 470 ? NE  ? A ARG 19 NE  
20 1 Y 1 A ARG 470 ? CZ  ? A ARG 19 CZ  
21 1 Y 1 A ARG 470 ? NH1 ? A ARG 19 NH1 
22 1 Y 1 A ARG 470 ? NH2 ? A ARG 19 NH2 
23 1 Y 1 A LYS 471 ? CG  ? A LYS 20 CG  
24 1 Y 1 A LYS 471 ? CD  ? A LYS 20 CD  
25 1 Y 1 A LYS 471 ? CE  ? A LYS 20 CE  
26 1 Y 1 A LYS 471 ? NZ  ? A LYS 20 NZ  
27 1 Y 1 A ASP 482 ? CG  ? A ASP 31 CG  
28 1 Y 1 A ASP 482 ? OD1 ? A ASP 31 OD1 
29 1 Y 1 A ASP 482 ? OD2 ? A ASP 31 OD2 
30 1 Y 1 A LYS 484 ? CG  ? A LYS 33 CG  
31 1 Y 1 A LYS 484 ? CD  ? A LYS 33 CD  
32 1 Y 1 A LYS 484 ? CE  ? A LYS 33 CE  
33 1 Y 1 A LYS 484 ? NZ  ? A LYS 33 NZ  
34 1 Y 1 A ASP 492 ? CG  ? A ASP 41 CG  
35 1 Y 1 A ASP 492 ? OD1 ? A ASP 41 OD1 
36 1 Y 1 A ASP 492 ? OD2 ? A ASP 41 OD2 
37 1 Y 1 A ASN 493 ? CG  ? A ASN 42 CG  
38 1 Y 1 A ASN 493 ? OD1 ? A ASN 42 OD1 
39 1 Y 1 A ASN 493 ? ND2 ? A ASN 42 ND2 
40 1 Y 1 A LYS 530 ? CG  ? A LYS 79 CG  
41 1 Y 1 A LYS 530 ? CD  ? A LYS 79 CD  
42 1 Y 1 A LYS 530 ? CE  ? A LYS 79 CE  
43 1 Y 1 A LYS 530 ? NZ  ? A LYS 79 NZ  
44 1 Y 1 A ARG 533 ? CG  ? A ARG 82 CG  
45 1 Y 1 A ARG 533 ? CD  ? A ARG 82 CD  
46 1 Y 1 A ARG 533 ? NE  ? A ARG 82 NE  
47 1 Y 1 A ARG 533 ? CZ  ? A ARG 82 CZ  
48 1 Y 1 A ARG 533 ? NH1 ? A ARG 82 NH1 
49 1 Y 1 A ARG 533 ? NH2 ? A ARG 82 NH2 
# 
loop_
_software.citation_id 
_software.classification 
_software.compiler_name 
_software.compiler_version 
_software.contact_author 
_software.contact_author_email 
_software.date 
_software.description 
_software.dependencies 
_software.hardware 
_software.language 
_software.location 
_software.mods 
_software.name 
_software.os 
_software.os_version 
_software.type 
_software.version 
_software.pdbx_ordinal 
? refinement       ? ? ? ? ? ? ? ? ? ? ? PHENIX ? ? ? '(1.12_2829: ???)' 1 
? 'data reduction' ? ? ? ? ? ? ? ? ? ? ? XDS    ? ? ? .                  2 
? 'data scaling'   ? ? ? ? ? ? ? ? ? ? ? XSCALE ? ? ? .                  3 
? phasing          ? ? ? ? ? ? ? ? ? ? ? PHASER ? ? ? .                  4 
# 
_cell.angle_alpha                  90.00 
_cell.angle_alpha_esd              ? 
_cell.angle_beta                   90.00 
_cell.angle_beta_esd               ? 
_cell.angle_gamma                  90.00 
_cell.angle_gamma_esd              ? 
_cell.entry_id                     6FBK 
_cell.details                      ? 
_cell.formula_units_Z              ? 
_cell.length_a                     78.047 
_cell.length_a_esd                 ? 
_cell.length_b                     78.047 
_cell.length_b_esd                 ? 
_cell.length_c                     37.736 
_cell.length_c_esd                 ? 
_cell.volume                       ? 
_cell.volume_esd                   ? 
_cell.Z_PDB                        8 
_cell.reciprocal_angle_alpha       ? 
_cell.reciprocal_angle_beta        ? 
_cell.reciprocal_angle_gamma       ? 
_cell.reciprocal_angle_alpha_esd   ? 
_cell.reciprocal_angle_beta_esd    ? 
_cell.reciprocal_angle_gamma_esd   ? 
_cell.reciprocal_length_a          ? 
_cell.reciprocal_length_b          ? 
_cell.reciprocal_length_c          ? 
_cell.reciprocal_length_a_esd      ? 
_cell.reciprocal_length_b_esd      ? 
_cell.reciprocal_length_c_esd      ? 
_cell.pdbx_unique_axis             ? 
# 
_symmetry.entry_id                         6FBK 
_symmetry.cell_setting                     ? 
_symmetry.Int_Tables_number                80 
_symmetry.space_group_name_Hall            ? 
_symmetry.space_group_name_H-M             'I 41' 
_symmetry.pdbx_full_space_group_name_H-M   ? 
# 
_exptl.absorpt_coefficient_mu     ? 
_exptl.absorpt_correction_T_max   ? 
_exptl.absorpt_correction_T_min   ? 
_exptl.absorpt_correction_type    ? 
_exptl.absorpt_process_details    ? 
_exptl.entry_id                   6FBK 
_exptl.crystals_number            1 
_exptl.details                    ? 
_exptl.method                     'X-RAY DIFFRACTION' 
_exptl.method_details             ? 
# 
_exptl_crystal.colour                      ? 
_exptl_crystal.density_diffrn              ? 
_exptl_crystal.density_Matthews            2.18 
_exptl_crystal.density_method              ? 
_exptl_crystal.density_percent_sol         43.45 
_exptl_crystal.description                 ? 
_exptl_crystal.F_000                       ? 
_exptl_crystal.id                          1 
_exptl_crystal.preparation                 ? 
_exptl_crystal.size_max                    ? 
_exptl_crystal.size_mid                    ? 
_exptl_crystal.size_min                    ? 
_exptl_crystal.size_rad                    ? 
_exptl_crystal.colour_lustre               ? 
_exptl_crystal.colour_modifier             ? 
_exptl_crystal.colour_primary              ? 
_exptl_crystal.density_meas                ? 
_exptl_crystal.density_meas_esd            ? 
_exptl_crystal.density_meas_gt             ? 
_exptl_crystal.density_meas_lt             ? 
_exptl_crystal.density_meas_temp           ? 
_exptl_crystal.density_meas_temp_esd       ? 
_exptl_crystal.density_meas_temp_gt        ? 
_exptl_crystal.density_meas_temp_lt        ? 
_exptl_crystal.pdbx_crystal_image_url      ? 
_exptl_crystal.pdbx_crystal_image_format   ? 
_exptl_crystal.pdbx_mosaicity              ? 
_exptl_crystal.pdbx_mosaicity_esd          ? 
# 
_exptl_crystal_grow.apparatus       ? 
_exptl_crystal_grow.atmosphere      ? 
_exptl_crystal_grow.crystal_id      1 
_exptl_crystal_grow.details         ? 
_exptl_crystal_grow.method          'VAPOR DIFFUSION' 
_exptl_crystal_grow.method_ref      ? 
_exptl_crystal_grow.pH              7.5 
_exptl_crystal_grow.pressure        ? 
_exptl_crystal_grow.pressure_esd    ? 
_exptl_crystal_grow.seeding         ? 
_exptl_crystal_grow.seeding_ref     ? 
_exptl_crystal_grow.temp            293 
_exptl_crystal_grow.temp_details    ? 
_exptl_crystal_grow.temp_esd        ? 
_exptl_crystal_grow.time            ? 
_exptl_crystal_grow.pdbx_details    '20% PEG3350 -- 10% ethylene glycol -- 0.2M sodium fluoride' 
_exptl_crystal_grow.pdbx_pH_range   ? 
# 
_diffrn.ambient_environment    ? 
_diffrn.ambient_temp           100 
_diffrn.ambient_temp_details   ? 
_diffrn.ambient_temp_esd       ? 
_diffrn.crystal_id             1 
_diffrn.crystal_support        ? 
_diffrn.crystal_treatment      ? 
_diffrn.details                ? 
_diffrn.id                     1 
_diffrn.ambient_pressure       ? 
_diffrn.ambient_pressure_esd   ? 
_diffrn.ambient_pressure_gt    ? 
_diffrn.ambient_pressure_lt    ? 
_diffrn.ambient_temp_gt        ? 
_diffrn.ambient_temp_lt        ? 
# 
_diffrn_detector.details                      ? 
_diffrn_detector.detector                     PIXEL 
_diffrn_detector.diffrn_id                    1 
_diffrn_detector.type                         'DECTRIS PILATUS 6M-F' 
_diffrn_detector.area_resol_mean              ? 
_diffrn_detector.dtime                        ? 
_diffrn_detector.pdbx_frames_total            ? 
_diffrn_detector.pdbx_collection_time_total   ? 
_diffrn_detector.pdbx_collection_date         2017-04-30 
# 
_diffrn_radiation.collimation                      ? 
_diffrn_radiation.diffrn_id                        1 
_diffrn_radiation.filter_edge                      ? 
_diffrn_radiation.inhomogeneity                    ? 
_diffrn_radiation.monochromator                    ? 
_diffrn_radiation.polarisn_norm                    ? 
_diffrn_radiation.polarisn_ratio                   ? 
_diffrn_radiation.probe                            ? 
_diffrn_radiation.type                             ? 
_diffrn_radiation.xray_symbol                      ? 
_diffrn_radiation.wavelength_id                    1 
_diffrn_radiation.pdbx_monochromatic_or_laue_m_l   M 
_diffrn_radiation.pdbx_wavelength_list             ? 
_diffrn_radiation.pdbx_wavelength                  ? 
_diffrn_radiation.pdbx_diffrn_protocol             'SINGLE WAVELENGTH' 
_diffrn_radiation.pdbx_analyzer                    ? 
_diffrn_radiation.pdbx_scattering_type             x-ray 
# 
_diffrn_radiation_wavelength.id           1 
_diffrn_radiation_wavelength.wavelength   0.9795 
_diffrn_radiation_wavelength.wt           1.0 
# 
_diffrn_source.current                     ? 
_diffrn_source.details                     ? 
_diffrn_source.diffrn_id                   1 
_diffrn_source.power                       ? 
_diffrn_source.size                        ? 
_diffrn_source.source                      SYNCHROTRON 
_diffrn_source.target                      ? 
_diffrn_source.type                        'DIAMOND BEAMLINE I04' 
_diffrn_source.voltage                     ? 
_diffrn_source.take-off_angle              ? 
_diffrn_source.pdbx_wavelength_list        0.9795 
_diffrn_source.pdbx_wavelength             ? 
_diffrn_source.pdbx_synchrotron_beamline   I04 
_diffrn_source.pdbx_synchrotron_site       Diamond 
# 
_reflns.B_iso_Wilson_estimate            ? 
_reflns.entry_id                         6FBK 
_reflns.data_reduction_details           ? 
_reflns.data_reduction_method            ? 
_reflns.d_resolution_high                1.74 
_reflns.d_resolution_low                 55.3 
_reflns.details                          ? 
_reflns.limit_h_max                      ? 
_reflns.limit_h_min                      ? 
_reflns.limit_k_max                      ? 
_reflns.limit_k_min                      ? 
_reflns.limit_l_max                      ? 
_reflns.limit_l_min                      ? 
_reflns.number_all                       ? 
_reflns.number_obs                       11689 
_reflns.observed_criterion               ? 
_reflns.observed_criterion_F_max         ? 
_reflns.observed_criterion_F_min         ? 
_reflns.observed_criterion_I_max         ? 
_reflns.observed_criterion_I_min         ? 
_reflns.observed_criterion_sigma_F       ? 
_reflns.observed_criterion_sigma_I       ? 
_reflns.percent_possible_obs             99.3 
_reflns.R_free_details                   ? 
_reflns.Rmerge_F_all                     ? 
_reflns.Rmerge_F_obs                     ? 
_reflns.Friedel_coverage                 ? 
_reflns.number_gt                        ? 
_reflns.threshold_expression             ? 
_reflns.pdbx_redundancy                  6.5 
_reflns.pdbx_Rmerge_I_obs                ? 
_reflns.pdbx_Rmerge_I_all                ? 
_reflns.pdbx_Rsym_value                  ? 
_reflns.pdbx_netI_over_av_sigmaI         ? 
_reflns.pdbx_netI_over_sigmaI            20.7 
_reflns.pdbx_res_netI_over_av_sigmaI_2   ? 
_reflns.pdbx_res_netI_over_sigmaI_2      ? 
_reflns.pdbx_chi_squared                 ? 
_reflns.pdbx_scaling_rejects             ? 
_reflns.pdbx_d_res_high_opt              ? 
_reflns.pdbx_d_res_low_opt               ? 
_reflns.pdbx_d_res_opt_method            ? 
_reflns.phase_calculation_details        ? 
_reflns.pdbx_Rrim_I_all                  ? 
_reflns.pdbx_Rpim_I_all                  ? 
_reflns.pdbx_d_opt                       ? 
_reflns.pdbx_number_measured_all         ? 
_reflns.pdbx_diffrn_id                   1 
_reflns.pdbx_ordinal                     1 
_reflns.pdbx_CC_half                     ? 
_reflns.pdbx_R_split                     ? 
# 
_reflns_shell.d_res_high                  1.743 
_reflns_shell.d_res_low                   1.773 
_reflns_shell.meanI_over_sigI_all         ? 
_reflns_shell.meanI_over_sigI_obs         ? 
_reflns_shell.number_measured_all         ? 
_reflns_shell.number_measured_obs         ? 
_reflns_shell.number_possible             ? 
_reflns_shell.number_unique_all           ? 
_reflns_shell.number_unique_obs           ? 
_reflns_shell.percent_possible_all        ? 
_reflns_shell.percent_possible_obs        ? 
_reflns_shell.Rmerge_F_all                ? 
_reflns_shell.Rmerge_F_obs                ? 
_reflns_shell.Rmerge_I_all                ? 
_reflns_shell.Rmerge_I_obs                ? 
_reflns_shell.meanI_over_sigI_gt          ? 
_reflns_shell.meanI_over_uI_all           ? 
_reflns_shell.meanI_over_uI_gt            ? 
_reflns_shell.number_measured_gt          ? 
_reflns_shell.number_unique_gt            ? 
_reflns_shell.percent_possible_gt         ? 
_reflns_shell.Rmerge_F_gt                 ? 
_reflns_shell.Rmerge_I_gt                 ? 
_reflns_shell.pdbx_redundancy             ? 
_reflns_shell.pdbx_Rsym_value             ? 
_reflns_shell.pdbx_chi_squared            ? 
_reflns_shell.pdbx_netI_over_sigmaI_all   ? 
_reflns_shell.pdbx_netI_over_sigmaI_obs   ? 
_reflns_shell.pdbx_Rrim_I_all             ? 
_reflns_shell.pdbx_Rpim_I_all             ? 
_reflns_shell.pdbx_rejects                ? 
_reflns_shell.pdbx_ordinal                1 
_reflns_shell.pdbx_diffrn_id              1 
_reflns_shell.pdbx_CC_half                ? 
_reflns_shell.pdbx_R_split                ? 
# 
_refine.aniso_B[1][1]                            ? 
_refine.aniso_B[1][2]                            ? 
_refine.aniso_B[1][3]                            ? 
_refine.aniso_B[2][2]                            ? 
_refine.aniso_B[2][3]                            ? 
_refine.aniso_B[3][3]                            ? 
_refine.B_iso_max                                ? 
_refine.B_iso_mean                               ? 
_refine.B_iso_min                                ? 
_refine.correlation_coeff_Fo_to_Fc               ? 
_refine.correlation_coeff_Fo_to_Fc_free          ? 
_refine.details                                  
;Refinement R factors are higher than expected for resolution and diffraction images show diffuse spots between the indexed spots that were not able to be integrated.  Nevertheless, the structure appears correct.
;
_refine.diff_density_max                         ? 
_refine.diff_density_max_esd                     ? 
_refine.diff_density_min                         ? 
_refine.diff_density_min_esd                     ? 
_refine.diff_density_rms                         ? 
_refine.diff_density_rms_esd                     ? 
_refine.entry_id                                 6FBK 
_refine.pdbx_refine_id                           'X-RAY DIFFRACTION' 
_refine.ls_abs_structure_details                 ? 
_refine.ls_abs_structure_Flack                   ? 
_refine.ls_abs_structure_Flack_esd               ? 
_refine.ls_abs_structure_Rogers                  ? 
_refine.ls_abs_structure_Rogers_esd              ? 
_refine.ls_d_res_high                            1.743 
_refine.ls_d_res_low                             33.973 
_refine.ls_extinction_coef                       ? 
_refine.ls_extinction_coef_esd                   ? 
_refine.ls_extinction_expression                 ? 
_refine.ls_extinction_method                     ? 
_refine.ls_goodness_of_fit_all                   ? 
_refine.ls_goodness_of_fit_all_esd               ? 
_refine.ls_goodness_of_fit_obs                   ? 
_refine.ls_goodness_of_fit_obs_esd               ? 
_refine.ls_hydrogen_treatment                    ? 
_refine.ls_matrix_type                           ? 
_refine.ls_number_constraints                    ? 
_refine.ls_number_parameters                     ? 
_refine.ls_number_reflns_all                     ? 
_refine.ls_number_reflns_obs                     11674 
_refine.ls_number_reflns_R_free                  551 
_refine.ls_number_reflns_R_work                  ? 
_refine.ls_number_restraints                     ? 
_refine.ls_percent_reflns_obs                    99.14 
_refine.ls_percent_reflns_R_free                 4.72 
_refine.ls_R_factor_all                          ? 
_refine.ls_R_factor_obs                          0.2869 
_refine.ls_R_factor_R_free                       0.3341 
_refine.ls_R_factor_R_free_error                 ? 
_refine.ls_R_factor_R_free_error_details         ? 
_refine.ls_R_factor_R_work                       0.2844 
_refine.ls_R_Fsqd_factor_obs                     ? 
_refine.ls_R_I_factor_obs                        ? 
_refine.ls_redundancy_reflns_all                 ? 
_refine.ls_redundancy_reflns_obs                 ? 
_refine.ls_restrained_S_all                      ? 
_refine.ls_restrained_S_obs                      ? 
_refine.ls_shift_over_esd_max                    ? 
_refine.ls_shift_over_esd_mean                   ? 
_refine.ls_structure_factor_coef                 ? 
_refine.ls_weighting_details                     ? 
_refine.ls_weighting_scheme                      ? 
_refine.ls_wR_factor_all                         ? 
_refine.ls_wR_factor_obs                         ? 
_refine.ls_wR_factor_R_free                      ? 
_refine.ls_wR_factor_R_work                      ? 
_refine.occupancy_max                            ? 
_refine.occupancy_min                            ? 
_refine.solvent_model_details                    ? 
_refine.solvent_model_param_bsol                 ? 
_refine.solvent_model_param_ksol                 ? 
_refine.ls_R_factor_gt                           ? 
_refine.ls_goodness_of_fit_gt                    ? 
_refine.ls_goodness_of_fit_ref                   ? 
_refine.ls_shift_over_su_max                     ? 
_refine.ls_shift_over_su_max_lt                  ? 
_refine.ls_shift_over_su_mean                    ? 
_refine.ls_shift_over_su_mean_lt                 ? 
_refine.pdbx_ls_sigma_I                          ? 
_refine.pdbx_ls_sigma_F                          1.35 
_refine.pdbx_ls_sigma_Fsqd                       ? 
_refine.pdbx_data_cutoff_high_absF               ? 
_refine.pdbx_data_cutoff_high_rms_absF           ? 
_refine.pdbx_data_cutoff_low_absF                ? 
_refine.pdbx_isotropic_thermal_model             ? 
_refine.pdbx_ls_cross_valid_method               'FREE R-VALUE' 
_refine.pdbx_method_to_determine_struct          'MOLECULAR REPLACEMENT' 
_refine.pdbx_starting_model                      6ELM 
_refine.pdbx_stereochemistry_target_values       ? 
_refine.pdbx_R_Free_selection_details            ? 
_refine.pdbx_stereochem_target_val_spec_case     ? 
_refine.pdbx_overall_ESU_R                       ? 
_refine.pdbx_overall_ESU_R_Free                  ? 
_refine.pdbx_solvent_vdw_probe_radii             1.11 
_refine.pdbx_solvent_ion_probe_radii             ? 
_refine.pdbx_solvent_shrinkage_radii             0.90 
_refine.pdbx_real_space_R                        ? 
_refine.pdbx_density_correlation                 ? 
_refine.pdbx_pd_number_of_powder_patterns        ? 
_refine.pdbx_pd_number_of_points                 ? 
_refine.pdbx_pd_meas_number_of_points            ? 
_refine.pdbx_pd_proc_ls_prof_R_factor            ? 
_refine.pdbx_pd_proc_ls_prof_wR_factor           ? 
_refine.pdbx_pd_Marquardt_correlation_coeff      ? 
_refine.pdbx_pd_Fsqrd_R_factor                   ? 
_refine.pdbx_pd_ls_matrix_band_width             ? 
_refine.pdbx_overall_phase_error                 50.60 
_refine.pdbx_overall_SU_R_free_Cruickshank_DPI   ? 
_refine.pdbx_overall_SU_R_free_Blow_DPI          ? 
_refine.pdbx_overall_SU_R_Blow_DPI               ? 
_refine.pdbx_TLS_residual_ADP_flag               ? 
_refine.pdbx_diffrn_id                           1 
_refine.overall_SU_B                             ? 
_refine.overall_SU_ML                            0.31 
_refine.overall_SU_R_Cruickshank_DPI             ? 
_refine.overall_SU_R_free                        ? 
_refine.overall_FOM_free_R_set                   ? 
_refine.overall_FOM_work_R_set                   ? 
_refine.pdbx_average_fsc_overall                 ? 
_refine.pdbx_average_fsc_work                    ? 
_refine.pdbx_average_fsc_free                    ? 
# 
_refine_hist.pdbx_refine_id                   'X-RAY DIFFRACTION' 
_refine_hist.cycle_id                         LAST 
_refine_hist.pdbx_number_atoms_protein        760 
_refine_hist.pdbx_number_atoms_nucleic_acid   0 
_refine_hist.pdbx_number_atoms_ligand         0 
_refine_hist.number_atoms_solvent             14 
_refine_hist.number_atoms_total               774 
_refine_hist.d_res_high                       1.743 
_refine_hist.d_res_low                        33.973 
# 
loop_
_refine_ls_restr.pdbx_refine_id 
_refine_ls_restr.criterion 
_refine_ls_restr.dev_ideal 
_refine_ls_restr.dev_ideal_target 
_refine_ls_restr.number 
_refine_ls_restr.rejects 
_refine_ls_restr.type 
_refine_ls_restr.weight 
_refine_ls_restr.pdbx_restraint_function 
'X-RAY DIFFRACTION' ? 0.008  ? 771  ? f_bond_d           ? ? 
'X-RAY DIFFRACTION' ? 0.874  ? 1045 ? f_angle_d          ? ? 
'X-RAY DIFFRACTION' ? 23.092 ? 460  ? f_dihedral_angle_d ? ? 
'X-RAY DIFFRACTION' ? 0.054  ? 124  ? f_chiral_restr     ? ? 
'X-RAY DIFFRACTION' ? 0.006  ? 135  ? f_plane_restr      ? ? 
# 
loop_
_refine_ls_shell.pdbx_refine_id 
_refine_ls_shell.d_res_high 
_refine_ls_shell.d_res_low 
_refine_ls_shell.number_reflns_all 
_refine_ls_shell.number_reflns_obs 
_refine_ls_shell.number_reflns_R_free 
_refine_ls_shell.number_reflns_R_work 
_refine_ls_shell.percent_reflns_obs 
_refine_ls_shell.percent_reflns_R_free 
_refine_ls_shell.R_factor_all 
_refine_ls_shell.R_factor_obs 
_refine_ls_shell.R_factor_R_free 
_refine_ls_shell.R_factor_R_free_error 
_refine_ls_shell.R_factor_R_work 
_refine_ls_shell.redundancy_reflns_all 
_refine_ls_shell.redundancy_reflns_obs 
_refine_ls_shell.wR_factor_all 
_refine_ls_shell.wR_factor_obs 
_refine_ls_shell.wR_factor_R_free 
_refine_ls_shell.wR_factor_R_work 
_refine_ls_shell.pdbx_total_number_of_bins_used 
_refine_ls_shell.pdbx_phase_error 
_refine_ls_shell.pdbx_fsc_work 
_refine_ls_shell.pdbx_fsc_free 
'X-RAY DIFFRACTION' 1.7429 1.9183  . . 145 2778 100.00 . . . 0.4466 . 0.4619 . . . . . . . . . . 
'X-RAY DIFFRACTION' 1.9183 2.1958  . . 122 2706 97.00  . . . 0.4551 . 0.3910 . . . . . . . . . . 
'X-RAY DIFFRACTION' 2.1958 2.7663  . . 147 2772 100.00 . . . 0.4441 . 0.3765 . . . . . . . . . . 
'X-RAY DIFFRACTION' 2.7663 33.9797 . . 137 2867 100.00 . . . 0.2901 . 0.2390 . . . . . . . . . . 
# 
_struct.entry_id                     6FBK 
_struct.title                        'Crystal structure of the human WNK2 CCT-like 1 domain in complex with a WNK1 RFXV peptide' 
_struct.pdbx_model_details           ? 
_struct.pdbx_formula_weight          ? 
_struct.pdbx_formula_weight_method   ? 
_struct.pdbx_model_type_details      ? 
_struct.pdbx_CASP_flag               N 
# 
_struct_keywords.entry_id        6FBK 
_struct_keywords.text            'WNK2, CCT Domain, AI domain, RFXV motif binding, PEPTIDE BINDING PROTEIN' 
_struct_keywords.pdbx_keywords   'PEPTIDE BINDING PROTEIN' 
# 
loop_
_struct_asym.id 
_struct_asym.pdbx_blank_PDB_chainid_flag 
_struct_asym.pdbx_modified 
_struct_asym.entity_id 
_struct_asym.details 
A N N 1 ? 
B N N 2 ? 
C N N 3 ? 
D N N 3 ? 
# 
loop_
_struct_ref.id 
_struct_ref.db_name 
_struct_ref.db_code 
_struct_ref.pdbx_db_accession 
_struct_ref.pdbx_db_isoform 
_struct_ref.entity_id 
_struct_ref.pdbx_seq_one_letter_code 
_struct_ref.pdbx_align_begin 
1 UNP WNK2_HUMAN Q9Y3S1 ? 1 
;AEDTGVRVELAEEDHGRKSTIALRLWVEDPKKLKGKPKDNGAIEFTFDLEKETPDEVAQEMIESGFFHESDVKIVAKSIR
DRVALIQWRRERIWPA
;
454  
2 UNP WNK1_HUMAN Q9H4A3 ? 2 LTQVVHSAGRRFIVSPVPESRLR                                                                             
1247 
# 
loop_
_struct_ref_seq.align_id 
_struct_ref_seq.ref_id 
_struct_ref_seq.pdbx_PDB_id_code 
_struct_ref_seq.pdbx_strand_id 
_struct_ref_seq.seq_align_beg 
_struct_ref_seq.pdbx_seq_align_beg_ins_code 
_struct_ref_seq.seq_align_end 
_struct_ref_seq.pdbx_seq_align_end_ins_code 
_struct_ref_seq.pdbx_db_accession 
_struct_ref_seq.db_align_beg 
_struct_ref_seq.pdbx_db_align_beg_ins_code 
_struct_ref_seq.db_align_end 
_struct_ref_seq.pdbx_db_align_end_ins_code 
_struct_ref_seq.pdbx_auth_seq_align_beg 
_struct_ref_seq.pdbx_auth_seq_align_end 
1 1 6FBK A 3 ? 98 ? Q9Y3S1 454  ? 549  ? 454  549  
2 2 6FBK P 1 ? 23 ? Q9H4A3 1247 ? 1269 ? 1247 1269 
# 
loop_
_struct_ref_seq_dif.align_id 
_struct_ref_seq_dif.pdbx_pdb_id_code 
_struct_ref_seq_dif.mon_id 
_struct_ref_seq_dif.pdbx_pdb_strand_id 
_struct_ref_seq_dif.seq_num 
_struct_ref_seq_dif.pdbx_pdb_ins_code 
_struct_ref_seq_dif.pdbx_seq_db_name 
_struct_ref_seq_dif.pdbx_seq_db_accession_code 
_struct_ref_seq_dif.db_mon_id 
_struct_ref_seq_dif.pdbx_seq_db_seq_num 
_struct_ref_seq_dif.details 
_struct_ref_seq_dif.pdbx_auth_seq_num 
_struct_ref_seq_dif.pdbx_ordinal 
1 6FBK SER A 1 ? UNP Q9Y3S1 ? ? 'expression tag' 452 1 
1 6FBK MET A 2 ? UNP Q9Y3S1 ? ? 'expression tag' 453 2 
# 
_pdbx_struct_assembly.id                   1 
_pdbx_struct_assembly.details              author_and_software_defined_assembly 
_pdbx_struct_assembly.method_details       PISA 
_pdbx_struct_assembly.oligomeric_details   dimeric 
_pdbx_struct_assembly.oligomeric_count     2 
# 
loop_
_pdbx_struct_assembly_prop.biol_id 
_pdbx_struct_assembly_prop.type 
_pdbx_struct_assembly_prop.value 
_pdbx_struct_assembly_prop.details 
1 'ABSA (A^2)' 1100 ? 
1 MORE         -4   ? 
1 'SSA (A^2)'  6180 ? 
# 
_pdbx_struct_assembly_gen.assembly_id       1 
_pdbx_struct_assembly_gen.oper_expression   1 
_pdbx_struct_assembly_gen.asym_id_list      A,B,C,D 
# 
_pdbx_struct_assembly_auth_evidence.id                     1 
_pdbx_struct_assembly_auth_evidence.assembly_id            1 
_pdbx_struct_assembly_auth_evidence.experimental_support   none 
_pdbx_struct_assembly_auth_evidence.details                ? 
# 
_pdbx_struct_oper_list.id                   1 
_pdbx_struct_oper_list.type                 'identity operation' 
_pdbx_struct_oper_list.name                 1_555 
_pdbx_struct_oper_list.symmetry_operation   x,y,z 
_pdbx_struct_oper_list.matrix[1][1]         1.0000000000 
_pdbx_struct_oper_list.matrix[1][2]         0.0000000000 
_pdbx_struct_oper_list.matrix[1][3]         0.0000000000 
_pdbx_struct_oper_list.vector[1]            0.0000000000 
_pdbx_struct_oper_list.matrix[2][1]         0.0000000000 
_pdbx_struct_oper_list.matrix[2][2]         1.0000000000 
_pdbx_struct_oper_list.matrix[2][3]         0.0000000000 
_pdbx_struct_oper_list.vector[2]            0.0000000000 
_pdbx_struct_oper_list.matrix[3][1]         0.0000000000 
_pdbx_struct_oper_list.matrix[3][2]         0.0000000000 
_pdbx_struct_oper_list.matrix[3][3]         1.0000000000 
_pdbx_struct_oper_list.vector[3]            0.0000000000 
# 
loop_
_struct_conf.conf_type_id 
_struct_conf.id 
_struct_conf.pdbx_PDB_helix_id 
_struct_conf.beg_label_comp_id 
_struct_conf.beg_label_asym_id 
_struct_conf.beg_label_seq_id 
_struct_conf.pdbx_beg_PDB_ins_code 
_struct_conf.end_label_comp_id 
_struct_conf.end_label_asym_id 
_struct_conf.end_label_seq_id 
_struct_conf.pdbx_end_PDB_ins_code 
_struct_conf.beg_auth_comp_id 
_struct_conf.beg_auth_asym_id 
_struct_conf.beg_auth_seq_id 
_struct_conf.end_auth_comp_id 
_struct_conf.end_auth_asym_id 
_struct_conf.end_auth_seq_id 
_struct_conf.pdbx_PDB_helix_class 
_struct_conf.details 
_struct_conf.pdbx_PDB_helix_length 
HELX_P HELX_P1 AA1 THR A 55 ? GLU A 65 ? THR A 506 GLU A 516 1 ? 11 
HELX_P HELX_P2 AA2 ASP A 73 ? ARG A 91 ? ASP A 524 ARG A 542 1 ? 19 
# 
_struct_conf_type.id          HELX_P 
_struct_conf_type.criteria    ? 
_struct_conf_type.reference   ? 
# 
_struct_sheet.id               AA1 
_struct_sheet.type             ? 
_struct_sheet.number_strands   5 
_struct_sheet.details          ? 
# 
loop_
_struct_sheet_order.sheet_id 
_struct_sheet_order.range_id_1 
_struct_sheet_order.range_id_2 
_struct_sheet_order.offset 
_struct_sheet_order.sense 
AA1 1 2 ? anti-parallel 
AA1 2 3 ? anti-parallel 
AA1 3 4 ? anti-parallel 
AA1 4 5 ? anti-parallel 
# 
loop_
_struct_sheet_range.sheet_id 
_struct_sheet_range.id 
_struct_sheet_range.beg_label_comp_id 
_struct_sheet_range.beg_label_asym_id 
_struct_sheet_range.beg_label_seq_id 
_struct_sheet_range.pdbx_beg_PDB_ins_code 
_struct_sheet_range.end_label_comp_id 
_struct_sheet_range.end_label_asym_id 
_struct_sheet_range.end_label_seq_id 
_struct_sheet_range.pdbx_end_PDB_ins_code 
_struct_sheet_range.beg_auth_comp_id 
_struct_sheet_range.beg_auth_asym_id 
_struct_sheet_range.beg_auth_seq_id 
_struct_sheet_range.end_auth_comp_id 
_struct_sheet_range.end_auth_asym_id 
_struct_sheet_range.end_auth_seq_id 
AA1 1 VAL A 8  ? LEU A 12 ? VAL A 459  LEU A 463  
AA1 2 THR A 22 ? VAL A 29 ? THR A 473  VAL A 480  
AA1 3 ALA A 44 ? ASP A 50 ? ALA A 495  ASP A 501  
AA1 4 ARG B 11 ? SER B 15 ? ARG P 1257 SER P 1261 
AA1 5 THR B 2  ? VAL B 5  ? THR P 1248 VAL P 1251 
# 
loop_
_pdbx_struct_sheet_hbond.sheet_id 
_pdbx_struct_sheet_hbond.range_id_1 
_pdbx_struct_sheet_hbond.range_id_2 
_pdbx_struct_sheet_hbond.range_1_label_atom_id 
_pdbx_struct_sheet_hbond.range_1_label_comp_id 
_pdbx_struct_sheet_hbond.range_1_label_asym_id 
_pdbx_struct_sheet_hbond.range_1_label_seq_id 
_pdbx_struct_sheet_hbond.range_1_PDB_ins_code 
_pdbx_struct_sheet_hbond.range_1_auth_atom_id 
_pdbx_struct_sheet_hbond.range_1_auth_comp_id 
_pdbx_struct_sheet_hbond.range_1_auth_asym_id 
_pdbx_struct_sheet_hbond.range_1_auth_seq_id 
_pdbx_struct_sheet_hbond.range_2_label_atom_id 
_pdbx_struct_sheet_hbond.range_2_label_comp_id 
_pdbx_struct_sheet_hbond.range_2_label_asym_id 
_pdbx_struct_sheet_hbond.range_2_label_seq_id 
_pdbx_struct_sheet_hbond.range_2_PDB_ins_code 
_pdbx_struct_sheet_hbond.range_2_auth_atom_id 
_pdbx_struct_sheet_hbond.range_2_auth_comp_id 
_pdbx_struct_sheet_hbond.range_2_auth_asym_id 
_pdbx_struct_sheet_hbond.range_2_auth_seq_id 
AA1 1 2 N GLU A 11 ? N GLU A 462  O ARG A 26 ? O ARG A 477  
AA1 2 3 N LEU A 25 ? N LEU A 476  O PHE A 47 ? O PHE A 498  
AA1 3 4 N ALA A 44 ? N ALA A 495  O SER B 15 ? O SER P 1261 
AA1 4 5 O PHE B 12 ? O PHE P 1258 N VAL B 4  ? N VAL P 1250 
# 
_pdbx_validate_close_contact.id               1 
_pdbx_validate_close_contact.PDB_model_num    1 
_pdbx_validate_close_contact.auth_atom_id_1   O 
_pdbx_validate_close_contact.auth_asym_id_1   A 
_pdbx_validate_close_contact.auth_comp_id_1   ARG 
_pdbx_validate_close_contact.auth_seq_id_1    543 
_pdbx_validate_close_contact.PDB_ins_code_1   ? 
_pdbx_validate_close_contact.label_alt_id_1   ? 
_pdbx_validate_close_contact.auth_atom_id_2   O 
_pdbx_validate_close_contact.auth_asym_id_2   A 
_pdbx_validate_close_contact.auth_comp_id_2   HOH 
_pdbx_validate_close_contact.auth_seq_id_2    601 
_pdbx_validate_close_contact.PDB_ins_code_2   ? 
_pdbx_validate_close_contact.label_alt_id_2   ? 
_pdbx_validate_close_contact.dist             1.95 
# 
loop_
_pdbx_validate_torsion.id 
_pdbx_validate_torsion.PDB_model_num 
_pdbx_validate_torsion.auth_comp_id 
_pdbx_validate_torsion.auth_asym_id 
_pdbx_validate_torsion.auth_seq_id 
_pdbx_validate_torsion.PDB_ins_code 
_pdbx_validate_torsion.label_alt_id 
_pdbx_validate_torsion.phi 
_pdbx_validate_torsion.psi 
1 1 ARG A 470 ? ? 47.37  29.05 
2 1 GLU A 516 ? ? -63.34 5.68  
# 
loop_
_pdbx_unobs_or_zero_occ_residues.id 
_pdbx_unobs_or_zero_occ_residues.PDB_model_num 
_pdbx_unobs_or_zero_occ_residues.polymer_flag 
_pdbx_unobs_or_zero_occ_residues.occupancy_flag 
_pdbx_unobs_or_zero_occ_residues.auth_asym_id 
_pdbx_unobs_or_zero_occ_residues.auth_comp_id 
_pdbx_unobs_or_zero_occ_residues.auth_seq_id 
_pdbx_unobs_or_zero_occ_residues.PDB_ins_code 
_pdbx_unobs_or_zero_occ_residues.label_asym_id 
_pdbx_unobs_or_zero_occ_residues.label_comp_id 
_pdbx_unobs_or_zero_occ_residues.label_seq_id 
1  1 Y 1 A SER 452  ? A SER 1  
2  1 Y 1 A MET 453  ? A MET 2  
3  1 Y 1 A ALA 454  ? A ALA 3  
4  1 Y 1 A LYS 485  ? A LYS 34 
5  1 Y 1 A LEU 486  ? A LEU 35 
6  1 Y 1 A LYS 487  ? A LYS 36 
7  1 Y 1 A GLY 488  ? A GLY 37 
8  1 Y 1 A LYS 489  ? A LYS 38 
9  1 Y 1 A PRO 490  ? A PRO 39 
10 1 Y 1 A LYS 491  ? A LYS 40 
11 1 Y 1 A ARG 545  ? A ARG 94 
12 1 Y 1 A ILE 546  ? A ILE 95 
13 1 Y 1 A TRP 547  ? A TRP 96 
14 1 Y 1 A PRO 548  ? A PRO 97 
15 1 Y 1 A ALA 549  ? A ALA 98 
16 1 Y 1 P PRO 1264 ? B PRO 18 
17 1 Y 1 P GLU 1265 ? B GLU 19 
18 1 Y 1 P SER 1266 ? B SER 20 
19 1 Y 1 P ARG 1267 ? B ARG 21 
20 1 Y 1 P LEU 1268 ? B LEU 22 
21 1 Y 1 P ARG 1269 ? B ARG 23 
# 
loop_
_chem_comp_atom.comp_id 
_chem_comp_atom.atom_id 
_chem_comp_atom.type_symbol 
_chem_comp_atom.pdbx_aromatic_flag 
_chem_comp_atom.pdbx_stereo_config 
_chem_comp_atom.pdbx_ordinal 
ALA N    N N N 1   
ALA CA   C N S 2   
ALA C    C N N 3   
ALA O    O N N 4   
ALA CB   C N N 5   
ALA OXT  O N N 6   
ALA H    H N N 7   
ALA H2   H N N 8   
ALA HA   H N N 9   
ALA HB1  H N N 10  
ALA HB2  H N N 11  
ALA HB3  H N N 12  
ALA HXT  H N N 13  
ARG N    N N N 14  
ARG CA   C N S 15  
ARG C    C N N 16  
ARG O    O N N 17  
ARG CB   C N N 18  
ARG CG   C N N 19  
ARG CD   C N N 20  
ARG NE   N N N 21  
ARG CZ   C N N 22  
ARG NH1  N N N 23  
ARG NH2  N N N 24  
ARG OXT  O N N 25  
ARG H    H N N 26  
ARG H2   H N N 27  
ARG HA   H N N 28  
ARG HB2  H N N 29  
ARG HB3  H N N 30  
ARG HG2  H N N 31  
ARG HG3  H N N 32  
ARG HD2  H N N 33  
ARG HD3  H N N 34  
ARG HE   H N N 35  
ARG HH11 H N N 36  
ARG HH12 H N N 37  
ARG HH21 H N N 38  
ARG HH22 H N N 39  
ARG HXT  H N N 40  
ASN N    N N N 41  
ASN CA   C N S 42  
ASN C    C N N 43  
ASN O    O N N 44  
ASN CB   C N N 45  
ASN CG   C N N 46  
ASN OD1  O N N 47  
ASN ND2  N N N 48  
ASN OXT  O N N 49  
ASN H    H N N 50  
ASN H2   H N N 51  
ASN HA   H N N 52  
ASN HB2  H N N 53  
ASN HB3  H N N 54  
ASN HD21 H N N 55  
ASN HD22 H N N 56  
ASN HXT  H N N 57  
ASP N    N N N 58  
ASP CA   C N S 59  
ASP C    C N N 60  
ASP O    O N N 61  
ASP CB   C N N 62  
ASP CG   C N N 63  
ASP OD1  O N N 64  
ASP OD2  O N N 65  
ASP OXT  O N N 66  
ASP H    H N N 67  
ASP H2   H N N 68  
ASP HA   H N N 69  
ASP HB2  H N N 70  
ASP HB3  H N N 71  
ASP HD2  H N N 72  
ASP HXT  H N N 73  
GLN N    N N N 74  
GLN CA   C N S 75  
GLN C    C N N 76  
GLN O    O N N 77  
GLN CB   C N N 78  
GLN CG   C N N 79  
GLN CD   C N N 80  
GLN OE1  O N N 81  
GLN NE2  N N N 82  
GLN OXT  O N N 83  
GLN H    H N N 84  
GLN H2   H N N 85  
GLN HA   H N N 86  
GLN HB2  H N N 87  
GLN HB3  H N N 88  
GLN HG2  H N N 89  
GLN HG3  H N N 90  
GLN HE21 H N N 91  
GLN HE22 H N N 92  
GLN HXT  H N N 93  
GLU N    N N N 94  
GLU CA   C N S 95  
GLU C    C N N 96  
GLU O    O N N 97  
GLU CB   C N N 98  
GLU CG   C N N 99  
GLU CD   C N N 100 
GLU OE1  O N N 101 
GLU OE2  O N N 102 
GLU OXT  O N N 103 
GLU H    H N N 104 
GLU H2   H N N 105 
GLU HA   H N N 106 
GLU HB2  H N N 107 
GLU HB3  H N N 108 
GLU HG2  H N N 109 
GLU HG3  H N N 110 
GLU HE2  H N N 111 
GLU HXT  H N N 112 
GLY N    N N N 113 
GLY CA   C N N 114 
GLY C    C N N 115 
GLY O    O N N 116 
GLY OXT  O N N 117 
GLY H    H N N 118 
GLY H2   H N N 119 
GLY HA2  H N N 120 
GLY HA3  H N N 121 
GLY HXT  H N N 122 
HIS N    N N N 123 
HIS CA   C N S 124 
HIS C    C N N 125 
HIS O    O N N 126 
HIS CB   C N N 127 
HIS CG   C Y N 128 
HIS ND1  N Y N 129 
HIS CD2  C Y N 130 
HIS CE1  C Y N 131 
HIS NE2  N Y N 132 
HIS OXT  O N N 133 
HIS H    H N N 134 
HIS H2   H N N 135 
HIS HA   H N N 136 
HIS HB2  H N N 137 
HIS HB3  H N N 138 
HIS HD1  H N N 139 
HIS HD2  H N N 140 
HIS HE1  H N N 141 
HIS HE2  H N N 142 
HIS HXT  H N N 143 
HOH O    O N N 144 
HOH H1   H N N 145 
HOH H2   H N N 146 
ILE N    N N N 147 
ILE CA   C N S 148 
ILE C    C N N 149 
ILE O    O N N 150 
ILE CB   C N S 151 
ILE CG1  C N N 152 
ILE CG2  C N N 153 
ILE CD1  C N N 154 
ILE OXT  O N N 155 
ILE H    H N N 156 
ILE H2   H N N 157 
ILE HA   H N N 158 
ILE HB   H N N 159 
ILE HG12 H N N 160 
ILE HG13 H N N 161 
ILE HG21 H N N 162 
ILE HG22 H N N 163 
ILE HG23 H N N 164 
ILE HD11 H N N 165 
ILE HD12 H N N 166 
ILE HD13 H N N 167 
ILE HXT  H N N 168 
LEU N    N N N 169 
LEU CA   C N S 170 
LEU C    C N N 171 
LEU O    O N N 172 
LEU CB   C N N 173 
LEU CG   C N N 174 
LEU CD1  C N N 175 
LEU CD2  C N N 176 
LEU OXT  O N N 177 
LEU H    H N N 178 
LEU H2   H N N 179 
LEU HA   H N N 180 
LEU HB2  H N N 181 
LEU HB3  H N N 182 
LEU HG   H N N 183 
LEU HD11 H N N 184 
LEU HD12 H N N 185 
LEU HD13 H N N 186 
LEU HD21 H N N 187 
LEU HD22 H N N 188 
LEU HD23 H N N 189 
LEU HXT  H N N 190 
LYS N    N N N 191 
LYS CA   C N S 192 
LYS C    C N N 193 
LYS O    O N N 194 
LYS CB   C N N 195 
LYS CG   C N N 196 
LYS CD   C N N 197 
LYS CE   C N N 198 
LYS NZ   N N N 199 
LYS OXT  O N N 200 
LYS H    H N N 201 
LYS H2   H N N 202 
LYS HA   H N N 203 
LYS HB2  H N N 204 
LYS HB3  H N N 205 
LYS HG2  H N N 206 
LYS HG3  H N N 207 
LYS HD2  H N N 208 
LYS HD3  H N N 209 
LYS HE2  H N N 210 
LYS HE3  H N N 211 
LYS HZ1  H N N 212 
LYS HZ2  H N N 213 
LYS HZ3  H N N 214 
LYS HXT  H N N 215 
MET N    N N N 216 
MET CA   C N S 217 
MET C    C N N 218 
MET O    O N N 219 
MET CB   C N N 220 
MET CG   C N N 221 
MET SD   S N N 222 
MET CE   C N N 223 
MET OXT  O N N 224 
MET H    H N N 225 
MET H2   H N N 226 
MET HA   H N N 227 
MET HB2  H N N 228 
MET HB3  H N N 229 
MET HG2  H N N 230 
MET HG3  H N N 231 
MET HE1  H N N 232 
MET HE2  H N N 233 
MET HE3  H N N 234 
MET HXT  H N N 235 
PHE N    N N N 236 
PHE CA   C N S 237 
PHE C    C N N 238 
PHE O    O N N 239 
PHE CB   C N N 240 
PHE CG   C Y N 241 
PHE CD1  C Y N 242 
PHE CD2  C Y N 243 
PHE CE1  C Y N 244 
PHE CE2  C Y N 245 
PHE CZ   C Y N 246 
PHE OXT  O N N 247 
PHE H    H N N 248 
PHE H2   H N N 249 
PHE HA   H N N 250 
PHE HB2  H N N 251 
PHE HB3  H N N 252 
PHE HD1  H N N 253 
PHE HD2  H N N 254 
PHE HE1  H N N 255 
PHE HE2  H N N 256 
PHE HZ   H N N 257 
PHE HXT  H N N 258 
PRO N    N N N 259 
PRO CA   C N S 260 
PRO C    C N N 261 
PRO O    O N N 262 
PRO CB   C N N 263 
PRO CG   C N N 264 
PRO CD   C N N 265 
PRO OXT  O N N 266 
PRO H    H N N 267 
PRO HA   H N N 268 
PRO HB2  H N N 269 
PRO HB3  H N N 270 
PRO HG2  H N N 271 
PRO HG3  H N N 272 
PRO HD2  H N N 273 
PRO HD3  H N N 274 
PRO HXT  H N N 275 
SER N    N N N 276 
SER CA   C N S 277 
SER C    C N N 278 
SER O    O N N 279 
SER CB   C N N 280 
SER OG   O N N 281 
SER OXT  O N N 282 
SER H    H N N 283 
SER H2   H N N 284 
SER HA   H N N 285 
SER HB2  H N N 286 
SER HB3  H N N 287 
SER HG   H N N 288 
SER HXT  H N N 289 
THR N    N N N 290 
THR CA   C N S 291 
THR C    C N N 292 
THR O    O N N 293 
THR CB   C N R 294 
THR OG1  O N N 295 
THR CG2  C N N 296 
THR OXT  O N N 297 
THR H    H N N 298 
THR H2   H N N 299 
THR HA   H N N 300 
THR HB   H N N 301 
THR HG1  H N N 302 
THR HG21 H N N 303 
THR HG22 H N N 304 
THR HG23 H N N 305 
THR HXT  H N N 306 
TRP N    N N N 307 
TRP CA   C N S 308 
TRP C    C N N 309 
TRP O    O N N 310 
TRP CB   C N N 311 
TRP CG   C Y N 312 
TRP CD1  C Y N 313 
TRP CD2  C Y N 314 
TRP NE1  N Y N 315 
TRP CE2  C Y N 316 
TRP CE3  C Y N 317 
TRP CZ2  C Y N 318 
TRP CZ3  C Y N 319 
TRP CH2  C Y N 320 
TRP OXT  O N N 321 
TRP H    H N N 322 
TRP H2   H N N 323 
TRP HA   H N N 324 
TRP HB2  H N N 325 
TRP HB3  H N N 326 
TRP HD1  H N N 327 
TRP HE1  H N N 328 
TRP HE3  H N N 329 
TRP HZ2  H N N 330 
TRP HZ3  H N N 331 
TRP HH2  H N N 332 
TRP HXT  H N N 333 
VAL N    N N N 334 
VAL CA   C N S 335 
VAL C    C N N 336 
VAL O    O N N 337 
VAL CB   C N N 338 
VAL CG1  C N N 339 
VAL CG2  C N N 340 
VAL OXT  O N N 341 
VAL H    H N N 342 
VAL H2   H N N 343 
VAL HA   H N N 344 
VAL HB   H N N 345 
VAL HG11 H N N 346 
VAL HG12 H N N 347 
VAL HG13 H N N 348 
VAL HG21 H N N 349 
VAL HG22 H N N 350 
VAL HG23 H N N 351 
VAL HXT  H N N 352 
# 
loop_
_chem_comp_bond.comp_id 
_chem_comp_bond.atom_id_1 
_chem_comp_bond.atom_id_2 
_chem_comp_bond.value_order 
_chem_comp_bond.pdbx_aromatic_flag 
_chem_comp_bond.pdbx_stereo_config 
_chem_comp_bond.pdbx_ordinal 
ALA N   CA   sing N N 1   
ALA N   H    sing N N 2   
ALA N   H2   sing N N 3   
ALA CA  C    sing N N 4   
ALA CA  CB   sing N N 5   
ALA CA  HA   sing N N 6   
ALA C   O    doub N N 7   
ALA C   OXT  sing N N 8   
ALA CB  HB1  sing N N 9   
ALA CB  HB2  sing N N 10  
ALA CB  HB3  sing N N 11  
ALA OXT HXT  sing N N 12  
ARG N   CA   sing N N 13  
ARG N   H    sing N N 14  
ARG N   H2   sing N N 15  
ARG CA  C    sing N N 16  
ARG CA  CB   sing N N 17  
ARG CA  HA   sing N N 18  
ARG C   O    doub N N 19  
ARG C   OXT  sing N N 20  
ARG CB  CG   sing N N 21  
ARG CB  HB2  sing N N 22  
ARG CB  HB3  sing N N 23  
ARG CG  CD   sing N N 24  
ARG CG  HG2  sing N N 25  
ARG CG  HG3  sing N N 26  
ARG CD  NE   sing N N 27  
ARG CD  HD2  sing N N 28  
ARG CD  HD3  sing N N 29  
ARG NE  CZ   sing N N 30  
ARG NE  HE   sing N N 31  
ARG CZ  NH1  sing N N 32  
ARG CZ  NH2  doub N N 33  
ARG NH1 HH11 sing N N 34  
ARG NH1 HH12 sing N N 35  
ARG NH2 HH21 sing N N 36  
ARG NH2 HH22 sing N N 37  
ARG OXT HXT  sing N N 38  
ASN N   CA   sing N N 39  
ASN N   H    sing N N 40  
ASN N   H2   sing N N 41  
ASN CA  C    sing N N 42  
ASN CA  CB   sing N N 43  
ASN CA  HA   sing N N 44  
ASN C   O    doub N N 45  
ASN C   OXT  sing N N 46  
ASN CB  CG   sing N N 47  
ASN CB  HB2  sing N N 48  
ASN CB  HB3  sing N N 49  
ASN CG  OD1  doub N N 50  
ASN CG  ND2  sing N N 51  
ASN ND2 HD21 sing N N 52  
ASN ND2 HD22 sing N N 53  
ASN OXT HXT  sing N N 54  
ASP N   CA   sing N N 55  
ASP N   H    sing N N 56  
ASP N   H2   sing N N 57  
ASP CA  C    sing N N 58  
ASP CA  CB   sing N N 59  
ASP CA  HA   sing N N 60  
ASP C   O    doub N N 61  
ASP C   OXT  sing N N 62  
ASP CB  CG   sing N N 63  
ASP CB  HB2  sing N N 64  
ASP CB  HB3  sing N N 65  
ASP CG  OD1  doub N N 66  
ASP CG  OD2  sing N N 67  
ASP OD2 HD2  sing N N 68  
ASP OXT HXT  sing N N 69  
GLN N   CA   sing N N 70  
GLN N   H    sing N N 71  
GLN N   H2   sing N N 72  
GLN CA  C    sing N N 73  
GLN CA  CB   sing N N 74  
GLN CA  HA   sing N N 75  
GLN C   O    doub N N 76  
GLN C   OXT  sing N N 77  
GLN CB  CG   sing N N 78  
GLN CB  HB2  sing N N 79  
GLN CB  HB3  sing N N 80  
GLN CG  CD   sing N N 81  
GLN CG  HG2  sing N N 82  
GLN CG  HG3  sing N N 83  
GLN CD  OE1  doub N N 84  
GLN CD  NE2  sing N N 85  
GLN NE2 HE21 sing N N 86  
GLN NE2 HE22 sing N N 87  
GLN OXT HXT  sing N N 88  
GLU N   CA   sing N N 89  
GLU N   H    sing N N 90  
GLU N   H2   sing N N 91  
GLU CA  C    sing N N 92  
GLU CA  CB   sing N N 93  
GLU CA  HA   sing N N 94  
GLU C   O    doub N N 95  
GLU C   OXT  sing N N 96  
GLU CB  CG   sing N N 97  
GLU CB  HB2  sing N N 98  
GLU CB  HB3  sing N N 99  
GLU CG  CD   sing N N 100 
GLU CG  HG2  sing N N 101 
GLU CG  HG3  sing N N 102 
GLU CD  OE1  doub N N 103 
GLU CD  OE2  sing N N 104 
GLU OE2 HE2  sing N N 105 
GLU OXT HXT  sing N N 106 
GLY N   CA   sing N N 107 
GLY N   H    sing N N 108 
GLY N   H2   sing N N 109 
GLY CA  C    sing N N 110 
GLY CA  HA2  sing N N 111 
GLY CA  HA3  sing N N 112 
GLY C   O    doub N N 113 
GLY C   OXT  sing N N 114 
GLY OXT HXT  sing N N 115 
HIS N   CA   sing N N 116 
HIS N   H    sing N N 117 
HIS N   H2   sing N N 118 
HIS CA  C    sing N N 119 
HIS CA  CB   sing N N 120 
HIS CA  HA   sing N N 121 
HIS C   O    doub N N 122 
HIS C   OXT  sing N N 123 
HIS CB  CG   sing N N 124 
HIS CB  HB2  sing N N 125 
HIS CB  HB3  sing N N 126 
HIS CG  ND1  sing Y N 127 
HIS CG  CD2  doub Y N 128 
HIS ND1 CE1  doub Y N 129 
HIS ND1 HD1  sing N N 130 
HIS CD2 NE2  sing Y N 131 
HIS CD2 HD2  sing N N 132 
HIS CE1 NE2  sing Y N 133 
HIS CE1 HE1  sing N N 134 
HIS NE2 HE2  sing N N 135 
HIS OXT HXT  sing N N 136 
HOH O   H1   sing N N 137 
HOH O   H2   sing N N 138 
ILE N   CA   sing N N 139 
ILE N   H    sing N N 140 
ILE N   H2   sing N N 141 
ILE CA  C    sing N N 142 
ILE CA  CB   sing N N 143 
ILE CA  HA   sing N N 144 
ILE C   O    doub N N 145 
ILE C   OXT  sing N N 146 
ILE CB  CG1  sing N N 147 
ILE CB  CG2  sing N N 148 
ILE CB  HB   sing N N 149 
ILE CG1 CD1  sing N N 150 
ILE CG1 HG12 sing N N 151 
ILE CG1 HG13 sing N N 152 
ILE CG2 HG21 sing N N 153 
ILE CG2 HG22 sing N N 154 
ILE CG2 HG23 sing N N 155 
ILE CD1 HD11 sing N N 156 
ILE CD1 HD12 sing N N 157 
ILE CD1 HD13 sing N N 158 
ILE OXT HXT  sing N N 159 
LEU N   CA   sing N N 160 
LEU N   H    sing N N 161 
LEU N   H2   sing N N 162 
LEU CA  C    sing N N 163 
LEU CA  CB   sing N N 164 
LEU CA  HA   sing N N 165 
LEU C   O    doub N N 166 
LEU C   OXT  sing N N 167 
LEU CB  CG   sing N N 168 
LEU CB  HB2  sing N N 169 
LEU CB  HB3  sing N N 170 
LEU CG  CD1  sing N N 171 
LEU CG  CD2  sing N N 172 
LEU CG  HG   sing N N 173 
LEU CD1 HD11 sing N N 174 
LEU CD1 HD12 sing N N 175 
LEU CD1 HD13 sing N N 176 
LEU CD2 HD21 sing N N 177 
LEU CD2 HD22 sing N N 178 
LEU CD2 HD23 sing N N 179 
LEU OXT HXT  sing N N 180 
LYS N   CA   sing N N 181 
LYS N   H    sing N N 182 
LYS N   H2   sing N N 183 
LYS CA  C    sing N N 184 
LYS CA  CB   sing N N 185 
LYS CA  HA   sing N N 186 
LYS C   O    doub N N 187 
LYS C   OXT  sing N N 188 
LYS CB  CG   sing N N 189 
LYS CB  HB2  sing N N 190 
LYS CB  HB3  sing N N 191 
LYS CG  CD   sing N N 192 
LYS CG  HG2  sing N N 193 
LYS CG  HG3  sing N N 194 
LYS CD  CE   sing N N 195 
LYS CD  HD2  sing N N 196 
LYS CD  HD3  sing N N 197 
LYS CE  NZ   sing N N 198 
LYS CE  HE2  sing N N 199 
LYS CE  HE3  sing N N 200 
LYS NZ  HZ1  sing N N 201 
LYS NZ  HZ2  sing N N 202 
LYS NZ  HZ3  sing N N 203 
LYS OXT HXT  sing N N 204 
MET N   CA   sing N N 205 
MET N   H    sing N N 206 
MET N   H2   sing N N 207 
MET CA  C    sing N N 208 
MET CA  CB   sing N N 209 
MET CA  HA   sing N N 210 
MET C   O    doub N N 211 
MET C   OXT  sing N N 212 
MET CB  CG   sing N N 213 
MET CB  HB2  sing N N 214 
MET CB  HB3  sing N N 215 
MET CG  SD   sing N N 216 
MET CG  HG2  sing N N 217 
MET CG  HG3  sing N N 218 
MET SD  CE   sing N N 219 
MET CE  HE1  sing N N 220 
MET CE  HE2  sing N N 221 
MET CE  HE3  sing N N 222 
MET OXT HXT  sing N N 223 
PHE N   CA   sing N N 224 
PHE N   H    sing N N 225 
PHE N   H2   sing N N 226 
PHE CA  C    sing N N 227 
PHE CA  CB   sing N N 228 
PHE CA  HA   sing N N 229 
PHE C   O    doub N N 230 
PHE C   OXT  sing N N 231 
PHE CB  CG   sing N N 232 
PHE CB  HB2  sing N N 233 
PHE CB  HB3  sing N N 234 
PHE CG  CD1  doub Y N 235 
PHE CG  CD2  sing Y N 236 
PHE CD1 CE1  sing Y N 237 
PHE CD1 HD1  sing N N 238 
PHE CD2 CE2  doub Y N 239 
PHE CD2 HD2  sing N N 240 
PHE CE1 CZ   doub Y N 241 
PHE CE1 HE1  sing N N 242 
PHE CE2 CZ   sing Y N 243 
PHE CE2 HE2  sing N N 244 
PHE CZ  HZ   sing N N 245 
PHE OXT HXT  sing N N 246 
PRO N   CA   sing N N 247 
PRO N   CD   sing N N 248 
PRO N   H    sing N N 249 
PRO CA  C    sing N N 250 
PRO CA  CB   sing N N 251 
PRO CA  HA   sing N N 252 
PRO C   O    doub N N 253 
PRO C   OXT  sing N N 254 
PRO CB  CG   sing N N 255 
PRO CB  HB2  sing N N 256 
PRO CB  HB3  sing N N 257 
PRO CG  CD   sing N N 258 
PRO CG  HG2  sing N N 259 
PRO CG  HG3  sing N N 260 
PRO CD  HD2  sing N N 261 
PRO CD  HD3  sing N N 262 
PRO OXT HXT  sing N N 263 
SER N   CA   sing N N 264 
SER N   H    sing N N 265 
SER N   H2   sing N N 266 
SER CA  C    sing N N 267 
SER CA  CB   sing N N 268 
SER CA  HA   sing N N 269 
SER C   O    doub N N 270 
SER C   OXT  sing N N 271 
SER CB  OG   sing N N 272 
SER CB  HB2  sing N N 273 
SER CB  HB3  sing N N 274 
SER OG  HG   sing N N 275 
SER OXT HXT  sing N N 276 
THR N   CA   sing N N 277 
THR N   H    sing N N 278 
THR N   H2   sing N N 279 
THR CA  C    sing N N 280 
THR CA  CB   sing N N 281 
THR CA  HA   sing N N 282 
THR C   O    doub N N 283 
THR C   OXT  sing N N 284 
THR CB  OG1  sing N N 285 
THR CB  CG2  sing N N 286 
THR CB  HB   sing N N 287 
THR OG1 HG1  sing N N 288 
THR CG2 HG21 sing N N 289 
THR CG2 HG22 sing N N 290 
THR CG2 HG23 sing N N 291 
THR OXT HXT  sing N N 292 
TRP N   CA   sing N N 293 
TRP N   H    sing N N 294 
TRP N   H2   sing N N 295 
TRP CA  C    sing N N 296 
TRP CA  CB   sing N N 297 
TRP CA  HA   sing N N 298 
TRP C   O    doub N N 299 
TRP C   OXT  sing N N 300 
TRP CB  CG   sing N N 301 
TRP CB  HB2  sing N N 302 
TRP CB  HB3  sing N N 303 
TRP CG  CD1  doub Y N 304 
TRP CG  CD2  sing Y N 305 
TRP CD1 NE1  sing Y N 306 
TRP CD1 HD1  sing N N 307 
TRP CD2 CE2  doub Y N 308 
TRP CD2 CE3  sing Y N 309 
TRP NE1 CE2  sing Y N 310 
TRP NE1 HE1  sing N N 311 
TRP CE2 CZ2  sing Y N 312 
TRP CE3 CZ3  doub Y N 313 
TRP CE3 HE3  sing N N 314 
TRP CZ2 CH2  doub Y N 315 
TRP CZ2 HZ2  sing N N 316 
TRP CZ3 CH2  sing Y N 317 
TRP CZ3 HZ3  sing N N 318 
TRP CH2 HH2  sing N N 319 
TRP OXT HXT  sing N N 320 
VAL N   CA   sing N N 321 
VAL N   H    sing N N 322 
VAL N   H2   sing N N 323 
VAL CA  C    sing N N 324 
VAL CA  CB   sing N N 325 
VAL CA  HA   sing N N 326 
VAL C   O    doub N N 327 
VAL C   OXT  sing N N 328 
VAL CB  CG1  sing N N 329 
VAL CB  CG2  sing N N 330 
VAL CB  HB   sing N N 331 
VAL CG1 HG11 sing N N 332 
VAL CG1 HG12 sing N N 333 
VAL CG1 HG13 sing N N 334 
VAL CG2 HG21 sing N N 335 
VAL CG2 HG22 sing N N 336 
VAL CG2 HG23 sing N N 337 
VAL OXT HXT  sing N N 338 
# 
_pdbx_initial_refinement_model.id               1 
_pdbx_initial_refinement_model.entity_id_list   ? 
_pdbx_initial_refinement_model.type             'experimental model' 
_pdbx_initial_refinement_model.source_name      PDB 
_pdbx_initial_refinement_model.accession_code   6ELM 
_pdbx_initial_refinement_model.details          ? 
# 
_atom_sites.entry_id                    6FBK 
_atom_sites.fract_transf_matrix[1][1]   -0.00510167 
_atom_sites.fract_transf_matrix[1][2]   -0.01111222 
_atom_sites.fract_transf_matrix[1][3]   -0.00382943 
_atom_sites.fract_transf_matrix[2][1]   0.00812527 
_atom_sites.fract_transf_matrix[2][2]   -0.00031793 
_atom_sites.fract_transf_matrix[2][3]   -0.00990212 
_atom_sites.fract_transf_matrix[3][1]   0.01756471 
_atom_sites.fract_transf_matrix[3][2]   -0.01317671 
_atom_sites.fract_transf_matrix[3][3]   0.01483594 
_atom_sites.fract_transf_vector[1]      0.494058 
_atom_sites.fract_transf_vector[2]      0.302182 
_atom_sites.fract_transf_vector[3]      0.229945 
# 
loop_
_atom_type.symbol 
C 
N 
O 
S 
# 
loop_
_atom_site.group_PDB 
_atom_site.id 
_atom_site.type_symbol 
_atom_site.label_atom_id 
_atom_site.label_alt_id 
_atom_site.label_comp_id 
_atom_site.label_asym_id 
_atom_site.label_entity_id 
_atom_site.label_seq_id 
_atom_site.pdbx_PDB_ins_code 
_atom_site.Cartn_x 
_atom_site.Cartn_y 
_atom_site.Cartn_z 
_atom_site.occupancy 
_atom_site.B_iso_or_equiv 
_atom_site.pdbx_formal_charge 
_atom_site.auth_seq_id 
_atom_site.auth_comp_id 
_atom_site.auth_asym_id 
_atom_site.auth_atom_id 
_atom_site.pdbx_PDB_model_num 
ATOM   1   N N   . GLU A 1 4  ? 2.113   -8.311  17.609  1.00 71.48  ? 455  GLU A N   1 
ATOM   2   C CA  . GLU A 1 4  ? 3.471   -8.198  17.097  1.00 81.36  ? 455  GLU A CA  1 
ATOM   3   C C   . GLU A 1 4  ? 3.650   -6.933  16.254  1.00 84.22  ? 455  GLU A C   1 
ATOM   4   O O   . GLU A 1 4  ? 2.974   -5.922  16.479  1.00 84.36  ? 455  GLU A O   1 
ATOM   5   C CB  . GLU A 1 4  ? 3.837   -9.429  16.264  1.00 77.76  ? 455  GLU A CB  1 
ATOM   6   N N   . ASP A 1 5  ? 4.577   -6.997  15.297  1.00 70.56  ? 456  ASP A N   1 
ATOM   7   C CA  . ASP A 1 5  ? 4.836   -5.903  14.372  1.00 68.80  ? 456  ASP A CA  1 
ATOM   8   C C   . ASP A 1 5  ? 5.041   -6.479  12.975  1.00 78.77  ? 456  ASP A C   1 
ATOM   9   O O   . ASP A 1 5  ? 5.494   -7.617  12.816  1.00 81.16  ? 456  ASP A O   1 
ATOM   10  C CB  . ASP A 1 5  ? 6.071   -5.094  14.785  1.00 68.92  ? 456  ASP A CB  1 
ATOM   11  C CG  . ASP A 1 5  ? 6.220   -3.799  13.999  1.00 73.61  ? 456  ASP A CG  1 
ATOM   12  O OD1 . ASP A 1 5  ? 6.326   -2.734  14.642  1.00 77.17  ? 456  ASP A OD1 1 
ATOM   13  O OD2 . ASP A 1 5  ? 6.235   -3.833  12.748  1.00 72.33  ? 456  ASP A OD2 1 
ATOM   14  N N   . THR A 1 6  ? 4.690   -5.693  11.958  1.00 74.71  ? 457  THR A N   1 
ATOM   15  C CA  . THR A 1 6  ? 4.894   -6.109  10.573  1.00 66.55  ? 457  THR A CA  1 
ATOM   16  C C   . THR A 1 6  ? 6.161   -5.561  9.951   1.00 65.65  ? 457  THR A C   1 
ATOM   17  O O   . THR A 1 6  ? 6.697   -6.184  9.034   1.00 72.11  ? 457  THR A O   1 
ATOM   18  C CB  . THR A 1 6  ? 3.720   -5.677  9.691   1.00 69.43  ? 457  THR A CB  1 
ATOM   19  O OG1 . THR A 1 6  ? 4.026   -5.939  8.315   1.00 68.57  ? 457  THR A OG1 1 
ATOM   20  C CG2 . THR A 1 6  ? 3.429   -4.188  9.867   1.00 75.79  ? 457  THR A CG2 1 
ATOM   21  N N   . GLY A 1 7  ? 6.653   -4.417  10.412  1.00 71.74  ? 458  GLY A N   1 
ATOM   22  C CA  . GLY A 1 7  ? 7.805   -3.804  9.790   1.00 76.14  ? 458  GLY A CA  1 
ATOM   23  C C   . GLY A 1 7  ? 7.546   -3.147  8.449   1.00 78.43  ? 458  GLY A C   1 
ATOM   24  O O   . GLY A 1 7  ? 8.467   -2.535  7.888   1.00 75.38  ? 458  GLY A O   1 
ATOM   25  N N   . VAL A 1 8  ? 6.333   -3.251  7.914   1.00 78.28  ? 459  VAL A N   1 
ATOM   26  C CA  . VAL A 1 8  ? 5.955   -2.575  6.678   1.00 74.78  ? 459  VAL A CA  1 
ATOM   27  C C   . VAL A 1 8  ? 5.129   -1.350  7.048   1.00 66.25  ? 459  VAL A C   1 
ATOM   28  O O   . VAL A 1 8  ? 3.975   -1.473  7.473   1.00 70.55  ? 459  VAL A O   1 
ATOM   29  C CB  . VAL A 1 8  ? 5.171   -3.497  5.736   1.00 77.14  ? 459  VAL A CB  1 
ATOM   30  C CG1 . VAL A 1 8  ? 4.943   -2.815  4.382   1.00 60.17  ? 459  VAL A CG1 1 
ATOM   31  C CG2 . VAL A 1 8  ? 5.893   -4.831  5.564   1.00 75.77  ? 459  VAL A CG2 1 
ATOM   32  N N   . ARG A 1 9  ? 5.707   -0.168  6.866   1.00 56.83  ? 460  ARG A N   1 
ATOM   33  C CA  . ARG A 1 9  ? 5.023   1.088   7.129   1.00 56.72  ? 460  ARG A CA  1 
ATOM   34  C C   . ARG A 1 9  ? 4.153   1.499   5.941   1.00 50.59  ? 460  ARG A C   1 
ATOM   35  O O   . ARG A 1 9  ? 4.636   1.577   4.811   1.00 50.23  ? 460  ARG A O   1 
ATOM   36  C CB  . ARG A 1 9  ? 6.055   2.164   7.447   1.00 67.77  ? 460  ARG A CB  1 
ATOM   37  C CG  . ARG A 1 9  ? 6.399   2.227   8.914   1.00 74.47  ? 460  ARG A CG  1 
ATOM   38  C CD  . ARG A 1 9  ? 5.455   3.179   9.615   1.00 83.12  ? 460  ARG A CD  1 
ATOM   39  N NE  . ARG A 1 9  ? 5.999   4.532   9.614   1.00 91.15  ? 460  ARG A NE  1 
ATOM   40  C CZ  . ARG A 1 9  ? 5.274   5.635   9.765   1.00 89.28  ? 460  ARG A CZ  1 
ATOM   41  N NH1 . ARG A 1 9  ? 5.867   6.825   9.754   1.00 89.89  ? 460  ARG A NH1 1 
ATOM   42  N NH2 . ARG A 1 9  ? 3.956   5.553   9.922   1.00 75.66  ? 460  ARG A NH2 1 
ATOM   43  N N   . VAL A 1 10 ? 2.874   1.762   6.203   1.00 43.97  ? 461  VAL A N   1 
ATOM   44  C CA  . VAL A 1 10 ? 1.927   2.299   5.229   1.00 39.91  ? 461  VAL A CA  1 
ATOM   45  C C   . VAL A 1 10 ? 1.333   3.567   5.814   1.00 43.17  ? 461  VAL A C   1 
ATOM   46  O O   . VAL A 1 10 ? 0.816   3.541   6.935   1.00 42.88  ? 461  VAL A O   1 
ATOM   47  C CB  . VAL A 1 10 ? 0.794   1.310   4.919   1.00 40.00  ? 461  VAL A CB  1 
ATOM   48  C CG1 . VAL A 1 10 ? -0.111  1.878   3.839   1.00 37.53  ? 461  VAL A CG1 1 
ATOM   49  C CG2 . VAL A 1 10 ? 1.339   -0.051  4.534   1.00 43.32  ? 461  VAL A CG2 1 
ATOM   50  N N   . GLU A 1 11 ? 1.397   4.671   5.066   1.00 46.75  ? 462  GLU A N   1 
ATOM   51  C CA  . GLU A 1 11 ? 0.928   5.960   5.563   1.00 44.31  ? 462  GLU A CA  1 
ATOM   52  C C   . GLU A 1 11 ? 0.194   6.691   4.448   1.00 43.47  ? 462  GLU A C   1 
ATOM   53  O O   . GLU A 1 11 ? 0.271   6.315   3.278   1.00 41.28  ? 462  GLU A O   1 
ATOM   54  C CB  . GLU A 1 11 ? 2.088   6.812   6.113   1.00 49.25  ? 462  GLU A CB  1 
ATOM   55  C CG  . GLU A 1 11 ? 1.678   8.080   6.898   1.00 56.91  ? 462  GLU A CG  1 
ATOM   56  C CD  . GLU A 1 11 ? 1.198   7.829   8.333   1.00 59.41  ? 462  GLU A CD  1 
ATOM   57  O OE1 . GLU A 1 11 ? 0.334   8.605   8.801   1.00 58.60  ? 462  GLU A OE1 1 
ATOM   58  O OE2 . GLU A 1 11 ? 1.692   6.884   8.994   1.00 62.04  ? 462  GLU A OE2 1 
ATOM   59  N N   . LEU A 1 12 ? -0.565  7.718   4.837   1.00 48.55  ? 463  LEU A N   1 
ATOM   60  C CA  . LEU A 1 12 ? -1.272  8.557   3.873   1.00 55.07  ? 463  LEU A CA  1 
ATOM   61  C C   . LEU A 1 12 ? -0.278  9.228   2.929   1.00 54.75  ? 463  LEU A C   1 
ATOM   62  O O   . LEU A 1 12 ? 0.852   9.534   3.308   1.00 63.48  ? 463  LEU A O   1 
ATOM   63  C CB  . LEU A 1 12 ? -2.108  9.622   4.599   1.00 49.27  ? 463  LEU A CB  1 
ATOM   64  C CG  . LEU A 1 12 ? -3.445  9.190   5.212   1.00 50.03  ? 463  LEU A CG  1 
ATOM   65  C CD1 . LEU A 1 12 ? -3.964  10.189  6.227   1.00 52.15  ? 463  LEU A CD1 1 
ATOM   66  C CD2 . LEU A 1 12 ? -4.469  9.004   4.115   1.00 57.74  ? 463  LEU A CD2 1 
ATOM   67  N N   . ALA A 1 13 ? -0.687  9.440   1.678   1.00 52.53  ? 464  ALA A N   1 
ATOM   68  C CA  . ALA A 1 13 ? 0.115   10.222  0.743   1.00 53.12  ? 464  ALA A CA  1 
ATOM   69  C C   . ALA A 1 13 ? -0.380  11.650  0.579   1.00 59.34  ? 464  ALA A C   1 
ATOM   70  O O   . ALA A 1 13 ? 0.439   12.560  0.454   1.00 59.38  ? 464  ALA A O   1 
ATOM   71  C CB  . ALA A 1 13 ? 0.149   9.545   -0.630  1.00 50.19  ? 464  ALA A CB  1 
ATOM   72  N N   . GLU A 1 14 ? -1.700  11.856  0.607   1.00 70.65  ? 465  GLU A N   1 
ATOM   73  C CA  . GLU A 1 14 ? -2.361  13.152  0.518   1.00 77.68  ? 465  GLU A CA  1 
ATOM   74  C C   . GLU A 1 14 ? -3.202  13.388  1.777   1.00 85.15  ? 465  GLU A C   1 
ATOM   75  O O   . GLU A 1 14 ? -3.713  12.446  2.397   1.00 81.02  ? 465  GLU A O   1 
ATOM   76  C CB  . GLU A 1 14 ? -3.249  13.230  -0.749  1.00 78.91  ? 465  GLU A CB  1 
ATOM   77  C CG  . GLU A 1 14 ? -4.591  12.452  -0.648  1.00 77.28  ? 465  GLU A CG  1 
ATOM   78  C CD  . GLU A 1 14 ? -5.368  12.380  -1.966  1.00 85.25  ? 465  GLU A CD  1 
ATOM   79  O OE1 . GLU A 1 14 ? -6.046  11.352  -2.203  1.00 70.00  ? 465  GLU A OE1 1 
ATOM   80  O OE2 . GLU A 1 14 ? -5.315  13.359  -2.751  1.00 100.28 ? 465  GLU A OE2 1 
ATOM   81  N N   . GLU A 1 15 ? -3.357  14.662  2.149   1.00 79.23  ? 466  GLU A N   1 
ATOM   82  C CA  . GLU A 1 15 ? -4.166  15.020  3.312   1.00 85.18  ? 466  GLU A CA  1 
ATOM   83  C C   . GLU A 1 15 ? -5.526  14.319  3.281   1.00 85.45  ? 466  GLU A C   1 
ATOM   84  O O   . GLU A 1 15 ? -6.279  14.428  2.305   1.00 80.73  ? 466  GLU A O   1 
ATOM   85  C CB  . GLU A 1 15 ? -4.351  16.536  3.371   1.00 88.07  ? 466  GLU A CB  1 
ATOM   86  N N   . ASP A 1 16 ? -5.832  13.587  4.350   1.00 87.61  ? 467  ASP A N   1 
ATOM   87  C CA  . ASP A 1 16 ? -7.114  12.904  4.457   1.00 84.24  ? 467  ASP A CA  1 
ATOM   88  C C   . ASP A 1 16 ? -8.236  13.929  4.542   1.00 91.90  ? 467  ASP A C   1 
ATOM   89  O O   . ASP A 1 16 ? -8.348  14.644  5.541   1.00 90.36  ? 467  ASP A O   1 
ATOM   90  C CB  . ASP A 1 16 ? -7.131  11.989  5.681   1.00 80.01  ? 467  ASP A CB  1 
ATOM   91  N N   . HIS A 1 17 ? -9.063  14.014  3.500   1.00 92.10  ? 468  HIS A N   1 
ATOM   92  C CA  . HIS A 1 17 ? -10.124 15.008  3.443   1.00 83.27  ? 468  HIS A CA  1 
ATOM   93  C C   . HIS A 1 17 ? -11.473 14.480  3.911   1.00 85.20  ? 468  HIS A C   1 
ATOM   94  O O   . HIS A 1 17 ? -12.390 15.280  4.126   1.00 87.17  ? 468  HIS A O   1 
ATOM   95  C CB  . HIS A 1 17 ? -10.256 15.551  2.014   1.00 82.72  ? 468  HIS A CB  1 
ATOM   96  N N   . GLY A 1 18 ? -11.617 13.174  4.086   1.00 91.00  ? 469  GLY A N   1 
ATOM   97  C CA  . GLY A 1 18 ? -12.910 12.598  4.381   1.00 89.64  ? 469  GLY A CA  1 
ATOM   98  C C   . GLY A 1 18 ? -13.798 12.513  3.148   1.00 93.86  ? 469  GLY A C   1 
ATOM   99  O O   . GLY A 1 18 ? -13.579 13.175  2.133   1.00 97.39  ? 469  GLY A O   1 
ATOM   100 N N   . ARG A 1 19 ? -14.822 11.659  3.248   1.00 89.00  ? 470  ARG A N   1 
ATOM   101 C CA  . ARG A 1 19 ? -15.813 11.444  2.186   1.00 93.07  ? 470  ARG A CA  1 
ATOM   102 C C   . ARG A 1 19 ? -15.160 11.245  0.820   1.00 95.53  ? 470  ARG A C   1 
ATOM   103 O O   . ARG A 1 19 ? -15.740 11.591  -0.212  1.00 100.24 ? 470  ARG A O   1 
ATOM   104 C CB  . ARG A 1 19 ? -16.830 12.590  2.123   1.00 102.37 ? 470  ARG A CB  1 
ATOM   105 N N   . LYS A 1 20 ? -13.938 10.704  0.814   1.00 99.83  ? 471  LYS A N   1 
ATOM   106 C CA  . LYS A 1 20 ? -13.190 10.379  -0.398  1.00 92.46  ? 471  LYS A CA  1 
ATOM   107 C C   . LYS A 1 20 ? -13.110 8.859   -0.496  1.00 84.42  ? 471  LYS A C   1 
ATOM   108 O O   . LYS A 1 20 ? -12.489 8.211   0.355   1.00 82.03  ? 471  LYS A O   1 
ATOM   109 C CB  . LYS A 1 20 ? -11.797 11.005  -0.362  1.00 80.03  ? 471  LYS A CB  1 
ATOM   110 N N   . SER A 1 21 ? -13.747 8.287   -1.520  1.00 79.48  ? 472  SER A N   1 
ATOM   111 C CA  . SER A 1 21 ? -13.755 6.832   -1.634  1.00 90.64  ? 472  SER A CA  1 
ATOM   112 C C   . SER A 1 21 ? -12.389 6.265   -2.019  1.00 86.45  ? 472  SER A C   1 
ATOM   113 O O   . SER A 1 21 ? -12.151 5.065   -1.821  1.00 82.80  ? 472  SER A O   1 
ATOM   114 C CB  . SER A 1 21 ? -14.808 6.370   -2.648  1.00 92.78  ? 472  SER A CB  1 
ATOM   115 O OG  . SER A 1 21 ? -14.950 4.955   -2.613  1.00 78.39  ? 472  SER A OG  1 
ATOM   116 N N   . THR A 1 22 ? -11.490 7.092   -2.551  1.00 78.39  ? 473  THR A N   1 
ATOM   117 C CA  . THR A 1 22 ? -10.149 6.662   -2.917  1.00 75.65  ? 473  THR A CA  1 
ATOM   118 C C   . THR A 1 22 ? -9.128  7.485   -2.138  1.00 65.13  ? 473  THR A C   1 
ATOM   119 O O   . THR A 1 22 ? -9.293  8.698   -1.975  1.00 64.81  ? 473  THR A O   1 
ATOM   120 C CB  . THR A 1 22 ? -9.919  6.796   -4.435  1.00 74.89  ? 473  THR A CB  1 
ATOM   121 O OG1 . THR A 1 22 ? -9.547  8.143   -4.759  1.00 75.07  ? 473  THR A OG1 1 
ATOM   122 C CG2 . THR A 1 22 ? -11.194 6.426   -5.202  1.00 71.11  ? 473  THR A CG2 1 
ATOM   123 N N   . ILE A 1 23 ? -8.089  6.818   -1.631  1.00 59.06  ? 474  ILE A N   1 
ATOM   124 C CA  . ILE A 1 23 ? -7.033  7.483   -0.874  1.00 57.13  ? 474  ILE A CA  1 
ATOM   125 C C   . ILE A 1 23 ? -5.679  7.090   -1.448  1.00 51.51  ? 474  ILE A C   1 
ATOM   126 O O   . ILE A 1 23 ? -5.486  5.966   -1.920  1.00 51.31  ? 474  ILE A O   1 
ATOM   127 C CB  . ILE A 1 23 ? -7.077  7.149   0.635   1.00 57.54  ? 474  ILE A CB  1 
ATOM   128 C CG1 . ILE A 1 23 ? -6.847  5.655   0.869   1.00 52.36  ? 474  ILE A CG1 1 
ATOM   129 C CG2 . ILE A 1 23 ? -8.388  7.608   1.258   1.00 60.08  ? 474  ILE A CG2 1 
ATOM   130 C CD1 . ILE A 1 23 ? -6.798  5.295   2.329   1.00 60.94  ? 474  ILE A CD1 1 
ATOM   131 N N   . ALA A 1 24 ? -4.736  8.028   -1.388  1.00 45.97  ? 475  ALA A N   1 
ATOM   132 C CA  . ALA A 1 24 ? -3.372  7.815   -1.842  1.00 42.13  ? 475  ALA A CA  1 
ATOM   133 C C   . ALA A 1 24 ? -2.506  7.396   -0.660  1.00 41.91  ? 475  ALA A C   1 
ATOM   134 O O   . ALA A 1 24 ? -2.506  8.059   0.379   1.00 44.14  ? 475  ALA A O   1 
ATOM   135 C CB  . ALA A 1 24 ? -2.820  9.082   -2.485  1.00 39.78  ? 475  ALA A CB  1 
ATOM   136 N N   . LEU A 1 25 ? -1.768  6.304   -0.820  1.00 42.65  ? 476  LEU A N   1 
ATOM   137 C CA  . LEU A 1 25 ? -0.979  5.708   0.248   1.00 37.61  ? 476  LEU A CA  1 
ATOM   138 C C   . LEU A 1 25 ? 0.476   5.550   -0.176  1.00 38.89  ? 476  LEU A C   1 
ATOM   139 O O   . LEU A 1 25 ? 0.812   5.531   -1.358  1.00 36.64  ? 476  LEU A O   1 
ATOM   140 C CB  . LEU A 1 25 ? -1.535  4.342   0.645   1.00 36.64  ? 476  LEU A CB  1 
ATOM   141 C CG  . LEU A 1 25 ? -2.992  4.224   1.048   1.00 36.46  ? 476  LEU A CG  1 
ATOM   142 C CD1 . LEU A 1 25 ? -3.328  2.773   1.278   1.00 36.09  ? 476  LEU A CD1 1 
ATOM   143 C CD2 . LEU A 1 25 ? -3.205  5.016   2.310   1.00 46.23  ? 476  LEU A CD2 1 
ATOM   144 N N   . ARG A 1 26 ? 1.334   5.400   0.825   1.00 36.28  ? 477  ARG A N   1 
ATOM   145 C CA  . ARG A 1 26 ? 2.771   5.268   0.637   1.00 36.40  ? 477  ARG A CA  1 
ATOM   146 C C   . ARG A 1 26 ? 3.244   4.125   1.510   1.00 39.18  ? 477  ARG A C   1 
ATOM   147 O O   . ARG A 1 26 ? 3.012   4.148   2.717   1.00 38.74  ? 477  ARG A O   1 
ATOM   148 C CB  . ARG A 1 26 ? 3.480   6.570   1.015   1.00 42.78  ? 477  ARG A CB  1 
ATOM   149 C CG  . ARG A 1 26 ? 5.007   6.531   0.959   1.00 55.23  ? 477  ARG A CG  1 
ATOM   150 C CD  . ARG A 1 26 ? 5.608   7.952   0.999   1.00 58.44  ? 477  ARG A CD  1 
ATOM   151 N NE  . ARG A 1 26 ? 4.653   8.958   1.473   1.00 60.75  ? 477  ARG A NE  1 
ATOM   152 C CZ  . ARG A 1 26 ? 4.107   9.888   0.688   1.00 62.24  ? 477  ARG A CZ  1 
ATOM   153 N NH1 . ARG A 1 26 ? 4.423   9.934   -0.609  1.00 55.08  ? 477  ARG A NH1 1 
ATOM   154 N NH2 . ARG A 1 26 ? 3.246   10.770  1.191   1.00 53.78  ? 477  ARG A NH2 1 
ATOM   155 N N   . LEU A 1 27 ? 3.901   3.136   0.911   1.00 38.02  ? 478  LEU A N   1 
ATOM   156 C CA  . LEU A 1 27 ? 4.357   1.942   1.610   1.00 40.63  ? 478  LEU A CA  1 
ATOM   157 C C   . LEU A 1 27 ? 5.869   1.803   1.476   1.00 49.54  ? 478  LEU A C   1 
ATOM   158 O O   . LEU A 1 27 ? 6.428   1.999   0.393   1.00 48.42  ? 478  LEU A O   1 
ATOM   159 C CB  . LEU A 1 27 ? 3.654   0.690   1.053   1.00 39.96  ? 478  LEU A CB  1 
ATOM   160 C CG  . LEU A 1 27 ? 3.906   -0.738  1.550   1.00 42.62  ? 478  LEU A CG  1 
ATOM   161 C CD1 . LEU A 1 27 ? 2.712   -1.592  1.187   1.00 42.65  ? 478  LEU A CD1 1 
ATOM   162 C CD2 . LEU A 1 27 ? 5.155   -1.348  0.949   1.00 44.64  ? 478  LEU A CD2 1 
ATOM   163 N N   . TRP A 1 28 ? 6.529   1.454   2.576   1.00 54.86  ? 479  TRP A N   1 
ATOM   164 C CA  . TRP A 1 28 ? 7.939   1.096   2.516   1.00 57.28  ? 479  TRP A CA  1 
ATOM   165 C C   . TRP A 1 28 ? 8.239   0.167   3.683   1.00 66.77  ? 479  TRP A C   1 
ATOM   166 O O   . TRP A 1 28 ? 7.420   -0.005  4.593   1.00 62.77  ? 479  TRP A O   1 
ATOM   167 C CB  . TRP A 1 28 ? 8.837   2.327   2.544   1.00 53.60  ? 479  TRP A CB  1 
ATOM   168 C CG  . TRP A 1 28 ? 8.932   2.946   3.881   1.00 56.64  ? 479  TRP A CG  1 
ATOM   169 C CD1 . TRP A 1 28 ? 9.776   2.580   4.887   1.00 64.13  ? 479  TRP A CD1 1 
ATOM   170 C CD2 . TRP A 1 28 ? 8.168   4.052   4.377   1.00 61.22  ? 479  TRP A CD2 1 
ATOM   171 N NE1 . TRP A 1 28 ? 9.583   3.389   5.984   1.00 74.46  ? 479  TRP A NE1 1 
ATOM   172 C CE2 . TRP A 1 28 ? 8.601   4.302   5.694   1.00 63.09  ? 479  TRP A CE2 1 
ATOM   173 C CE3 . TRP A 1 28 ? 7.159   4.857   3.838   1.00 60.60  ? 479  TRP A CE3 1 
ATOM   174 C CZ2 . TRP A 1 28 ? 8.065   5.317   6.475   1.00 67.63  ? 479  TRP A CZ2 1 
ATOM   175 C CZ3 . TRP A 1 28 ? 6.626   5.868   4.620   1.00 56.86  ? 479  TRP A CZ3 1 
ATOM   176 C CH2 . TRP A 1 28 ? 7.081   6.087   5.921   1.00 65.16  ? 479  TRP A CH2 1 
ATOM   177 N N   . VAL A 1 29 ? 9.435   -0.425  3.652   1.00 72.28  ? 480  VAL A N   1 
ATOM   178 C CA  . VAL A 1 29 ? 9.852   -1.424  4.633   1.00 72.35  ? 480  VAL A CA  1 
ATOM   179 C C   . VAL A 1 29 ? 11.008  -0.862  5.444   1.00 65.16  ? 480  VAL A C   1 
ATOM   180 O O   . VAL A 1 29 ? 11.892  -0.197  4.897   1.00 61.90  ? 480  VAL A O   1 
ATOM   181 C CB  . VAL A 1 29 ? 10.267  -2.758  3.974   1.00 67.31  ? 480  VAL A CB  1 
ATOM   182 C CG1 . VAL A 1 29 ? 10.604  -3.795  5.030   1.00 62.57  ? 480  VAL A CG1 1 
ATOM   183 C CG2 . VAL A 1 29 ? 9.177   -3.268  3.055   1.00 63.96  ? 480  VAL A CG2 1 
ATOM   184 N N   . GLU A 1 30 ? 10.992  -1.141  6.752   1.00 69.61  ? 481  GLU A N   1 
ATOM   185 C CA  . GLU A 1 30 ? 12.102  -0.833  7.643   1.00 77.08  ? 481  GLU A CA  1 
ATOM   186 C C   . GLU A 1 30 ? 12.687  -2.050  8.348   1.00 68.06  ? 481  GLU A C   1 
ATOM   187 O O   . GLU A 1 30 ? 13.822  -1.973  8.825   1.00 66.92  ? 481  GLU A O   1 
ATOM   188 C CB  . GLU A 1 30 ? 11.675  0.190   8.704   1.00 71.27  ? 481  GLU A CB  1 
ATOM   189 C CG  . GLU A 1 30 ? 10.199  0.154   9.017   1.00 75.67  ? 481  GLU A CG  1 
ATOM   190 C CD  . GLU A 1 30 ? 9.826   1.169   10.067  1.00 92.62  ? 481  GLU A CD  1 
ATOM   191 O OE1 . GLU A 1 30 ? 9.254   0.767   11.103  1.00 88.09  ? 481  GLU A OE1 1 
ATOM   192 O OE2 . GLU A 1 30 ? 10.118  2.369   9.859   1.00 90.74  ? 481  GLU A OE2 1 
ATOM   193 N N   . ASP A 1 31 ? 11.957  -3.156  8.433   1.00 66.46  ? 482  ASP A N   1 
ATOM   194 C CA  . ASP A 1 31 ? 12.492  -4.374  9.031   1.00 71.26  ? 482  ASP A CA  1 
ATOM   195 C C   . ASP A 1 31 ? 11.922  -5.589  8.309   1.00 65.48  ? 482  ASP A C   1 
ATOM   196 O O   . ASP A 1 31 ? 10.751  -5.925  8.507   1.00 65.47  ? 482  ASP A O   1 
ATOM   197 C CB  . ASP A 1 31 ? 12.169  -4.432  10.526  1.00 71.89  ? 482  ASP A CB  1 
ATOM   198 N N   . PRO A 1 32 ? 12.712  -6.276  7.457   1.00 72.21  ? 483  PRO A N   1 
ATOM   199 C CA  . PRO A 1 32 ? 12.145  -7.347  6.617   1.00 65.87  ? 483  PRO A CA  1 
ATOM   200 C C   . PRO A 1 32 ? 11.934  -8.664  7.346   1.00 64.37  ? 483  PRO A C   1 
ATOM   201 O O   . PRO A 1 32 ? 11.674  -9.692  6.710   1.00 63.08  ? 483  PRO A O   1 
ATOM   202 C CB  . PRO A 1 32 ? 13.182  -7.496  5.498   1.00 62.58  ? 483  PRO A CB  1 
ATOM   203 C CG  . PRO A 1 32 ? 14.451  -7.057  6.122   1.00 64.10  ? 483  PRO A CG  1 
ATOM   204 C CD  . PRO A 1 32 ? 14.104  -5.966  7.091   1.00 64.06  ? 483  PRO A CD  1 
ATOM   205 N N   . LYS A 1 33 ? 12.048  -8.643  8.673   1.00 69.49  ? 484  LYS A N   1 
ATOM   206 C CA  . LYS A 1 33 ? 11.857  -9.835  9.496   1.00 69.97  ? 484  LYS A CA  1 
ATOM   207 C C   . LYS A 1 33 ? 10.479  -10.459 9.296   1.00 72.79  ? 484  LYS A C   1 
ATOM   208 O O   . LYS A 1 33 ? 10.364  -11.582 8.801   1.00 74.17  ? 484  LYS A O   1 
ATOM   209 C CB  . LYS A 1 33 ? 12.056  -9.494  10.975  1.00 76.36  ? 484  LYS A CB  1 
ATOM   210 N N   . ASP A 1 41 ? 12.969  -2.596  -4.368  1.00 86.53  ? 492  ASP A N   1 
ATOM   211 C CA  . ASP A 1 41 ? 13.965  -1.661  -4.875  1.00 80.87  ? 492  ASP A CA  1 
ATOM   212 C C   . ASP A 1 41 ? 14.581  -0.849  -3.738  1.00 90.08  ? 492  ASP A C   1 
ATOM   213 O O   . ASP A 1 41 ? 15.408  0.044   -3.980  1.00 92.22  ? 492  ASP A O   1 
ATOM   214 C CB  . ASP A 1 41 ? 13.340  -0.724  -5.909  1.00 79.93  ? 492  ASP A CB  1 
ATOM   215 N N   . ASN A 1 42 ? 14.177  -1.172  -2.503  1.00 91.01  ? 493  ASN A N   1 
ATOM   216 C CA  . ASN A 1 42 ? 14.593  -0.442  -1.302  1.00 84.20  ? 493  ASN A CA  1 
ATOM   217 C C   . ASN A 1 42 ? 14.192  1.037   -1.401  1.00 86.95  ? 493  ASN A C   1 
ATOM   218 O O   . ASN A 1 42 ? 15.031  1.949   -1.354  1.00 83.22  ? 493  ASN A O   1 
ATOM   219 C CB  . ASN A 1 42 ? 16.100  -0.601  -1.047  1.00 77.68  ? 493  ASN A CB  1 
ATOM   220 N N   . GLY A 1 43 ? 12.876  1.253   -1.545  1.00 73.78  ? 494  GLY A N   1 
ATOM   221 C CA  . GLY A 1 43 ? 12.300  2.582   -1.674  1.00 66.31  ? 494  GLY A CA  1 
ATOM   222 C C   . GLY A 1 43 ? 10.859  2.681   -1.210  1.00 59.12  ? 494  GLY A C   1 
ATOM   223 O O   . GLY A 1 43 ? 10.385  1.805   -0.483  1.00 58.16  ? 494  GLY A O   1 
ATOM   224 N N   . ALA A 1 44 ? 10.156  3.741   -1.624  1.00 57.23  ? 495  ALA A N   1 
ATOM   225 C CA  . ALA A 1 44 ? 8.796   4.031   -1.177  1.00 56.06  ? 495  ALA A CA  1 
ATOM   226 C C   . ALA A 1 44 ? 7.801   3.909   -2.326  1.00 50.16  ? 495  ALA A C   1 
ATOM   227 O O   . ALA A 1 44 ? 7.980   4.521   -3.379  1.00 52.16  ? 495  ALA A O   1 
ATOM   228 C CB  . ALA A 1 44 ? 8.702   5.438   -0.572  1.00 57.55  ? 495  ALA A CB  1 
ATOM   229 N N   . ILE A 1 45 ? 6.734   3.142   -2.110  1.00 42.24  ? 496  ILE A N   1 
ATOM   230 C CA  . ILE A 1 45 ? 5.760   2.836   -3.149  1.00 37.61  ? 496  ILE A CA  1 
ATOM   231 C C   . ILE A 1 45 ? 4.484   3.615   -2.885  1.00 36.24  ? 496  ILE A C   1 
ATOM   232 O O   . ILE A 1 45 ? 3.829   3.404   -1.860  1.00 35.68  ? 496  ILE A O   1 
ATOM   233 C CB  . ILE A 1 45 ? 5.470   1.328   -3.213  1.00 41.47  ? 496  ILE A CB  1 
ATOM   234 C CG1 . ILE A 1 45 ? 6.780   0.538   -3.169  1.00 40.04  ? 496  ILE A CG1 1 
ATOM   235 C CG2 . ILE A 1 45 ? 4.685   0.988   -4.480  1.00 38.42  ? 496  ILE A CG2 1 
ATOM   236 C CD1 . ILE A 1 45 ? 6.572   -0.948  -3.073  1.00 46.37  ? 496  ILE A CD1 1 
ATOM   237 N N   . GLU A 1 46 ? 4.106   4.471   -3.829  1.00 33.16  ? 497  GLU A N   1 
ATOM   238 C CA  . GLU A 1 46 ? 2.905   5.290   -3.739  1.00 35.51  ? 497  GLU A CA  1 
ATOM   239 C C   . GLU A 1 46 ? 1.824   4.735   -4.670  1.00 34.67  ? 497  GLU A C   1 
ATOM   240 O O   . GLU A 1 46 ? 2.094   4.423   -5.833  1.00 28.56  ? 497  GLU A O   1 
ATOM   241 C CB  . GLU A 1 46 ? 3.233   6.748   -4.072  1.00 35.82  ? 497  GLU A CB  1 
ATOM   242 C CG  . GLU A 1 46 ? 2.129   7.745   -3.771  1.00 46.89  ? 497  GLU A CG  1 
ATOM   243 C CD  . GLU A 1 46 ? 2.624   9.196   -3.841  1.00 65.85  ? 497  GLU A CD  1 
ATOM   244 O OE1 . GLU A 1 46 ? 3.666   9.510   -3.204  1.00 57.90  ? 497  GLU A OE1 1 
ATOM   245 O OE2 . GLU A 1 46 ? 1.970   10.023  -4.525  1.00 67.75  ? 497  GLU A OE2 1 
ATOM   246 N N   . PHE A 1 47 ? 0.600   4.629   -4.157  1.00 32.62  ? 498  PHE A N   1 
ATOM   247 C CA  . PHE A 1 47 ? -0.502  4.014   -4.890  1.00 36.29  ? 498  PHE A CA  1 
ATOM   248 C C   . PHE A 1 47 ? -1.815  4.530   -4.330  1.00 38.06  ? 498  PHE A C   1 
ATOM   249 O O   . PHE A 1 47 ? -1.860  5.091   -3.238  1.00 34.37  ? 498  PHE A O   1 
ATOM   250 C CB  . PHE A 1 47 ? -0.474  2.486   -4.788  1.00 36.19  ? 498  PHE A CB  1 
ATOM   251 C CG  . PHE A 1 47 ? -0.652  1.979   -3.387  1.00 33.86  ? 498  PHE A CG  1 
ATOM   252 C CD1 . PHE A 1 47 ? 0.397   2.028   -2.489  1.00 36.43  ? 498  PHE A CD1 1 
ATOM   253 C CD2 . PHE A 1 47 ? -1.852  1.465   -2.968  1.00 32.72  ? 498  PHE A CD2 1 
ATOM   254 C CE1 . PHE A 1 47 ? 0.255   1.577   -1.201  1.00 37.52  ? 498  PHE A CE1 1 
ATOM   255 C CE2 . PHE A 1 47 ? -2.001  1.003   -1.683  1.00 35.77  ? 498  PHE A CE2 1 
ATOM   256 C CZ  . PHE A 1 47 ? -0.940  1.057   -0.794  1.00 35.99  ? 498  PHE A CZ  1 
ATOM   257 N N   . THR A 1 48 ? -2.885  4.314   -5.085  1.00 41.15  ? 499  THR A N   1 
ATOM   258 C CA  . THR A 1 48 ? -4.224  4.701   -4.677  1.00 40.75  ? 499  THR A CA  1 
ATOM   259 C C   . THR A 1 48 ? -4.973  3.473   -4.201  1.00 44.51  ? 499  THR A C   1 
ATOM   260 O O   . THR A 1 48 ? -4.713  2.356   -4.655  1.00 46.95  ? 499  THR A O   1 
ATOM   261 C CB  . THR A 1 48 ? -5.003  5.346   -5.821  1.00 41.83  ? 499  THR A CB  1 
ATOM   262 O OG1 . THR A 1 48 ? -5.003  4.461   -6.948  1.00 56.60  ? 499  THR A OG1 1 
ATOM   263 C CG2 . THR A 1 48 ? -4.385  6.660   -6.222  1.00 40.67  ? 499  THR A CG2 1 
ATOM   264 N N   . PHE A 1 49 ? -5.916  3.692   -3.286  1.00 50.28  ? 500  PHE A N   1 
ATOM   265 C CA  . PHE A 1 49 ? -6.690  2.601   -2.704  1.00 58.37  ? 500  PHE A CA  1 
ATOM   266 C C   . PHE A 1 49 ? -8.145  3.023   -2.564  1.00 63.85  ? 500  PHE A C   1 
ATOM   267 O O   . PHE A 1 49 ? -8.437  4.057   -1.951  1.00 65.56  ? 500  PHE A O   1 
ATOM   268 C CB  . PHE A 1 49 ? -6.114  2.190   -1.350  1.00 51.28  ? 500  PHE A CB  1 
ATOM   269 C CG  . PHE A 1 49 ? -6.725  0.952   -0.796  1.00 52.79  ? 500  PHE A CG  1 
ATOM   270 C CD1 . PHE A 1 49 ? -6.174  -0.284  -1.058  1.00 52.08  ? 500  PHE A CD1 1 
ATOM   271 C CD2 . PHE A 1 49 ? -7.871  1.026   -0.006  1.00 61.34  ? 500  PHE A CD2 1 
ATOM   272 C CE1 . PHE A 1 49 ? -6.760  -1.432  -0.531  1.00 56.24  ? 500  PHE A CE1 1 
ATOM   273 C CE2 . PHE A 1 49 ? -8.462  -0.110  0.517   1.00 51.71  ? 500  PHE A CE2 1 
ATOM   274 C CZ  . PHE A 1 49 ? -7.908  -1.337  0.260   1.00 49.11  ? 500  PHE A CZ  1 
ATOM   275 N N   . ASP A 1 50 ? -9.047  2.207   -3.119  1.00 64.98  ? 501  ASP A N   1 
ATOM   276 C CA  . ASP A 1 50 ? -10.491 2.382   -2.994  1.00 67.66  ? 501  ASP A CA  1 
ATOM   277 C C   . ASP A 1 50 ? -10.980 1.618   -1.767  1.00 65.66  ? 501  ASP A C   1 
ATOM   278 O O   . ASP A 1 50 ? -10.845 0.392   -1.700  1.00 60.98  ? 501  ASP A O   1 
ATOM   279 C CB  . ASP A 1 50 ? -11.194 1.888   -4.260  1.00 76.81  ? 501  ASP A CB  1 
ATOM   280 C CG  . ASP A 1 50 ? -12.685 2.177   -4.263  1.00 82.38  ? 501  ASP A CG  1 
ATOM   281 O OD1 . ASP A 1 50 ? -13.432 1.534   -3.496  1.00 77.96  ? 501  ASP A OD1 1 
ATOM   282 O OD2 . ASP A 1 50 ? -13.108 3.061   -5.035  1.00 89.76  ? 501  ASP A OD2 1 
ATOM   283 N N   . LEU A 1 51 ? -11.558 2.341   -0.806  1.00 74.87  ? 502  LEU A N   1 
ATOM   284 C CA  . LEU A 1 51 ? -11.863 1.744   0.494   1.00 69.97  ? 502  LEU A CA  1 
ATOM   285 C C   . LEU A 1 51 ? -13.077 0.823   0.426   1.00 74.44  ? 502  LEU A C   1 
ATOM   286 O O   . LEU A 1 51 ? -13.089 -0.238  1.062   1.00 72.88  ? 502  LEU A O   1 
ATOM   287 C CB  . LEU A 1 51 ? -12.063 2.850   1.525   1.00 63.15  ? 502  LEU A CB  1 
ATOM   288 C CG  . LEU A 1 51 ? -10.822 3.747   1.580   1.00 64.52  ? 502  LEU A CG  1 
ATOM   289 C CD1 . LEU A 1 51 ? -11.146 5.219   1.777   1.00 63.31  ? 502  LEU A CD1 1 
ATOM   290 C CD2 . LEU A 1 51 ? -9.889  3.271   2.661   1.00 61.79  ? 502  LEU A CD2 1 
ATOM   291 N N   . GLU A 1 52 ? -14.093 1.197   -0.354  1.00 79.44  ? 503  GLU A N   1 
ATOM   292 C CA  . GLU A 1 52 ? -15.308 0.402   -0.471  1.00 77.82  ? 503  GLU A CA  1 
ATOM   293 C C   . GLU A 1 52 ? -15.209 -0.720  -1.496  1.00 79.34  ? 503  GLU A C   1 
ATOM   294 O O   . GLU A 1 52 ? -16.026 -1.646  -1.448  1.00 78.20  ? 503  GLU A O   1 
ATOM   295 C CB  . GLU A 1 52 ? -16.492 1.305   -0.829  1.00 75.99  ? 503  GLU A CB  1 
ATOM   296 C CG  . GLU A 1 52 ? -16.342 2.005   -2.162  1.00 80.32  ? 503  GLU A CG  1 
ATOM   297 C CD  . GLU A 1 52 ? -17.190 3.254   -2.257  1.00 82.23  ? 503  GLU A CD  1 
ATOM   298 O OE1 . GLU A 1 52 ? -17.961 3.520   -1.315  1.00 83.37  ? 503  GLU A OE1 1 
ATOM   299 O OE2 . GLU A 1 52 ? -17.069 3.981   -3.266  1.00 84.83  ? 503  GLU A OE2 1 
ATOM   300 N N   . LYS A 1 53 ? -14.239 -0.669  -2.414  1.00 75.19  ? 504  LYS A N   1 
ATOM   301 C CA  . LYS A 1 53 ? -14.128 -1.660  -3.480  1.00 78.40  ? 504  LYS A CA  1 
ATOM   302 C C   . LYS A 1 53 ? -12.855 -2.493  -3.387  1.00 79.52  ? 504  LYS A C   1 
ATOM   303 O O   . LYS A 1 53 ? -12.934 -3.723  -3.326  1.00 81.47  ? 504  LYS A O   1 
ATOM   304 C CB  . LYS A 1 53 ? -14.219 -0.986  -4.860  1.00 78.07  ? 504  LYS A CB  1 
ATOM   305 C CG  . LYS A 1 53 ? -15.570 -0.378  -5.178  1.00 84.64  ? 504  LYS A CG  1 
ATOM   306 C CD  . LYS A 1 53 ? -15.663 0.004   -6.652  1.00 80.62  ? 504  LYS A CD  1 
ATOM   307 C CE  . LYS A 1 53 ? -14.978 1.330   -6.943  1.00 75.51  ? 504  LYS A CE  1 
ATOM   308 N NZ  . LYS A 1 53 ? -15.333 1.834   -8.301  1.00 71.50  ? 504  LYS A NZ  1 
ATOM   309 N N   . GLU A 1 54 ? -11.676 -1.872  -3.395  1.00 76.28  ? 505  GLU A N   1 
ATOM   310 C CA  . GLU A 1 54 ? -10.440 -2.646  -3.461  1.00 69.94  ? 505  GLU A CA  1 
ATOM   311 C C   . GLU A 1 54 ? -10.098 -3.265  -2.102  1.00 66.80  ? 505  GLU A C   1 
ATOM   312 O O   . GLU A 1 54 ? -10.506 -2.784  -1.039  1.00 66.04  ? 505  GLU A O   1 
ATOM   313 C CB  . GLU A 1 54 ? -9.273  -1.779  -3.950  1.00 65.68  ? 505  GLU A CB  1 
ATOM   314 C CG  . GLU A 1 54 ? -9.347  -1.358  -5.405  1.00 61.45  ? 505  GLU A CG  1 
ATOM   315 C CD  . GLU A 1 54 ? -8.443  -0.169  -5.706  1.00 65.54  ? 505  GLU A CD  1 
ATOM   316 O OE1 . GLU A 1 54 ? -7.810  0.356   -4.760  1.00 63.72  ? 505  GLU A OE1 1 
ATOM   317 O OE2 . GLU A 1 54 ? -8.358  0.257   -6.882  1.00 62.53  ? 505  GLU A OE2 1 
ATOM   318 N N   . THR A 1 55 ? -9.314  -4.343  -2.157  1.00 59.65  ? 506  THR A N   1 
ATOM   319 C CA  . THR A 1 55 ? -8.887  -5.166  -1.040  1.00 55.81  ? 506  THR A CA  1 
ATOM   320 C C   . THR A 1 55 ? -7.416  -4.924  -0.736  1.00 54.37  ? 506  THR A C   1 
ATOM   321 O O   . THR A 1 55 ? -6.627  -4.688  -1.658  1.00 59.22  ? 506  THR A O   1 
ATOM   322 C CB  . THR A 1 55 ? -9.108  -6.660  -1.362  1.00 60.93  ? 506  THR A CB  1 
ATOM   323 O OG1 . THR A 1 55 ? -10.513 -6.929  -1.451  1.00 73.53  ? 506  THR A OG1 1 
ATOM   324 C CG2 . THR A 1 55 ? -8.512  -7.569  -0.312  1.00 53.60  ? 506  THR A CG2 1 
ATOM   325 N N   . PRO A 1 56 ? -7.016  -4.943  0.536   1.00 50.00  ? 507  PRO A N   1 
ATOM   326 C CA  . PRO A 1 56 ? -5.574  -4.948  0.845   1.00 52.23  ? 507  PRO A CA  1 
ATOM   327 C C   . PRO A 1 56 ? -4.839  -6.174  0.306   1.00 54.55  ? 507  PRO A C   1 
ATOM   328 O O   . PRO A 1 56 ? -3.634  -6.099  0.021   1.00 47.73  ? 507  PRO A O   1 
ATOM   329 C CB  . PRO A 1 56 ? -5.552  -4.899  2.378   1.00 47.40  ? 507  PRO A CB  1 
ATOM   330 C CG  . PRO A 1 56 ? -6.856  -4.261  2.752   1.00 47.43  ? 507  PRO A CG  1 
ATOM   331 C CD  . PRO A 1 56 ? -7.848  -4.705  1.726   1.00 47.11  ? 507  PRO A CD  1 
ATOM   332 N N   . ASP A 1 57 ? -5.531  -7.311  0.171   1.00 53.23  ? 508  ASP A N   1 
ATOM   333 C CA  . ASP A 1 57 ? -4.905  -8.500  -0.394  1.00 53.33  ? 508  ASP A CA  1 
ATOM   334 C C   . ASP A 1 57 ? -4.726  -8.368  -1.900  1.00 48.12  ? 508  ASP A C   1 
ATOM   335 O O   . ASP A 1 57 ? -3.769  -8.918  -2.455  1.00 43.08  ? 508  ASP A O   1 
ATOM   336 C CB  . ASP A 1 57 ? -5.735  -9.748  -0.057  1.00 63.91  ? 508  ASP A CB  1 
ATOM   337 C CG  . ASP A 1 57 ? -5.578  -10.198 1.401   1.00 66.85  ? 508  ASP A CG  1 
ATOM   338 O OD1 . ASP A 1 57 ? -6.283  -9.643  2.280   1.00 68.35  ? 508  ASP A OD1 1 
ATOM   339 O OD2 . ASP A 1 57 ? -4.756  -11.110 1.664   1.00 57.62  ? 508  ASP A OD2 1 
ATOM   340 N N   . GLU A 1 58 ? -5.631  -7.640  -2.568  1.00 47.44  ? 509  GLU A N   1 
ATOM   341 C CA  . GLU A 1 58 ? -5.531  -7.419  -4.013  1.00 48.17  ? 509  GLU A CA  1 
ATOM   342 C C   . GLU A 1 58 ? -4.319  -6.560  -4.364  1.00 48.42  ? 509  GLU A C   1 
ATOM   343 O O   . GLU A 1 58 ? -3.517  -6.902  -5.250  1.00 40.52  ? 509  GLU A O   1 
ATOM   344 C CB  . GLU A 1 58 ? -6.803  -6.744  -4.523  1.00 47.59  ? 509  GLU A CB  1 
ATOM   345 C CG  . GLU A 1 58 ? -8.017  -7.618  -4.570  1.00 65.17  ? 509  GLU A CG  1 
ATOM   346 C CD  . GLU A 1 58 ? -9.085  -7.019  -5.456  1.00 83.00  ? 509  GLU A CD  1 
ATOM   347 O OE1 . GLU A 1 58 ? -9.382  -7.621  -6.512  1.00 91.55  ? 509  GLU A OE1 1 
ATOM   348 O OE2 . GLU A 1 58 ? -9.602  -5.931  -5.105  1.00 78.78  ? 509  GLU A OE2 1 
ATOM   349 N N   . VAL A 1 59 ? -4.211  -5.405  -3.705  1.00 44.95  ? 510  VAL A N   1 
ATOM   350 C CA  . VAL A 1 59 ? -3.052  -4.545  -3.851  1.00 41.67  ? 510  VAL A CA  1 
ATOM   351 C C   . VAL A 1 59 ? -1.775  -5.313  -3.545  1.00 40.09  ? 510  VAL A C   1 
ATOM   352 O O   . VAL A 1 59 ? -0.809  -5.249  -4.305  1.00 41.61  ? 510  VAL A O   1 
ATOM   353 C CB  . VAL A 1 59 ? -3.220  -3.316  -2.945  1.00 41.36  ? 510  VAL A CB  1 
ATOM   354 C CG1 . VAL A 1 59 ? -2.015  -2.403  -3.055  1.00 37.48  ? 510  VAL A CG1 1 
ATOM   355 C CG2 . VAL A 1 59 ? -4.510  -2.588  -3.291  1.00 42.26  ? 510  VAL A CG2 1 
ATOM   356 N N   . ALA A 1 60 ? -1.758  -6.065  -2.442  1.00 42.16  ? 511  ALA A N   1 
ATOM   357 C CA  . ALA A 1 60 ? -0.554  -6.788  -2.052  1.00 41.51  ? 511  ALA A CA  1 
ATOM   358 C C   . ALA A 1 60 ? -0.109  -7.736  -3.147  1.00 40.99  ? 511  ALA A C   1 
ATOM   359 O O   . ALA A 1 60 ? 1.072   -7.774  -3.513  1.00 44.33  ? 511  ALA A O   1 
ATOM   360 C CB  . ALA A 1 60 ? -0.808  -7.549  -0.757  1.00 49.20  ? 511  ALA A CB  1 
ATOM   361 N N   . GLN A 1 61 ? -1.040  -8.503  -3.694  1.00 42.19  ? 512  GLN A N   1 
ATOM   362 C CA  . GLN A 1 61 ? -0.694  -9.332  -4.839  1.00 48.96  ? 512  GLN A CA  1 
ATOM   363 C C   . GLN A 1 61 ? -0.075  -8.491  -5.960  1.00 48.09  ? 512  GLN A C   1 
ATOM   364 O O   . GLN A 1 61 ? 1.029   -8.785  -6.435  1.00 45.69  ? 512  GLN A O   1 
ATOM   365 C CB  . GLN A 1 61 ? -1.932  -10.094 -5.322  1.00 48.72  ? 512  GLN A CB  1 
ATOM   366 C CG  . GLN A 1 61 ? -2.011  -11.505 -4.772  1.00 49.25  ? 512  GLN A CG  1 
ATOM   367 C CD  . GLN A 1 61 ? -0.788  -12.327 -5.133  1.00 53.18  ? 512  GLN A CD  1 
ATOM   368 O OE1 . GLN A 1 61 ? -0.078  -12.836 -4.257  1.00 57.74  ? 512  GLN A OE1 1 
ATOM   369 N NE2 . GLN A 1 61 ? -0.525  -12.452 -6.430  1.00 51.37  ? 512  GLN A NE2 1 
ATOM   370 N N   . GLU A 1 62 ? -0.760  -7.426  -6.381  1.00 46.57  ? 513  GLU A N   1 
ATOM   371 C CA  . GLU A 1 62 ? -0.222  -6.589  -7.447  1.00 41.91  ? 513  GLU A CA  1 
ATOM   372 C C   . GLU A 1 62 ? 1.207   -6.164  -7.152  1.00 38.39  ? 513  GLU A C   1 
ATOM   373 O O   . GLU A 1 62 ? 2.071   -6.236  -8.027  1.00 39.95  ? 513  GLU A O   1 
ATOM   374 C CB  . GLU A 1 62 ? -1.126  -5.389  -7.652  1.00 37.45  ? 513  GLU A CB  1 
ATOM   375 C CG  . GLU A 1 62 ? -2.521  -5.796  -7.944  1.00 37.29  ? 513  GLU A CG  1 
ATOM   376 C CD  . GLU A 1 62 ? -3.374  -4.624  -8.277  1.00 46.98  ? 513  GLU A CD  1 
ATOM   377 O OE1 . GLU A 1 62 ? -3.675  -4.431  -9.475  1.00 55.44  ? 513  GLU A OE1 1 
ATOM   378 O OE2 . GLU A 1 62 ? -3.714  -3.878  -7.337  1.00 48.81  ? 513  GLU A OE2 1 
ATOM   379 N N   . MET A 1 63 ? 1.479   -5.730  -5.926  1.00 38.78  ? 514  MET A N   1 
ATOM   380 C CA  . MET A 1 63 ? 2.850   -5.411  -5.560  1.00 43.83  ? 514  MET A CA  1 
ATOM   381 C C   . MET A 1 63 ? 3.740   -6.641  -5.645  1.00 47.98  ? 514  MET A C   1 
ATOM   382 O O   . MET A 1 63 ? 4.959   -6.512  -5.839  1.00 44.98  ? 514  MET A O   1 
ATOM   383 C CB  . MET A 1 63 ? 2.903   -4.839  -4.150  1.00 43.32  ? 514  MET A CB  1 
ATOM   384 C CG  . MET A 1 63 ? 2.294   -3.467  -3.995  1.00 41.28  ? 514  MET A CG  1 
ATOM   385 S SD  . MET A 1 63 ? 2.317   -2.956  -2.275  1.00 40.03  ? 514  MET A SD  1 
ATOM   386 C CE  . MET A 1 63 ? 1.505   -1.370  -2.392  1.00 41.01  ? 514  MET A CE  1 
ATOM   387 N N   . ILE A 1 64 ? 3.153   -7.836  -5.484  1.00 47.18  ? 515  ILE A N   1 
ATOM   388 C CA  . ILE A 1 64 ? 3.897   -9.075  -5.725  1.00 50.23  ? 515  ILE A CA  1 
ATOM   389 C C   . ILE A 1 64 ? 4.188   -9.231  -7.214  1.00 46.20  ? 515  ILE A C   1 
ATOM   390 O O   . ILE A 1 64 ? 5.351   -9.268  -7.635  1.00 44.94  ? 515  ILE A O   1 
ATOM   391 C CB  . ILE A 1 64 ? 3.128   -10.289 -5.161  1.00 53.79  ? 515  ILE A CB  1 
ATOM   392 C CG1 . ILE A 1 64 ? 3.084   -10.243 -3.622  1.00 52.71  ? 515  ILE A CG1 1 
ATOM   393 C CG2 . ILE A 1 64 ? 3.681   -11.610 -5.712  1.00 61.40  ? 515  ILE A CG2 1 
ATOM   394 C CD1 . ILE A 1 64 ? 4.360   -9.760  -3.006  1.00 60.76  ? 515  ILE A CD1 1 
ATOM   395 N N   . GLU A 1 65 ? 3.135   -9.273  -8.034  1.00 44.71  ? 516  GLU A N   1 
ATOM   396 C CA  . GLU A 1 65 ? 3.247   -9.353  -9.489  1.00 44.51  ? 516  GLU A CA  1 
ATOM   397 C C   . GLU A 1 65 ? 3.928   -8.129  -10.122 1.00 48.35  ? 516  GLU A C   1 
ATOM   398 O O   . GLU A 1 65 ? 3.972   -8.026  -11.358 1.00 53.33  ? 516  GLU A O   1 
ATOM   399 C CB  . GLU A 1 65 ? 1.859   -9.546  -10.110 1.00 43.13  ? 516  GLU A CB  1 
ATOM   400 C CG  . GLU A 1 65 ? 1.244   -10.895 -9.847  1.00 45.70  ? 516  GLU A CG  1 
ATOM   401 C CD  . GLU A 1 65 ? -0.277  -10.875 -9.928  1.00 57.83  ? 516  GLU A CD  1 
ATOM   402 O OE1 . GLU A 1 65 ? -0.848  -10.148 -10.782 1.00 53.92  ? 516  GLU A OE1 1 
ATOM   403 O OE2 . GLU A 1 65 ? -0.906  -11.591 -9.119  1.00 56.46  ? 516  GLU A OE2 1 
ATOM   404 N N   . SER A 1 66 ? 4.441   -7.198  -9.320  1.00 42.03  ? 517  SER A N   1 
ATOM   405 C CA  . SER A 1 66 ? 5.159   -6.049  -9.828  1.00 37.97  ? 517  SER A CA  1 
ATOM   406 C C   . SER A 1 66 ? 6.611   -6.047  -9.394  1.00 42.48  ? 517  SER A C   1 
ATOM   407 O O   . SER A 1 66 ? 7.358   -5.141  -9.783  1.00 44.40  ? 517  SER A O   1 
ATOM   408 C CB  . SER A 1 66 ? 4.476   -4.763  -9.369  1.00 38.88  ? 517  SER A CB  1 
ATOM   409 O OG  . SER A 1 66 ? 3.175   -4.683  -9.924  1.00 38.83  ? 517  SER A OG  1 
ATOM   410 N N   . GLY A 1 67 ? 7.026   -7.026  -8.592  1.00 47.36  ? 518  GLY A N   1 
ATOM   411 C CA  . GLY A 1 67 ? 8.422   -7.177  -8.222  1.00 46.62  ? 518  GLY A CA  1 
ATOM   412 C C   . GLY A 1 67 ? 8.857   -6.354  -7.035  1.00 49.25  ? 518  GLY A C   1 
ATOM   413 O O   . GLY A 1 67 ? 9.939   -5.752  -7.059  1.00 51.73  ? 518  GLY A O   1 
ATOM   414 N N   . PHE A 1 68 ? 8.042   -6.301  -5.990  1.00 53.41  ? 519  PHE A N   1 
ATOM   415 C CA  . PHE A 1 68 ? 8.418   -5.612  -4.768  1.00 52.68  ? 519  PHE A CA  1 
ATOM   416 C C   . PHE A 1 68 ? 8.728   -6.581  -3.627  1.00 52.50  ? 519  PHE A C   1 
ATOM   417 O O   . PHE A 1 68 ? 9.700   -6.365  -2.896  1.00 54.01  ? 519  PHE A O   1 
ATOM   418 C CB  . PHE A 1 68 ? 7.308   -4.615  -4.376  1.00 50.94  ? 519  PHE A CB  1 
ATOM   419 C CG  . PHE A 1 68 ? 7.063   -3.509  -5.403  1.00 41.84  ? 519  PHE A CG  1 
ATOM   420 C CD1 . PHE A 1 68 ? 8.072   -2.642  -5.761  1.00 44.72  ? 519  PHE A CD1 1 
ATOM   421 C CD2 . PHE A 1 68 ? 5.807   -3.310  -5.959  1.00 42.76  ? 519  PHE A CD2 1 
ATOM   422 C CE1 . PHE A 1 68 ? 7.850   -1.624  -6.675  1.00 42.13  ? 519  PHE A CE1 1 
ATOM   423 C CE2 . PHE A 1 68 ? 5.586   -2.289  -6.873  1.00 36.75  ? 519  PHE A CE2 1 
ATOM   424 C CZ  . PHE A 1 68 ? 6.611   -1.448  -7.228  1.00 37.02  ? 519  PHE A CZ  1 
ATOM   425 N N   . PHE A 1 69 ? 7.965   -7.679  -3.486  1.00 55.70  ? 520  PHE A N   1 
ATOM   426 C CA  . PHE A 1 69 ? 8.146   -8.656  -2.402  1.00 66.17  ? 520  PHE A CA  1 
ATOM   427 C C   . PHE A 1 69 ? 7.871   -10.057 -2.924  1.00 59.79  ? 520  PHE A C   1 
ATOM   428 O O   . PHE A 1 69 ? 7.386   -10.237 -4.044  1.00 58.48  ? 520  PHE A O   1 
ATOM   429 C CB  . PHE A 1 69 ? 7.218   -8.392  -1.206  1.00 67.82  ? 520  PHE A CB  1 
ATOM   430 C CG  . PHE A 1 69 ? 7.103   -6.953  -0.851  1.00 69.54  ? 520  PHE A CG  1 
ATOM   431 C CD1 . PHE A 1 69 ? 8.148   -6.309  -0.200  1.00 65.67  ? 520  PHE A CD1 1 
ATOM   432 C CD2 . PHE A 1 69 ? 5.969   -6.230  -1.192  1.00 61.45  ? 520  PHE A CD2 1 
ATOM   433 C CE1 . PHE A 1 69 ? 8.067   -4.965  0.116   1.00 63.61  ? 520  PHE A CE1 1 
ATOM   434 C CE2 . PHE A 1 69 ? 5.875   -4.885  -0.881  1.00 58.19  ? 520  PHE A CE2 1 
ATOM   435 C CZ  . PHE A 1 69 ? 6.929   -4.249  -0.223  1.00 61.13  ? 520  PHE A CZ  1 
ATOM   436 N N   . HIS A 1 70 ? 8.139   -11.057 -2.084  1.00 63.13  ? 521  HIS A N   1 
ATOM   437 C CA  . HIS A 1 70 ? 8.013   -12.419 -2.575  1.00 64.90  ? 521  HIS A CA  1 
ATOM   438 C C   . HIS A 1 70 ? 6.557   -12.865 -2.611  1.00 69.88  ? 521  HIS A C   1 
ATOM   439 O O   . HIS A 1 70 ? 5.701   -12.348 -1.886  1.00 71.92  ? 521  HIS A O   1 
ATOM   440 C CB  . HIS A 1 70 ? 8.814   -13.418 -1.744  1.00 66.16  ? 521  HIS A CB  1 
ATOM   441 C CG  . HIS A 1 70 ? 8.958   -14.744 -2.427  1.00 80.82  ? 521  HIS A CG  1 
ATOM   442 N ND1 . HIS A 1 70 ? 8.374   -15.901 -1.956  1.00 81.29  ? 521  HIS A ND1 1 
ATOM   443 C CD2 . HIS A 1 70 ? 9.557   -15.075 -3.597  1.00 79.92  ? 521  HIS A CD2 1 
ATOM   444 C CE1 . HIS A 1 70 ? 8.649   -16.896 -2.783  1.00 79.64  ? 521  HIS A CE1 1 
ATOM   445 N NE2 . HIS A 1 70 ? 9.360   -16.420 -3.789  1.00 76.99  ? 521  HIS A NE2 1 
ATOM   446 N N   . GLU A 1 71 ? 6.299   -13.872 -3.458  1.00 74.50  ? 522  GLU A N   1 
ATOM   447 C CA  . GLU A 1 71 ? 4.932   -14.288 -3.767  1.00 73.41  ? 522  GLU A CA  1 
ATOM   448 C C   . GLU A 1 71 ? 4.169   -14.703 -2.514  1.00 69.23  ? 522  GLU A C   1 
ATOM   449 O O   . GLU A 1 71 ? 2.985   -14.375 -2.364  1.00 63.50  ? 522  GLU A O   1 
ATOM   450 C CB  . GLU A 1 71 ? 4.957   -15.424 -4.802  1.00 77.02  ? 522  GLU A CB  1 
ATOM   451 C CG  . GLU A 1 71 ? 5.880   -16.598 -4.461  1.00 73.98  ? 522  GLU A CG  1 
ATOM   452 C CD  . GLU A 1 71 ? 5.112   -17.830 -4.039  1.00 75.76  ? 522  GLU A CD  1 
ATOM   453 O OE1 . GLU A 1 71 ? 3.886   -17.848 -4.267  1.00 80.34  ? 522  GLU A OE1 1 
ATOM   454 O OE2 . GLU A 1 71 ? 5.727   -18.766 -3.482  1.00 73.79  ? 522  GLU A OE2 1 
ATOM   455 N N   . SER A 1 72 ? 4.832   -15.412 -1.603  1.00 67.20  ? 523  SER A N   1 
ATOM   456 C CA  . SER A 1 72 ? 4.224   -15.857 -0.359  1.00 66.80  ? 523  SER A CA  1 
ATOM   457 C C   . SER A 1 72 ? 4.357   -14.836 0.760   1.00 67.37  ? 523  SER A C   1 
ATOM   458 O O   . SER A 1 72 ? 3.887   -15.095 1.872   1.00 72.98  ? 523  SER A O   1 
ATOM   459 C CB  . SER A 1 72 ? 4.838   -17.189 0.086   1.00 73.57  ? 523  SER A CB  1 
ATOM   460 O OG  . SER A 1 72 ? 3.942   -17.907 0.916   1.00 89.21  ? 523  SER A OG  1 
ATOM   461 N N   . ASP A 1 73 ? 4.991   -13.694 0.505   1.00 65.07  ? 524  ASP A N   1 
ATOM   462 C CA  . ASP A 1 73 ? 4.944   -12.571 1.429   1.00 61.30  ? 524  ASP A CA  1 
ATOM   463 C C   . ASP A 1 73 ? 3.745   -11.656 1.166   1.00 64.50  ? 524  ASP A C   1 
ATOM   464 O O   . ASP A 1 73 ? 3.807   -10.452 1.448   1.00 65.44  ? 524  ASP A O   1 
ATOM   465 C CB  . ASP A 1 73 ? 6.265   -11.798 1.378   1.00 60.87  ? 524  ASP A CB  1 
ATOM   466 C CG  . ASP A 1 73 ? 7.449   -12.614 1.919   1.00 62.86  ? 524  ASP A CG  1 
ATOM   467 O OD1 . ASP A 1 73 ? 7.346   -13.856 2.006   1.00 64.07  ? 524  ASP A OD1 1 
ATOM   468 O OD2 . ASP A 1 73 ? 8.488   -12.008 2.269   1.00 65.04  ? 524  ASP A OD2 1 
ATOM   469 N N   . VAL A 1 74 ? 2.642   -12.208 0.657   1.00 57.35  ? 525  VAL A N   1 
ATOM   470 C CA  . VAL A 1 74 ? 1.472   -11.407 0.301   1.00 61.11  ? 525  VAL A CA  1 
ATOM   471 C C   . VAL A 1 74 ? 0.599   -11.097 1.522   1.00 63.33  ? 525  VAL A C   1 
ATOM   472 O O   . VAL A 1 74 ? 0.228   -9.941  1.738   1.00 60.81  ? 525  VAL A O   1 
ATOM   473 C CB  . VAL A 1 74 ? 0.666   -12.099 -0.828  1.00 59.56  ? 525  VAL A CB  1 
ATOM   474 C CG1 . VAL A 1 74 ? 0.391   -13.572 -0.516  1.00 62.93  ? 525  VAL A CG1 1 
ATOM   475 C CG2 . VAL A 1 74 ? -0.643  -11.358 -1.091  1.00 56.66  ? 525  VAL A CG2 1 
ATOM   476 N N   . LYS A 1 75 ? 0.263   -12.098 2.353   1.00 64.22  ? 526  LYS A N   1 
ATOM   477 C CA  . LYS A 1 75 ? -0.591  -11.847 3.517   1.00 65.97  ? 526  LYS A CA  1 
ATOM   478 C C   . LYS A 1 75 ? 0.003   -10.798 4.447   1.00 62.96  ? 526  LYS A C   1 
ATOM   479 O O   . LYS A 1 75 ? -0.742  -10.053 5.094   1.00 58.86  ? 526  LYS A O   1 
ATOM   480 C CB  . LYS A 1 75 ? -0.833  -13.138 4.310   1.00 71.79  ? 526  LYS A CB  1 
ATOM   481 C CG  . LYS A 1 75 ? -2.241  -13.725 4.184   1.00 67.21  ? 526  LYS A CG  1 
ATOM   482 C CD  . LYS A 1 75 ? -2.553  -14.065 2.741   1.00 65.51  ? 526  LYS A CD  1 
ATOM   483 C CE  . LYS A 1 75 ? -3.965  -14.574 2.591   1.00 65.79  ? 526  LYS A CE  1 
ATOM   484 N NZ  . LYS A 1 75 ? -4.316  -14.672 1.156   1.00 71.79  ? 526  LYS A NZ  1 
ATOM   485 N N   . ILE A 1 76 ? 1.337   -10.728 4.532   1.00 66.67  ? 527  ILE A N   1 
ATOM   486 C CA  . ILE A 1 76 ? 1.995   -9.785  5.437   1.00 59.95  ? 527  ILE A CA  1 
ATOM   487 C C   . ILE A 1 76 ? 1.837   -8.358  4.933   1.00 65.05  ? 527  ILE A C   1 
ATOM   488 O O   . ILE A 1 76 ? 1.561   -7.435  5.709   1.00 63.60  ? 527  ILE A O   1 
ATOM   489 C CB  . ILE A 1 76 ? 3.486   -10.136 5.603   1.00 61.01  ? 527  ILE A CB  1 
ATOM   490 C CG1 . ILE A 1 76 ? 3.679   -11.615 5.970   1.00 71.71  ? 527  ILE A CG1 1 
ATOM   491 C CG2 . ILE A 1 76 ? 4.148   -9.191  6.615   1.00 64.12  ? 527  ILE A CG2 1 
ATOM   492 C CD1 . ILE A 1 76 ? 3.875   -12.537 4.775   1.00 61.77  ? 527  ILE A CD1 1 
ATOM   493 N N   . VAL A 1 77 ? 2.064   -8.144  3.634   1.00 68.25  ? 528  VAL A N   1 
ATOM   494 C CA  . VAL A 1 77 ? 1.920   -6.800  3.087   1.00 60.66  ? 528  VAL A CA  1 
ATOM   495 C C   . VAL A 1 77 ? 0.451   -6.431  3.003   1.00 51.60  ? 528  VAL A C   1 
ATOM   496 O O   . VAL A 1 77 ? 0.086   -5.263  3.195   1.00 49.82  ? 528  VAL A O   1 
ATOM   497 C CB  . VAL A 1 77 ? 2.614   -6.705  1.714   1.00 60.35  ? 528  VAL A CB  1 
ATOM   498 C CG1 . VAL A 1 77 ? 2.248   -5.404  1.016   1.00 58.23  ? 528  VAL A CG1 1 
ATOM   499 C CG2 . VAL A 1 77 ? 4.114   -6.817  1.871   1.00 55.35  ? 528  VAL A CG2 1 
ATOM   500 N N   . ALA A 1 78 ? -0.409  -7.415  2.726   1.00 45.50  ? 529  ALA A N   1 
ATOM   501 C CA  . ALA A 1 78 ? -1.842  -7.165  2.698   1.00 52.00  ? 529  ALA A CA  1 
ATOM   502 C C   . ALA A 1 78 ? -2.327  -6.622  4.036   1.00 54.79  ? 529  ALA A C   1 
ATOM   503 O O   . ALA A 1 78 ? -3.132  -5.683  4.076   1.00 50.93  ? 529  ALA A O   1 
ATOM   504 C CB  . ALA A 1 78 ? -2.594  -8.446  2.335   1.00 56.22  ? 529  ALA A CB  1 
ATOM   505 N N   . LYS A 1 79 ? -1.840  -7.187  5.148   1.00 61.48  ? 530  LYS A N   1 
ATOM   506 C CA  . LYS A 1 79 ? -2.279  -6.713  6.458   1.00 59.76  ? 530  LYS A CA  1 
ATOM   507 C C   . LYS A 1 79 ? -1.714  -5.328  6.755   1.00 56.06  ? 530  LYS A C   1 
ATOM   508 O O   . LYS A 1 79 ? -2.425  -4.473  7.295   1.00 54.24  ? 530  LYS A O   1 
ATOM   509 C CB  . LYS A 1 79 ? -1.897  -7.712  7.557   1.00 55.03  ? 530  LYS A CB  1 
ATOM   510 N N   . SER A 1 80 ? -0.449  -5.072  6.390   1.00 51.14  ? 531  SER A N   1 
ATOM   511 C CA  . SER A 1 80 ? 0.144   -3.758  6.651   1.00 49.17  ? 531  SER A CA  1 
ATOM   512 C C   . SER A 1 80 ? -0.621  -2.648  5.938   1.00 46.66  ? 531  SER A C   1 
ATOM   513 O O   . SER A 1 80 ? -0.693  -1.517  6.435   1.00 42.90  ? 531  SER A O   1 
ATOM   514 C CB  . SER A 1 80 ? 1.616   -3.726  6.228   1.00 52.22  ? 531  SER A CB  1 
ATOM   515 O OG  . SER A 1 80 ? 2.341   -4.809  6.780   1.00 54.61  ? 531  SER A OG  1 
ATOM   516 N N   . ILE A 1 81 ? -1.179  -2.942  4.761   1.00 44.04  ? 532  ILE A N   1 
ATOM   517 C CA  . ILE A 1 81 ? -2.055  -1.986  4.097   1.00 36.56  ? 532  ILE A CA  1 
ATOM   518 C C   . ILE A 1 81 ? -3.399  -1.946  4.799   1.00 37.41  ? 532  ILE A C   1 
ATOM   519 O O   . ILE A 1 81 ? -4.008  -0.881  4.948   1.00 34.48  ? 532  ILE A O   1 
ATOM   520 C CB  . ILE A 1 81 ? -2.204  -2.345  2.608   1.00 35.63  ? 532  ILE A CB  1 
ATOM   521 C CG1 . ILE A 1 81 ? -0.858  -2.244  1.899   1.00 36.24  ? 532  ILE A CG1 1 
ATOM   522 C CG2 . ILE A 1 81 ? -3.243  -1.474  1.933   1.00 34.50  ? 532  ILE A CG2 1 
ATOM   523 C CD1 . ILE A 1 81 ? -0.902  -2.655  0.441   1.00 36.85  ? 532  ILE A CD1 1 
ATOM   524 N N   . ARG A 1 82 ? -3.872  -3.111  5.260   1.00 43.78  ? 533  ARG A N   1 
ATOM   525 C CA  . ARG A 1 82 ? -5.184  -3.206  5.896   1.00 42.08  ? 533  ARG A CA  1 
ATOM   526 C C   . ARG A 1 82 ? -5.193  -2.487  7.227   1.00 41.16  ? 533  ARG A C   1 
ATOM   527 O O   . ARG A 1 82 ? -6.212  -1.911  7.613   1.00 41.54  ? 533  ARG A O   1 
ATOM   528 C CB  . ARG A 1 82 ? -5.587  -4.666  6.085   1.00 48.23  ? 533  ARG A CB  1 
ATOM   529 N N   . ASP A 1 83 ? -4.065  -2.500  7.939   1.00 39.51  ? 534  ASP A N   1 
ATOM   530 C CA  . ASP A 1 83 ? -3.983  -1.748  9.184   1.00 44.82  ? 534  ASP A CA  1 
ATOM   531 C C   . ASP A 1 83 ? -4.084  -0.248  8.923   1.00 46.34  ? 534  ASP A C   1 
ATOM   532 O O   . ASP A 1 83 ? -4.773  0.471   9.661   1.00 40.84  ? 534  ASP A O   1 
ATOM   533 C CB  . ASP A 1 83 ? -2.689  -2.085  9.940   1.00 48.55  ? 534  ASP A CB  1 
ATOM   534 C CG  . ASP A 1 83 ? -2.672  -3.513  10.480  1.00 50.21  ? 534  ASP A CG  1 
ATOM   535 O OD1 . ASP A 1 83 ? -3.740  -4.171  10.486  1.00 48.58  ? 534  ASP A OD1 1 
ATOM   536 O OD2 . ASP A 1 83 ? -1.581  -3.978  10.884  1.00 47.69  ? 534  ASP A OD2 1 
ATOM   537 N N   . ARG A 1 84 ? -3.422  0.247   7.871   1.00 42.17  ? 535  ARG A N   1 
ATOM   538 C CA  . ARG A 1 84 ? -3.514  1.676   7.575   1.00 41.65  ? 535  ARG A CA  1 
ATOM   539 C C   . ARG A 1 84 ? -4.915  2.051   7.113   1.00 38.69  ? 535  ARG A C   1 
ATOM   540 O O   . ARG A 1 84 ? -5.421  3.117   7.465   1.00 43.19  ? 535  ARG A O   1 
ATOM   541 C CB  . ARG A 1 84 ? -2.466  2.084   6.531   1.00 40.31  ? 535  ARG A CB  1 
ATOM   542 C CG  . ARG A 1 84 ? -2.528  3.556   6.105   1.00 38.76  ? 535  ARG A CG  1 
ATOM   543 C CD  . ARG A 1 84 ? -2.600  4.504   7.299   1.00 41.79  ? 535  ARG A CD  1 
ATOM   544 N NE  . ARG A 1 84 ? -1.482  4.326   8.223   1.00 41.16  ? 535  ARG A NE  1 
ATOM   545 C CZ  . ARG A 1 84 ? -1.301  5.055   9.320   1.00 50.70  ? 535  ARG A CZ  1 
ATOM   546 N NH1 . ARG A 1 84 ? -0.259  4.828   10.110  1.00 56.90  ? 535  ARG A NH1 1 
ATOM   547 N NH2 . ARG A 1 84 ? -2.165  6.011   9.632   1.00 49.96  ? 535  ARG A NH2 1 
ATOM   548 N N   . VAL A 1 85 ? -5.558  1.191   6.331   1.00 36.12  ? 536  VAL A N   1 
ATOM   549 C CA  . VAL A 1 85 ? -6.937  1.450   5.935   1.00 39.04  ? 536  VAL A CA  1 
ATOM   550 C C   . VAL A 1 85 ? -7.856  1.435   7.158   1.00 43.23  ? 536  VAL A C   1 
ATOM   551 O O   . VAL A 1 85 ? -8.750  2.281   7.291   1.00 46.43  ? 536  VAL A O   1 
ATOM   552 C CB  . VAL A 1 85 ? -7.371  0.433   4.862   1.00 39.26  ? 536  VAL A CB  1 
ATOM   553 C CG1 . VAL A 1 85 ? -8.844  0.572   4.540   1.00 45.34  ? 536  VAL A CG1 1 
ATOM   554 C CG2 . VAL A 1 85 ? -6.517  0.605   3.607   1.00 42.49  ? 536  VAL A CG2 1 
ATOM   555 N N   . ALA A 1 86 ? -7.638  0.488   8.080   1.00 43.83  ? 537  ALA A N   1 
ATOM   556 C CA  . ALA A 1 86 ? -8.343  0.513   9.358   1.00 41.11  ? 537  ALA A CA  1 
ATOM   557 C C   . ALA A 1 86 ? -8.048  1.803   10.104  1.00 44.43  ? 537  ALA A C   1 
ATOM   558 O O   . ALA A 1 86 ? -8.965  2.553   10.450  1.00 48.18  ? 537  ALA A O   1 
ATOM   559 C CB  . ALA A 1 86 ? -7.947  -0.698  10.203  1.00 35.34  ? 537  ALA A CB  1 
ATOM   560 N N   . LEU A 1 87 ? -6.766  2.087   10.320  1.00 42.21  ? 538  LEU A N   1 
ATOM   561 C CA  . LEU A 1 87 ? -6.353  3.272   11.054  1.00 47.53  ? 538  LEU A CA  1 
ATOM   562 C C   . LEU A 1 87 ? -6.930  4.553   10.468  1.00 54.94  ? 538  LEU A C   1 
ATOM   563 O O   . LEU A 1 87 ? -7.174  5.516   11.209  1.00 53.11  ? 538  LEU A O   1 
ATOM   564 C CB  . LEU A 1 87 ? -4.837  3.346   11.062  1.00 48.93  ? 538  LEU A CB  1 
ATOM   565 C CG  . LEU A 1 87 ? -4.212  4.229   12.114  1.00 50.43  ? 538  LEU A CG  1 
ATOM   566 C CD1 . LEU A 1 87 ? -4.869  3.946   13.433  1.00 49.86  ? 538  LEU A CD1 1 
ATOM   567 C CD2 . LEU A 1 87 ? -2.748  3.904   12.188  1.00 51.88  ? 538  LEU A CD2 1 
ATOM   568 N N   . ILE A 1 88 ? -7.145  4.602   9.149   1.00 54.34  ? 539  ILE A N   1 
ATOM   569 C CA  . ILE A 1 88 ? -7.691  5.837   8.595   1.00 56.58  ? 539  ILE A CA  1 
ATOM   570 C C   . ILE A 1 88 ? -9.203  5.871   8.767   1.00 57.93  ? 539  ILE A C   1 
ATOM   571 O O   . ILE A 1 88 ? -9.789  6.948   8.877   1.00 63.69  ? 539  ILE A O   1 
ATOM   572 C CB  . ILE A 1 88 ? -7.274  6.071   7.121   1.00 52.26  ? 539  ILE A CB  1 
ATOM   573 C CG1 . ILE A 1 88 ? -7.882  5.038   6.168   1.00 58.43  ? 539  ILE A CG1 1 
ATOM   574 C CG2 . ILE A 1 88 ? -5.764  6.132   6.985   1.00 46.70  ? 539  ILE A CG2 1 
ATOM   575 C CD1 . ILE A 1 88 ? -9.118  5.539   5.412   1.00 61.39  ? 539  ILE A CD1 1 
ATOM   576 N N   . GLN A 1 89 ? -9.868  4.723   8.844   1.00 53.77  ? 540  GLN A N   1 
ATOM   577 C CA  . GLN A 1 89 ? -11.315 4.782   9.046   1.00 60.90  ? 540  GLN A CA  1 
ATOM   578 C C   . GLN A 1 89 ? -11.713 4.882   10.524  1.00 60.49  ? 540  GLN A C   1 
ATOM   579 O O   . GLN A 1 89 ? -12.812 5.363   10.835  1.00 64.77  ? 540  GLN A O   1 
ATOM   580 C CB  . GLN A 1 89 ? -11.966 3.586   8.362   1.00 59.26  ? 540  GLN A CB  1 
ATOM   581 C CG  . GLN A 1 89 ? -11.691 3.607   6.870   1.00 56.99  ? 540  GLN A CG  1 
ATOM   582 C CD  . GLN A 1 89 ? -12.601 2.702   6.063   1.00 67.29  ? 540  GLN A CD  1 
ATOM   583 O OE1 . GLN A 1 89 ? -12.543 1.475   6.177   1.00 70.12  ? 540  GLN A OE1 1 
ATOM   584 N NE2 . GLN A 1 89 ? -13.445 3.306   5.232   1.00 60.14  ? 540  GLN A NE2 1 
ATOM   585 N N   . TRP A 1 90 ? -10.848 4.441   11.439  1.00 60.58  ? 541  TRP A N   1 
ATOM   586 C CA  . TRP A 1 90 ? -11.085 4.669   12.862  1.00 54.65  ? 541  TRP A CA  1 
ATOM   587 C C   . TRP A 1 90 ? -10.842 6.122   13.236  1.00 62.92  ? 541  TRP A C   1 
ATOM   588 O O   . TRP A 1 90 ? -11.486 6.648   14.151  1.00 70.26  ? 541  TRP A O   1 
ATOM   589 C CB  . TRP A 1 90 ? -10.172 3.780   13.692  1.00 46.11  ? 541  TRP A CB  1 
ATOM   590 C CG  . TRP A 1 90 ? -10.505 2.379   13.583  1.00 45.14  ? 541  TRP A CG  1 
ATOM   591 C CD1 . TRP A 1 90 ? -11.682 1.852   13.147  1.00 45.73  ? 541  TRP A CD1 1 
ATOM   592 C CD2 . TRP A 1 90 ? -9.661  1.278   13.914  1.00 39.17  ? 541  TRP A CD2 1 
ATOM   593 N NE1 . TRP A 1 90 ? -11.629 0.480   13.190  1.00 40.77  ? 541  TRP A NE1 1 
ATOM   594 C CE2 . TRP A 1 90 ? -10.399 0.103   13.658  1.00 39.36  ? 541  TRP A CE2 1 
ATOM   595 C CE3 . TRP A 1 90 ? -8.360  1.170   14.405  1.00 33.68  ? 541  TRP A CE3 1 
ATOM   596 C CZ2 . TRP A 1 90 ? -9.873  -1.167  13.879  1.00 38.71  ? 541  TRP A CZ2 1 
ATOM   597 C CZ3 . TRP A 1 90 ? -7.843  -0.092  14.624  1.00 40.08  ? 541  TRP A CZ3 1 
ATOM   598 C CH2 . TRP A 1 90 ? -8.595  -1.244  14.362  1.00 40.06  ? 541  TRP A CH2 1 
ATOM   599 N N   . ARG A 1 91 ? -9.852  6.759   12.601  1.00 62.20  ? 542  ARG A N   1 
ATOM   600 C CA  . ARG A 1 91 ? -9.643  8.194   12.755  1.00 63.03  ? 542  ARG A CA  1 
ATOM   601 C C   . ARG A 1 91 ? -10.663 8.985   11.952  1.00 66.23  ? 542  ARG A C   1 
ATOM   602 O O   . ARG A 1 91 ? -10.761 10.205  12.130  1.00 69.51  ? 542  ARG A O   1 
ATOM   603 C CB  . ARG A 1 91 ? -8.206  8.582   12.354  1.00 66.00  ? 542  ARG A CB  1 
ATOM   604 C CG  . ARG A 1 91 ? -7.098  8.095   13.333  1.00 65.01  ? 542  ARG A CG  1 
ATOM   605 C CD  . ARG A 1 91 ? -5.664  8.248   12.747  1.00 63.26  ? 542  ARG A CD  1 
ATOM   606 N NE  . ARG A 1 91 ? -4.606  7.893   13.703  1.00 61.64  ? 542  ARG A NE  1 
ATOM   607 C CZ  . ARG A 1 91 ? -3.299  7.869   13.417  1.00 61.77  ? 542  ARG A CZ  1 
ATOM   608 N NH1 . ARG A 1 91 ? -2.862  8.180   12.196  1.00 58.20  ? 542  ARG A NH1 1 
ATOM   609 N NH2 . ARG A 1 91 ? -2.417  7.533   14.351  1.00 53.07  ? 542  ARG A NH2 1 
ATOM   610 N N   . ARG A 1 92 ? -11.427 8.306   11.094  1.00 64.07  ? 543  ARG A N   1 
ATOM   611 C CA  . ARG A 1 92 ? -12.636 8.834   10.478  1.00 65.42  ? 543  ARG A CA  1 
ATOM   612 C C   . ARG A 1 92 ? -13.888 8.536   11.301  1.00 67.55  ? 543  ARG A C   1 
ATOM   613 O O   . ARG A 1 92 ? -14.999 8.728   10.796  1.00 68.05  ? 543  ARG A O   1 
ATOM   614 C CB  . ARG A 1 92 ? -12.814 8.263   9.059   1.00 68.96  ? 543  ARG A CB  1 
ATOM   615 C CG  . ARG A 1 92 ? -11.988 8.955   7.962   1.00 77.00  ? 543  ARG A CG  1 
ATOM   616 C CD  . ARG A 1 92 ? -12.121 8.322   6.553   1.00 66.04  ? 543  ARG A CD  1 
ATOM   617 N NE  . ARG A 1 92 ? -11.251 9.028   5.606   1.00 68.26  ? 543  ARG A NE  1 
ATOM   618 C CZ  . ARG A 1 92 ? -11.378 9.013   4.282   1.00 71.37  ? 543  ARG A CZ  1 
ATOM   619 N NH1 . ARG A 1 92 ? -12.350 8.321   3.699   1.00 69.75  ? 543  ARG A NH1 1 
ATOM   620 N NH2 . ARG A 1 92 ? -10.524 9.705   3.536   1.00 72.89  ? 543  ARG A NH2 1 
ATOM   621 N N   . GLU A 1 93 ? -13.734 8.068   12.539  1.00 71.70  ? 544  GLU A N   1 
ATOM   622 C CA  . GLU A 1 93 ? -14.853 7.637   13.392  1.00 67.47  ? 544  GLU A CA  1 
ATOM   623 C C   . GLU A 1 93 ? -15.847 6.738   12.657  1.00 75.49  ? 544  GLU A C   1 
ATOM   624 O O   . GLU A 1 93 ? -17.054 6.806   12.899  1.00 78.22  ? 544  GLU A O   1 
ATOM   625 C CB  . GLU A 1 93 ? -15.586 8.841   13.984  1.00 63.75  ? 544  GLU A CB  1 
ATOM   626 C CG  . GLU A 1 93 ? -15.221 9.115   15.421  1.00 62.12  ? 544  GLU A CG  1 
ATOM   627 C CD  . GLU A 1 93 ? -13.783 9.567   15.585  1.00 63.33  ? 544  GLU A CD  1 
ATOM   628 O OE1 . GLU A 1 93 ? -13.208 10.092  14.614  1.00 70.94  ? 544  GLU A OE1 1 
ATOM   629 O OE2 . GLU A 1 93 ? -13.217 9.393   16.683  1.00 66.64  ? 544  GLU A OE2 1 
ATOM   630 N N   . LEU B 2 1  ? 13.104  8.474   -9.214  1.00 45.90  ? 1247 LEU P N   1 
ATOM   631 C CA  . LEU B 2 1  ? 11.655  8.472   -9.313  1.00 42.98  ? 1247 LEU P CA  1 
ATOM   632 C C   . LEU B 2 1  ? 11.205  7.797   -10.587 1.00 42.69  ? 1247 LEU P C   1 
ATOM   633 O O   . LEU B 2 1  ? 11.528  8.236   -11.699 1.00 39.74  ? 1247 LEU P O   1 
ATOM   634 C CB  . LEU B 2 1  ? 11.095  9.888   -9.275  1.00 45.07  ? 1247 LEU P CB  1 
ATOM   635 C CG  . LEU B 2 1  ? 9.570   9.879   -9.387  1.00 43.98  ? 1247 LEU P CG  1 
ATOM   636 C CD1 . LEU B 2 1  ? 8.968   9.670   -8.021  1.00 43.11  ? 1247 LEU P CD1 1 
ATOM   637 C CD2 . LEU B 2 1  ? 9.040   11.153  -10.031 1.00 48.87  ? 1247 LEU P CD2 1 
ATOM   638 N N   . THR B 2 2  ? 10.451  6.715   -10.431 1.00 38.57  ? 1248 THR P N   1 
ATOM   639 C CA  . THR B 2 2  ? 9.919   6.002   -11.581 1.00 41.97  ? 1248 THR P CA  1 
ATOM   640 C C   . THR B 2 2  ? 8.491   5.574   -11.301 1.00 33.17  ? 1248 THR P C   1 
ATOM   641 O O   . THR B 2 2  ? 8.062   5.454   -10.152 1.00 31.73  ? 1248 THR P O   1 
ATOM   642 C CB  . THR B 2 2  ? 10.748  4.739   -11.974 1.00 45.35  ? 1248 THR P CB  1 
ATOM   643 O OG1 . THR B 2 2  ? 10.375  3.648   -11.126 1.00 48.47  ? 1248 THR P OG1 1 
ATOM   644 C CG2 . THR B 2 2  ? 12.257  4.989   -11.837 1.00 41.31  ? 1248 THR P CG2 1 
ATOM   645 N N   . GLN B 2 3  ? 7.765   5.340   -12.373 1.00 28.54  ? 1249 GLN P N   1 
ATOM   646 C CA  . GLN B 2 3  ? 6.417   4.829   -12.296 1.00 28.96  ? 1249 GLN P CA  1 
ATOM   647 C C   . GLN B 2 3  ? 6.407   3.380   -12.750 1.00 31.55  ? 1249 GLN P C   1 
ATOM   648 O O   . GLN B 2 3  ? 7.062   3.040   -13.740 1.00 31.37  ? 1249 GLN P O   1 
ATOM   649 C CB  . GLN B 2 3  ? 5.496   5.661   -13.168 1.00 33.09  ? 1249 GLN P CB  1 
ATOM   650 C CG  . GLN B 2 3  ? 4.211   4.976   -13.465 1.00 35.37  ? 1249 GLN P CG  1 
ATOM   651 C CD  . GLN B 2 3  ? 3.305   5.851   -14.258 1.00 38.85  ? 1249 GLN P CD  1 
ATOM   652 O OE1 . GLN B 2 3  ? 2.352   6.421   -13.719 1.00 47.36  ? 1249 GLN P OE1 1 
ATOM   653 N NE2 . GLN B 2 3  ? 3.598   5.993   -15.546 1.00 39.42  ? 1249 GLN P NE2 1 
ATOM   654 N N   . VAL B 2 4  ? 5.687   2.529   -12.024 1.00 29.75  ? 1250 VAL P N   1 
ATOM   655 C CA  . VAL B 2 4  ? 5.649   1.097   -12.287 1.00 27.71  ? 1250 VAL P CA  1 
ATOM   656 C C   . VAL B 2 4  ? 4.207   0.717   -12.566 1.00 31.91  ? 1250 VAL P C   1 
ATOM   657 O O   . VAL B 2 4  ? 3.335   0.939   -11.719 1.00 28.67  ? 1250 VAL P O   1 
ATOM   658 C CB  . VAL B 2 4  ? 6.194   0.287   -11.103 1.00 30.48  ? 1250 VAL P CB  1 
ATOM   659 C CG1 . VAL B 2 4  ? 6.013   -1.191  -11.344 1.00 31.52  ? 1250 VAL P CG1 1 
ATOM   660 C CG2 . VAL B 2 4  ? 7.642   0.619   -10.853 1.00 29.99  ? 1250 VAL P CG2 1 
ATOM   661 N N   . VAL B 2 5  ? 3.956   0.133   -13.740 1.00 31.03  ? 1251 VAL P N   1 
ATOM   662 C CA  . VAL B 2 5  ? 2.615   -0.269  -14.158 1.00 31.06  ? 1251 VAL P CA  1 
ATOM   663 C C   . VAL B 2 5  ? 2.515   -1.777  -14.066 1.00 35.42  ? 1251 VAL P C   1 
ATOM   664 O O   . VAL B 2 5  ? 3.268   -2.508  -14.732 1.00 34.32  ? 1251 VAL P O   1 
ATOM   665 C CB  . VAL B 2 5  ? 2.266   0.187   -15.581 1.00 29.64  ? 1251 VAL P CB  1 
ATOM   666 C CG1 . VAL B 2 5  ? 0.836   -0.193  -15.872 1.00 34.93  ? 1251 VAL P CG1 1 
ATOM   667 C CG2 . VAL B 2 5  ? 2.460   1.675   -15.733 1.00 32.09  ? 1251 VAL P CG2 1 
ATOM   668 N N   . HIS B 2 6  ? 1.557   -2.231  -13.271 1.00 34.08  ? 1252 HIS P N   1 
ATOM   669 C CA  . HIS B 2 6  ? 1.208   -3.638  -13.214 1.00 39.60  ? 1252 HIS P CA  1 
ATOM   670 C C   . HIS B 2 6  ? 0.390   -4.022  -14.449 1.00 40.29  ? 1252 HIS P C   1 
ATOM   671 O O   . HIS B 2 6  ? -0.341  -3.200  -15.014 1.00 37.61  ? 1252 HIS P O   1 
ATOM   672 C CB  . HIS B 2 6  ? 0.420   -3.918  -11.935 1.00 39.79  ? 1252 HIS P CB  1 
ATOM   673 C CG  . HIS B 2 6  ? -0.064  -5.324  -11.834 1.00 42.51  ? 1252 HIS P CG  1 
ATOM   674 N ND1 . HIS B 2 6  ? -1.333  -5.696  -12.203 1.00 43.17  ? 1252 HIS P ND1 1 
ATOM   675 C CD2 . HIS B 2 6  ? 0.565   -6.450  -11.428 1.00 43.79  ? 1252 HIS P CD2 1 
ATOM   676 C CE1 . HIS B 2 6  ? -1.471  -7.001  -12.025 1.00 43.86  ? 1252 HIS P CE1 1 
ATOM   677 N NE2 . HIS B 2 6  ? -0.338  -7.478  -11.552 1.00 44.74  ? 1252 HIS P NE2 1 
ATOM   678 N N   . SER B 2 7  ? 0.521   -5.282  -14.877 1.00 42.13  ? 1253 SER P N   1 
ATOM   679 C CA  . SER B 2 7  ? -0.157  -5.722  -16.094 1.00 42.32  ? 1253 SER P CA  1 
ATOM   680 C C   . SER B 2 7  ? -1.673  -5.589  -16.016 1.00 44.07  ? 1253 SER P C   1 
ATOM   681 O O   . SER B 2 7  ? -2.328  -5.610  -17.060 1.00 44.80  ? 1253 SER P O   1 
ATOM   682 C CB  . SER B 2 7  ? 0.223   -7.174  -16.429 1.00 46.12  ? 1253 SER P CB  1 
ATOM   683 O OG  . SER B 2 7  ? 0.023   -8.062  -15.340 1.00 46.85  ? 1253 SER P OG  1 
ATOM   684 N N   . ALA B 2 8  ? -2.246  -5.447  -14.827 1.00 41.45  ? 1254 ALA P N   1 
ATOM   685 C CA  . ALA B 2 8  ? -3.677  -5.236  -14.695 1.00 42.26  ? 1254 ALA P CA  1 
ATOM   686 C C   . ALA B 2 8  ? -4.078  -3.768  -14.668 1.00 52.01  ? 1254 ALA P C   1 
ATOM   687 O O   . ALA B 2 8  ? -5.275  -3.475  -14.725 1.00 60.66  ? 1254 ALA P O   1 
ATOM   688 C CB  . ALA B 2 8  ? -4.205  -5.918  -13.434 1.00 41.33  ? 1254 ALA P CB  1 
ATOM   689 N N   . GLY B 2 9  ? -3.128  -2.842  -14.572 1.00 56.82  ? 1255 GLY P N   1 
ATOM   690 C CA  . GLY B 2 9  ? -3.454  -1.434  -14.743 1.00 51.77  ? 1255 GLY P CA  1 
ATOM   691 C C   . GLY B 2 9  ? -3.031  -0.518  -13.610 1.00 46.13  ? 1255 GLY P C   1 
ATOM   692 O O   . GLY B 2 9  ? -2.824  0.678   -13.823 1.00 44.32  ? 1255 GLY P O   1 
ATOM   693 N N   . ARG B 2 10 ? -2.915  -1.058  -12.399 1.00 48.22  ? 1256 ARG P N   1 
ATOM   694 C CA  . ARG B 2 10 ? -2.578  -0.231  -11.248 1.00 46.26  ? 1256 ARG P CA  1 
ATOM   695 C C   . ARG B 2 10 ? -1.203  0.377   -11.439 1.00 41.52  ? 1256 ARG P C   1 
ATOM   696 O O   . ARG B 2 10 ? -0.251  -0.339  -11.747 1.00 38.14  ? 1256 ARG P O   1 
ATOM   697 C CB  . ARG B 2 10 ? -2.598  -1.056  -9.967  1.00 43.61  ? 1256 ARG P CB  1 
ATOM   698 C CG  . ARG B 2 10 ? -1.970  -0.332  -8.807  1.00 40.79  ? 1256 ARG P CG  1 
ATOM   699 C CD  . ARG B 2 10 ? -2.031  -1.173  -7.555  1.00 42.63  ? 1256 ARG P CD  1 
ATOM   700 N NE  . ARG B 2 10 ? -3.402  -1.383  -7.117  1.00 46.69  ? 1256 ARG P NE  1 
ATOM   701 C CZ  . ARG B 2 10 ? -4.154  -0.432  -6.562  1.00 56.41  ? 1256 ARG P CZ  1 
ATOM   702 N NH1 . ARG B 2 10 ? -3.675  0.808   -6.394  1.00 51.28  ? 1256 ARG P NH1 1 
ATOM   703 N NH2 . ARG B 2 10 ? -5.394  -0.712  -6.181  1.00 56.53  ? 1256 ARG P NH2 1 
ATOM   704 N N   . ARG B 2 11 ? -1.098  1.691   -11.247 1.00 37.62  ? 1257 ARG P N   1 
ATOM   705 C CA  . ARG B 2 11 ? 0.143   2.435   -11.437 1.00 36.13  ? 1257 ARG P CA  1 
ATOM   706 C C   . ARG B 2 11 ? 0.764   2.700   -10.077 1.00 34.48  ? 1257 ARG P C   1 
ATOM   707 O O   . ARG B 2 11 ? 0.112   3.278   -9.206  1.00 34.57  ? 1257 ARG P O   1 
ATOM   708 C CB  . ARG B 2 11 ? -0.101  3.758   -12.163 1.00 37.20  ? 1257 ARG P CB  1 
ATOM   709 C CG  . ARG B 2 11 ? -0.515  3.621   -13.612 1.00 41.20  ? 1257 ARG P CG  1 
ATOM   710 C CD  . ARG B 2 11 ? -1.070  4.948   -14.128 1.00 52.32  ? 1257 ARG P CD  1 
ATOM   711 N NE  . ARG B 2 11 ? -2.368  4.775   -14.785 1.00 64.14  ? 1257 ARG P NE  1 
ATOM   712 C CZ  . ARG B 2 11 ? -3.551  4.818   -14.159 1.00 72.00  ? 1257 ARG P CZ  1 
ATOM   713 N NH1 . ARG B 2 11 ? -4.678  4.653   -14.842 1.00 70.84  ? 1257 ARG P NH1 1 
ATOM   714 N NH2 . ARG B 2 11 ? -3.622  5.025   -12.842 1.00 71.43  ? 1257 ARG P NH2 1 
ATOM   715 N N   . PHE B 2 12 ? 2.006   2.263   -9.894  1.00 27.67  ? 1258 PHE P N   1 
ATOM   716 C CA  . PHE B 2 12 ? 2.782   2.575   -8.705  1.00 27.66  ? 1258 PHE P CA  1 
ATOM   717 C C   . PHE B 2 12 ? 3.784   3.681   -9.017  1.00 31.74  ? 1258 PHE P C   1 
ATOM   718 O O   . PHE B 2 12 ? 4.358   3.744   -10.110 1.00 33.04  ? 1258 PHE P O   1 
ATOM   719 C CB  . PHE B 2 12 ? 3.545   1.356   -8.179  1.00 25.38  ? 1258 PHE P CB  1 
ATOM   720 C CG  . PHE B 2 12 ? 2.681   0.215   -7.785  1.00 26.90  ? 1258 PHE P CG  1 
ATOM   721 C CD1 . PHE B 2 12 ? 1.957   0.247   -6.606  1.00 29.71  ? 1258 PHE P CD1 1 
ATOM   722 C CD2 . PHE B 2 12 ? 2.607   -0.913  -8.577  1.00 31.65  ? 1258 PHE P CD2 1 
ATOM   723 C CE1 . PHE B 2 12 ? 1.160   -0.849  -6.232  1.00 38.35  ? 1258 PHE P CE1 1 
ATOM   724 C CE2 . PHE B 2 12 ? 1.823   -2.003  -8.210  1.00 34.76  ? 1258 PHE P CE2 1 
ATOM   725 C CZ  . PHE B 2 12 ? 1.105   -1.974  -7.041  1.00 36.10  ? 1258 PHE P CZ  1 
ATOM   726 N N   . ILE B 2 13 ? 4.023   4.526   -8.029  1.00 26.14  ? 1259 ILE P N   1 
ATOM   727 C CA  . ILE B 2 13 ? 5.046   5.552   -8.099  1.00 35.50  ? 1259 ILE P CA  1 
ATOM   728 C C   . ILE B 2 13 ? 6.099   5.186   -7.068  1.00 37.53  ? 1259 ILE P C   1 
ATOM   729 O O   . ILE B 2 13 ? 5.799   5.119   -5.869  1.00 36.99  ? 1259 ILE P O   1 
ATOM   730 C CB  . ILE B 2 13 ? 4.474   6.945   -7.827  1.00 38.35  ? 1259 ILE P CB  1 
ATOM   731 C CG1 . ILE B 2 13 ? 3.625   7.398   -9.012  1.00 34.88  ? 1259 ILE P CG1 1 
ATOM   732 C CG2 . ILE B 2 13 ? 5.601   7.924   -7.521  1.00 41.77  ? 1259 ILE P CG2 1 
ATOM   733 C CD1 . ILE B 2 13 ? 3.049   8.765   -8.812  1.00 57.75  ? 1259 ILE P CD1 1 
ATOM   734 N N   . VAL B 2 14 ? 7.326   4.949   -7.514  1.00 37.52  ? 1260 VAL P N   1 
ATOM   735 C CA  . VAL B 2 14 ? 8.382   4.514   -6.612  1.00 41.28  ? 1260 VAL P CA  1 
ATOM   736 C C   . VAL B 2 14 ? 9.355   5.674   -6.403  1.00 47.50  ? 1260 VAL P C   1 
ATOM   737 O O   . VAL B 2 14 ? 9.890   6.240   -7.368  1.00 39.47  ? 1260 VAL P O   1 
ATOM   738 C CB  . VAL B 2 14 ? 9.074   3.246   -7.128  1.00 33.88  ? 1260 VAL P CB  1 
ATOM   739 C CG1 . VAL B 2 14 ? 10.150  2.808   -6.145  1.00 40.17  ? 1260 VAL P CG1 1 
ATOM   740 C CG2 . VAL B 2 14 ? 8.043   2.143   -7.278  1.00 35.35  ? 1260 VAL P CG2 1 
ATOM   741 N N   . SER B 2 15 ? 9.561   6.024   -5.130  1.00 53.28  ? 1261 SER P N   1 
ATOM   742 C CA  . SER B 2 15 ? 10.245  7.184   -4.581  1.00 59.39  ? 1261 SER P CA  1 
ATOM   743 C C   . SER B 2 15 ? 11.187  6.762   -3.462  1.00 66.06  ? 1261 SER P C   1 
ATOM   744 O O   . SER B 2 15 ? 10.954  5.747   -2.796  1.00 59.66  ? 1261 SER P O   1 
ATOM   745 C CB  . SER B 2 15 ? 9.230   8.198   -4.033  1.00 59.86  ? 1261 SER P CB  1 
ATOM   746 O OG  . SER B 2 15 ? 9.804   9.007   -3.019  1.00 73.15  ? 1261 SER P OG  1 
ATOM   747 N N   . PRO B 2 16 ? 12.257  7.533   -3.223  1.00 76.61  ? 1262 PRO P N   1 
ATOM   748 C CA  . PRO B 2 16 ? 13.220  7.135   -2.177  1.00 77.11  ? 1262 PRO P CA  1 
ATOM   749 C C   . PRO B 2 16 ? 12.726  7.333   -0.744  1.00 75.16  ? 1262 PRO P C   1 
ATOM   750 O O   . PRO B 2 16 ? 13.029  6.489   0.110   1.00 75.49  ? 1262 PRO P O   1 
ATOM   751 C CB  . PRO B 2 16 ? 14.448  8.013   -2.480  1.00 75.76  ? 1262 PRO P CB  1 
ATOM   752 C CG  . PRO B 2 16 ? 13.902  9.182   -3.247  1.00 72.22  ? 1262 PRO P CG  1 
ATOM   753 C CD  . PRO B 2 16 ? 12.776  8.629   -4.069  1.00 74.16  ? 1262 PRO P CD  1 
ATOM   754 N N   . VAL B 2 17 ? 11.994  8.411   -0.457  1.00 72.87  ? 1263 VAL P N   1 
ATOM   755 C CA  . VAL B 2 17 ? 11.618  8.832   0.909   1.00 83.10  ? 1263 VAL P CA  1 
ATOM   756 C C   . VAL B 2 17 ? 12.816  8.858   1.860   1.00 82.03  ? 1263 VAL P C   1 
ATOM   757 O O   . VAL B 2 17 ? 12.986  9.814   2.626   1.00 83.56  ? 1263 VAL P O   1 
ATOM   758 C CB  . VAL B 2 17 ? 10.478  7.955   1.508   1.00 80.59  ? 1263 VAL P CB  1 
ATOM   759 C CG1 . VAL B 2 17 ? 11.028  6.725   2.239   1.00 66.47  ? 1263 VAL P CG1 1 
ATOM   760 C CG2 . VAL B 2 17 ? 9.605   8.796   2.450   1.00 72.24  ? 1263 VAL P CG2 1 
HETATM 761 O O   . HOH C 3 .  ? -16.051 7.743   9.486   1.00 64.61  ? 601  HOH A O   1 
HETATM 762 O O   . HOH C 3 .  ? -7.717  2.554   -6.092  1.00 56.54  ? 602  HOH A O   1 
HETATM 763 O O   . HOH C 3 .  ? 10.274  -12.830 3.838   1.00 56.25  ? 603  HOH A O   1 
HETATM 764 O O   . HOH C 3 .  ? 5.966   8.261   -3.210  1.00 51.12  ? 604  HOH A O   1 
HETATM 765 O O   . HOH C 3 .  ? 15.165  3.523   1.037   1.00 74.90  ? 605  HOH A O   1 
HETATM 766 O O   . HOH C 3 .  ? 12.232  2.399   6.681   1.00 69.18  ? 606  HOH A O   1 
HETATM 767 O O   . HOH C 3 .  ? 10.262  -14.221 1.311   1.00 55.29  ? 607  HOH A O   1 
HETATM 768 O O   . HOH C 3 .  ? 5.748   -1.193  10.810  1.00 62.73  ? 608  HOH A O   1 
HETATM 769 O O   . HOH C 3 .  ? 0.414   0.567   8.785   1.00 52.33  ? 609  HOH A O   1 
HETATM 770 O O   . HOH C 3 .  ? -12.511 -1.643  10.337  1.00 48.17  ? 610  HOH A O   1 
HETATM 771 O O   . HOH D 3 .  ? 10.339  10.910  -1.381  1.00 59.98  ? 1301 HOH P O   1 
HETATM 772 O O   . HOH D 3 .  ? -2.683  2.960   -7.708  1.00 37.69  ? 1302 HOH P O   1 
HETATM 773 O O   . HOH D 3 .  ? -3.657  3.872   -10.285 1.00 55.40  ? 1303 HOH P O   1 
HETATM 774 O O   . HOH D 3 .  ? 1.925   7.612   -18.018 1.00 49.37  ? 1304 HOH P O   1 
# 
